data_2A15
# 
_entry.id   2A15 
# 
_audit_conform.dict_name       mmcif_pdbx.dic 
_audit_conform.dict_version    5.389 
_audit_conform.dict_location   http://mmcif.pdb.org/dictionaries/ascii/mmcif_pdbx.dic 
# 
loop_
_database_2.database_id 
_database_2.database_code 
_database_2.pdbx_database_accession 
_database_2.pdbx_DOI 
PDB   2A15         pdb_00002a15 10.2210/pdb2a15/pdb 
RCSB  RCSB033361   ?            ?                   
WWPDB D_1000033361 ?            ?                   
# 
loop_
_pdbx_audit_revision_history.ordinal 
_pdbx_audit_revision_history.data_content_type 
_pdbx_audit_revision_history.major_revision 
_pdbx_audit_revision_history.minor_revision 
_pdbx_audit_revision_history.revision_date 
1 'Structure model' 1 0 2005-10-11 
2 'Structure model' 1 1 2008-04-30 
3 'Structure model' 1 2 2011-07-13 
4 'Structure model' 1 3 2017-10-11 
5 'Structure model' 1 4 2019-07-24 
6 'Structure model' 1 5 2024-02-14 
7 'Structure model' 1 6 2024-04-03 
# 
_pdbx_audit_revision_details.ordinal             1 
_pdbx_audit_revision_details.revision_ordinal    1 
_pdbx_audit_revision_details.data_content_type   'Structure model' 
_pdbx_audit_revision_details.provider            repository 
_pdbx_audit_revision_details.type                'Initial release' 
_pdbx_audit_revision_details.description         ? 
_pdbx_audit_revision_details.details             ? 
# 
loop_
_pdbx_audit_revision_group.ordinal 
_pdbx_audit_revision_group.revision_ordinal 
_pdbx_audit_revision_group.data_content_type 
_pdbx_audit_revision_group.group 
1 2 'Structure model' 'Version format compliance' 
2 3 'Structure model' 'Version format compliance' 
3 4 'Structure model' 'Refinement description'    
4 5 'Structure model' 'Data collection'           
5 5 'Structure model' 'Refinement description'    
6 6 'Structure model' 'Data collection'           
7 6 'Structure model' 'Database references'       
8 6 'Structure model' 'Derived calculations'      
9 7 'Structure model' 'Refinement description'    
# 
loop_
_pdbx_audit_revision_category.ordinal 
_pdbx_audit_revision_category.revision_ordinal 
_pdbx_audit_revision_category.data_content_type 
_pdbx_audit_revision_category.category 
1 4 'Structure model' software                      
2 5 'Structure model' software                      
3 6 'Structure model' chem_comp_atom                
4 6 'Structure model' chem_comp_bond                
5 6 'Structure model' database_2                    
6 6 'Structure model' struct_site                   
7 7 'Structure model' pdbx_initial_refinement_model 
# 
loop_
_pdbx_audit_revision_item.ordinal 
_pdbx_audit_revision_item.revision_ordinal 
_pdbx_audit_revision_item.data_content_type 
_pdbx_audit_revision_item.item 
1 4 'Structure model' '_software.classification'            
2 4 'Structure model' '_software.name'                      
3 5 'Structure model' '_software.name'                      
4 5 'Structure model' '_software.version'                   
5 6 'Structure model' '_database_2.pdbx_DOI'                
6 6 'Structure model' '_database_2.pdbx_database_accession' 
7 6 'Structure model' '_struct_site.pdbx_auth_asym_id'      
8 6 'Structure model' '_struct_site.pdbx_auth_comp_id'      
9 6 'Structure model' '_struct_site.pdbx_auth_seq_id'       
# 
_pdbx_database_status.entry_id                        2A15 
_pdbx_database_status.status_code                     REL 
_pdbx_database_status.recvd_initial_deposition_date   2005-06-17 
_pdbx_database_status.deposit_site                    RCSB 
_pdbx_database_status.process_site                    RCSB 
_pdbx_database_status.status_code_sf                  REL 
_pdbx_database_status.SG_entry                        Y 
_pdbx_database_status.status_code_mr                  ? 
_pdbx_database_status.status_code_cs                  ? 
_pdbx_database_status.methods_development_category    ? 
_pdbx_database_status.pdb_format_compatible           Y 
_pdbx_database_status.status_code_nmr_data            ? 
# 
_pdbx_database_related.db_name        TargetDB 
_pdbx_database_related.db_id          Rv0760c 
_pdbx_database_related.details        . 
_pdbx_database_related.content_type   unspecified 
# 
loop_
_audit_author.name 
_audit_author.pdbx_ordinal 
'Garen, C.R.'                               1 
'Cherney, M.M.'                             2 
'James, M.N.G.'                             3 
'TB Structural Genomics Consortium (TBSGC)' 4 
# 
_citation.id                        primary 
_citation.title                     
;Crystal structure of Mycobacterium tuberculosis Rv0760c at 1.50 A resolution, a structural homolog of Delta(5)-3-ketosteroid isomerase
;
_citation.journal_abbrev            Biochim.Biophys.Acta 
_citation.journal_volume            1784 
_citation.page_first                1625 
_citation.page_last                 1632 
_citation.year                      2008 
_citation.journal_id_ASTM           BBACAQ 
_citation.country                   NE 
_citation.journal_id_ISSN           0006-3002 
_citation.journal_id_CSD            0113 
_citation.book_publisher            ? 
_citation.pdbx_database_id_PubMed   18589008 
_citation.pdbx_database_id_DOI      10.1016/j.bbapap.2008.05.012 
# 
loop_
_citation_author.citation_id 
_citation_author.name 
_citation_author.ordinal 
_citation_author.identifier_ORCID 
primary 'Cherney, M.M.' 1 ? 
primary 'Garen, C.R.'   2 ? 
primary 'James, M.N.G.' 3 ? 
# 
loop_
_entity.id 
_entity.type 
_entity.src_method 
_entity.pdbx_description 
_entity.formula_weight 
_entity.pdbx_number_of_molecules 
_entity.pdbx_ec 
_entity.pdbx_mutation 
_entity.pdbx_fragment 
_entity.details 
1 polymer     man 'HYPOTHETICAL PROTEIN Rv0760c' 15256.006 1   ? ? ? 
;SIMILARITY WITH PDB IDs 1BUQ, 1CQS, 1E3R, 1E3V, 1OH0 ETC. SUGGESTS 
THAT THIS PROTEIN IS KETOSTEROID ISOMERASE
;
2 non-polymer syn NICOTINAMIDE                   122.125   1   ? ? ? ? 
3 water       nat water                          18.015    190 ? ? ? ? 
# 
_entity_poly.entity_id                      1 
_entity_poly.type                           'polypeptide(L)' 
_entity_poly.nstd_linkage                   no 
_entity_poly.nstd_monomer                   no 
_entity_poly.pdbx_seq_one_letter_code       
;MTQTTQSPALIASQSSWRCVQAHDREGWLALMADDVVIEDPIGKSVTNPDGSGIKGKEAVGAFFDTHIAANRLTVTCEET
FPSSSPDEIAHILVLHSEFDGGFTSEVRGVFTYRVNKAGLITNMRGYWNLDMMTFGNQE
;
_entity_poly.pdbx_seq_one_letter_code_can   
;MTQTTQSPALIASQSSWRCVQAHDREGWLALMADDVVIEDPIGKSVTNPDGSGIKGKEAVGAFFDTHIAANRLTVTCEET
FPSSSPDEIAHILVLHSEFDGGFTSEVRGVFTYRVNKAGLITNMRGYWNLDMMTFGNQE
;
_entity_poly.pdbx_strand_id                 A 
_entity_poly.pdbx_target_identifier         Rv0760c 
# 
loop_
_pdbx_entity_nonpoly.entity_id 
_pdbx_entity_nonpoly.name 
_pdbx_entity_nonpoly.comp_id 
2 NICOTINAMIDE NCA 
3 water        HOH 
# 
loop_
_entity_poly_seq.entity_id 
_entity_poly_seq.num 
_entity_poly_seq.mon_id 
_entity_poly_seq.hetero 
1 1   MET n 
1 2   THR n 
1 3   GLN n 
1 4   THR n 
1 5   THR n 
1 6   GLN n 
1 7   SER n 
1 8   PRO n 
1 9   ALA n 
1 10  LEU n 
1 11  ILE n 
1 12  ALA n 
1 13  SER n 
1 14  GLN n 
1 15  SER n 
1 16  SER n 
1 17  TRP n 
1 18  ARG n 
1 19  CYS n 
1 20  VAL n 
1 21  GLN n 
1 22  ALA n 
1 23  HIS n 
1 24  ASP n 
1 25  ARG n 
1 26  GLU n 
1 27  GLY n 
1 28  TRP n 
1 29  LEU n 
1 30  ALA n 
1 31  LEU n 
1 32  MET n 
1 33  ALA n 
1 34  ASP n 
1 35  ASP n 
1 36  VAL n 
1 37  VAL n 
1 38  ILE n 
1 39  GLU n 
1 40  ASP n 
1 41  PRO n 
1 42  ILE n 
1 43  GLY n 
1 44  LYS n 
1 45  SER n 
1 46  VAL n 
1 47  THR n 
1 48  ASN n 
1 49  PRO n 
1 50  ASP n 
1 51  GLY n 
1 52  SER n 
1 53  GLY n 
1 54  ILE n 
1 55  LYS n 
1 56  GLY n 
1 57  LYS n 
1 58  GLU n 
1 59  ALA n 
1 60  VAL n 
1 61  GLY n 
1 62  ALA n 
1 63  PHE n 
1 64  PHE n 
1 65  ASP n 
1 66  THR n 
1 67  HIS n 
1 68  ILE n 
1 69  ALA n 
1 70  ALA n 
1 71  ASN n 
1 72  ARG n 
1 73  LEU n 
1 74  THR n 
1 75  VAL n 
1 76  THR n 
1 77  CYS n 
1 78  GLU n 
1 79  GLU n 
1 80  THR n 
1 81  PHE n 
1 82  PRO n 
1 83  SER n 
1 84  SER n 
1 85  SER n 
1 86  PRO n 
1 87  ASP n 
1 88  GLU n 
1 89  ILE n 
1 90  ALA n 
1 91  HIS n 
1 92  ILE n 
1 93  LEU n 
1 94  VAL n 
1 95  LEU n 
1 96  HIS n 
1 97  SER n 
1 98  GLU n 
1 99  PHE n 
1 100 ASP n 
1 101 GLY n 
1 102 GLY n 
1 103 PHE n 
1 104 THR n 
1 105 SER n 
1 106 GLU n 
1 107 VAL n 
1 108 ARG n 
1 109 GLY n 
1 110 VAL n 
1 111 PHE n 
1 112 THR n 
1 113 TYR n 
1 114 ARG n 
1 115 VAL n 
1 116 ASN n 
1 117 LYS n 
1 118 ALA n 
1 119 GLY n 
1 120 LEU n 
1 121 ILE n 
1 122 THR n 
1 123 ASN n 
1 124 MET n 
1 125 ARG n 
1 126 GLY n 
1 127 TYR n 
1 128 TRP n 
1 129 ASN n 
1 130 LEU n 
1 131 ASP n 
1 132 MET n 
1 133 MET n 
1 134 THR n 
1 135 PHE n 
1 136 GLY n 
1 137 ASN n 
1 138 GLN n 
1 139 GLU n 
# 
_entity_src_gen.entity_id                          1 
_entity_src_gen.pdbx_src_id                        1 
_entity_src_gen.pdbx_alt_source_flag               sample 
_entity_src_gen.pdbx_seq_type                      ? 
_entity_src_gen.pdbx_beg_seq_num                   ? 
_entity_src_gen.pdbx_end_seq_num                   ? 
_entity_src_gen.gene_src_common_name               ? 
_entity_src_gen.gene_src_genus                     Mycobacterium 
_entity_src_gen.pdbx_gene_src_gene                 Rv0760 
_entity_src_gen.gene_src_species                   ? 
_entity_src_gen.gene_src_strain                    ? 
_entity_src_gen.gene_src_tissue                    ? 
_entity_src_gen.gene_src_tissue_fraction           ? 
_entity_src_gen.gene_src_details                   ? 
_entity_src_gen.pdbx_gene_src_fragment             ? 
_entity_src_gen.pdbx_gene_src_scientific_name      'Mycobacterium tuberculosis' 
_entity_src_gen.pdbx_gene_src_ncbi_taxonomy_id     1773 
_entity_src_gen.pdbx_gene_src_variant              ? 
_entity_src_gen.pdbx_gene_src_cell_line            ? 
_entity_src_gen.pdbx_gene_src_atcc                 ? 
_entity_src_gen.pdbx_gene_src_organ                ? 
_entity_src_gen.pdbx_gene_src_organelle            ? 
_entity_src_gen.pdbx_gene_src_cell                 ? 
_entity_src_gen.pdbx_gene_src_cellular_location    ? 
_entity_src_gen.host_org_common_name               ? 
_entity_src_gen.pdbx_host_org_scientific_name      'Escherichia coli' 
_entity_src_gen.pdbx_host_org_ncbi_taxonomy_id     562 
_entity_src_gen.host_org_genus                     Escherichia 
_entity_src_gen.pdbx_host_org_gene                 ? 
_entity_src_gen.pdbx_host_org_organ                ? 
_entity_src_gen.host_org_species                   ? 
_entity_src_gen.pdbx_host_org_tissue               ? 
_entity_src_gen.pdbx_host_org_tissue_fraction      ? 
_entity_src_gen.pdbx_host_org_strain               ? 
_entity_src_gen.pdbx_host_org_variant              ? 
_entity_src_gen.pdbx_host_org_cell_line            ? 
_entity_src_gen.pdbx_host_org_atcc                 ? 
_entity_src_gen.pdbx_host_org_culture_collection   ? 
_entity_src_gen.pdbx_host_org_cell                 ? 
_entity_src_gen.pdbx_host_org_organelle            ? 
_entity_src_gen.pdbx_host_org_cellular_location    ? 
_entity_src_gen.pdbx_host_org_vector_type          ? 
_entity_src_gen.pdbx_host_org_vector               ? 
_entity_src_gen.host_org_details                   ? 
_entity_src_gen.expression_system_id               ? 
_entity_src_gen.plasmid_name                       ? 
_entity_src_gen.plasmid_details                    ? 
_entity_src_gen.pdbx_description                   ? 
# 
loop_
_chem_comp.id 
_chem_comp.type 
_chem_comp.mon_nstd_flag 
_chem_comp.name 
_chem_comp.pdbx_synonyms 
_chem_comp.formula 
_chem_comp.formula_weight 
ALA 'L-peptide linking' y ALANINE         ? 'C3 H7 N O2'     89.093  
ARG 'L-peptide linking' y ARGININE        ? 'C6 H15 N4 O2 1' 175.209 
ASN 'L-peptide linking' y ASPARAGINE      ? 'C4 H8 N2 O3'    132.118 
ASP 'L-peptide linking' y 'ASPARTIC ACID' ? 'C4 H7 N O4'     133.103 
CYS 'L-peptide linking' y CYSTEINE        ? 'C3 H7 N O2 S'   121.158 
GLN 'L-peptide linking' y GLUTAMINE       ? 'C5 H10 N2 O3'   146.144 
GLU 'L-peptide linking' y 'GLUTAMIC ACID' ? 'C5 H9 N O4'     147.129 
GLY 'peptide linking'   y GLYCINE         ? 'C2 H5 N O2'     75.067  
HIS 'L-peptide linking' y HISTIDINE       ? 'C6 H10 N3 O2 1' 156.162 
HOH non-polymer         . WATER           ? 'H2 O'           18.015  
ILE 'L-peptide linking' y ISOLEUCINE      ? 'C6 H13 N O2'    131.173 
LEU 'L-peptide linking' y LEUCINE         ? 'C6 H13 N O2'    131.173 
LYS 'L-peptide linking' y LYSINE          ? 'C6 H15 N2 O2 1' 147.195 
MET 'L-peptide linking' y METHIONINE      ? 'C5 H11 N O2 S'  149.211 
NCA non-polymer         . NICOTINAMIDE    ? 'C6 H6 N2 O'     122.125 
PHE 'L-peptide linking' y PHENYLALANINE   ? 'C9 H11 N O2'    165.189 
PRO 'L-peptide linking' y PROLINE         ? 'C5 H9 N O2'     115.130 
SER 'L-peptide linking' y SERINE          ? 'C3 H7 N O3'     105.093 
THR 'L-peptide linking' y THREONINE       ? 'C4 H9 N O3'     119.119 
TRP 'L-peptide linking' y TRYPTOPHAN      ? 'C11 H12 N2 O2'  204.225 
TYR 'L-peptide linking' y TYROSINE        ? 'C9 H11 N O3'    181.189 
VAL 'L-peptide linking' y VALINE          ? 'C5 H11 N O2'    117.146 
# 
loop_
_pdbx_poly_seq_scheme.asym_id 
_pdbx_poly_seq_scheme.entity_id 
_pdbx_poly_seq_scheme.seq_id 
_pdbx_poly_seq_scheme.mon_id 
_pdbx_poly_seq_scheme.ndb_seq_num 
_pdbx_poly_seq_scheme.pdb_seq_num 
_pdbx_poly_seq_scheme.auth_seq_num 
_pdbx_poly_seq_scheme.pdb_mon_id 
_pdbx_poly_seq_scheme.auth_mon_id 
_pdbx_poly_seq_scheme.pdb_strand_id 
_pdbx_poly_seq_scheme.pdb_ins_code 
_pdbx_poly_seq_scheme.hetero 
A 1 1   MET 1   1   ?   ?   ?   A . n 
A 1 2   THR 2   2   ?   ?   ?   A . n 
A 1 3   GLN 3   3   ?   ?   ?   A . n 
A 1 4   THR 4   4   ?   ?   ?   A . n 
A 1 5   THR 5   5   5   THR THR A . n 
A 1 6   GLN 6   6   6   GLN GLN A . n 
A 1 7   SER 7   7   7   SER SER A . n 
A 1 8   PRO 8   8   8   PRO PRO A . n 
A 1 9   ALA 9   9   9   ALA ALA A . n 
A 1 10  LEU 10  10  10  LEU LEU A . n 
A 1 11  ILE 11  11  11  ILE ILE A . n 
A 1 12  ALA 12  12  12  ALA ALA A . n 
A 1 13  SER 13  13  13  SER SER A . n 
A 1 14  GLN 14  14  14  GLN GLN A . n 
A 1 15  SER 15  15  15  SER SER A . n 
A 1 16  SER 16  16  16  SER SER A . n 
A 1 17  TRP 17  17  17  TRP TRP A . n 
A 1 18  ARG 18  18  18  ARG ARG A . n 
A 1 19  CYS 19  19  19  CYS CYS A . n 
A 1 20  VAL 20  20  20  VAL VAL A . n 
A 1 21  GLN 21  21  21  GLN GLN A . n 
A 1 22  ALA 22  22  22  ALA ALA A . n 
A 1 23  HIS 23  23  23  HIS HIS A . n 
A 1 24  ASP 24  24  24  ASP ASP A . n 
A 1 25  ARG 25  25  25  ARG ARG A . n 
A 1 26  GLU 26  26  26  GLU GLU A . n 
A 1 27  GLY 27  27  27  GLY GLY A . n 
A 1 28  TRP 28  28  28  TRP TRP A . n 
A 1 29  LEU 29  29  29  LEU LEU A . n 
A 1 30  ALA 30  30  30  ALA ALA A . n 
A 1 31  LEU 31  31  31  LEU LEU A . n 
A 1 32  MET 32  32  32  MET MET A . n 
A 1 33  ALA 33  33  33  ALA ALA A . n 
A 1 34  ASP 34  34  34  ASP ASP A . n 
A 1 35  ASP 35  35  35  ASP ASP A . n 
A 1 36  VAL 36  36  36  VAL VAL A . n 
A 1 37  VAL 37  37  37  VAL VAL A . n 
A 1 38  ILE 38  38  38  ILE ILE A . n 
A 1 39  GLU 39  39  39  GLU GLU A . n 
A 1 40  ASP 40  40  40  ASP ASP A . n 
A 1 41  PRO 41  41  41  PRO PRO A . n 
A 1 42  ILE 42  42  42  ILE ILE A . n 
A 1 43  GLY 43  43  43  GLY GLY A . n 
A 1 44  LYS 44  44  44  LYS LYS A . n 
A 1 45  SER 45  45  45  SER SER A . n 
A 1 46  VAL 46  46  46  VAL VAL A . n 
A 1 47  THR 47  47  47  THR THR A . n 
A 1 48  ASN 48  48  48  ASN ASN A . n 
A 1 49  PRO 49  49  49  PRO PRO A . n 
A 1 50  ASP 50  50  50  ASP ASP A . n 
A 1 51  GLY 51  51  51  GLY GLY A . n 
A 1 52  SER 52  52  52  SER SER A . n 
A 1 53  GLY 53  53  53  GLY GLY A . n 
A 1 54  ILE 54  54  54  ILE ILE A . n 
A 1 55  LYS 55  55  55  LYS LYS A . n 
A 1 56  GLY 56  56  56  GLY GLY A . n 
A 1 57  LYS 57  57  57  LYS LYS A . n 
A 1 58  GLU 58  58  58  GLU GLU A . n 
A 1 59  ALA 59  59  59  ALA ALA A . n 
A 1 60  VAL 60  60  60  VAL VAL A . n 
A 1 61  GLY 61  61  61  GLY GLY A . n 
A 1 62  ALA 62  62  62  ALA ALA A . n 
A 1 63  PHE 63  63  63  PHE PHE A . n 
A 1 64  PHE 64  64  64  PHE PHE A . n 
A 1 65  ASP 65  65  65  ASP ASP A . n 
A 1 66  THR 66  66  66  THR THR A . n 
A 1 67  HIS 67  67  67  HIS HIS A . n 
A 1 68  ILE 68  68  68  ILE ILE A . n 
A 1 69  ALA 69  69  69  ALA ALA A . n 
A 1 70  ALA 70  70  70  ALA ALA A . n 
A 1 71  ASN 71  71  71  ASN ASN A . n 
A 1 72  ARG 72  72  72  ARG ARG A . n 
A 1 73  LEU 73  73  73  LEU LEU A . n 
A 1 74  THR 74  74  74  THR THR A . n 
A 1 75  VAL 75  75  75  VAL VAL A . n 
A 1 76  THR 76  76  76  THR THR A . n 
A 1 77  CYS 77  77  77  CYS CYS A . n 
A 1 78  GLU 78  78  78  GLU GLU A . n 
A 1 79  GLU 79  79  79  GLU GLU A . n 
A 1 80  THR 80  80  80  THR THR A . n 
A 1 81  PHE 81  81  81  PHE PHE A . n 
A 1 82  PRO 82  82  82  PRO PRO A . n 
A 1 83  SER 83  83  83  SER SER A . n 
A 1 84  SER 84  84  84  SER SER A . n 
A 1 85  SER 85  85  85  SER SER A . n 
A 1 86  PRO 86  86  86  PRO PRO A . n 
A 1 87  ASP 87  87  87  ASP ASP A . n 
A 1 88  GLU 88  88  88  GLU GLU A . n 
A 1 89  ILE 89  89  89  ILE ILE A . n 
A 1 90  ALA 90  90  90  ALA ALA A . n 
A 1 91  HIS 91  91  91  HIS HIS A . n 
A 1 92  ILE 92  92  92  ILE ILE A . n 
A 1 93  LEU 93  93  93  LEU LEU A . n 
A 1 94  VAL 94  94  94  VAL VAL A . n 
A 1 95  LEU 95  95  95  LEU LEU A . n 
A 1 96  HIS 96  96  96  HIS HIS A . n 
A 1 97  SER 97  97  97  SER SER A . n 
A 1 98  GLU 98  98  98  GLU GLU A . n 
A 1 99  PHE 99  99  99  PHE PHE A . n 
A 1 100 ASP 100 100 100 ASP ASP A . n 
A 1 101 GLY 101 101 101 GLY GLY A . n 
A 1 102 GLY 102 102 102 GLY GLY A . n 
A 1 103 PHE 103 103 103 PHE PHE A . n 
A 1 104 THR 104 104 104 THR THR A . n 
A 1 105 SER 105 105 105 SER SER A . n 
A 1 106 GLU 106 106 106 GLU GLU A . n 
A 1 107 VAL 107 107 107 VAL VAL A . n 
A 1 108 ARG 108 108 108 ARG ARG A . n 
A 1 109 GLY 109 109 109 GLY GLY A . n 
A 1 110 VAL 110 110 110 VAL VAL A . n 
A 1 111 PHE 111 111 111 PHE PHE A . n 
A 1 112 THR 112 112 112 THR THR A . n 
A 1 113 TYR 113 113 113 TYR TYR A . n 
A 1 114 ARG 114 114 114 ARG ARG A . n 
A 1 115 VAL 115 115 115 VAL VAL A . n 
A 1 116 ASN 116 116 116 ASN ASN A . n 
A 1 117 LYS 117 117 117 LYS LYS A . n 
A 1 118 ALA 118 118 118 ALA ALA A . n 
A 1 119 GLY 119 119 119 GLY GLY A . n 
A 1 120 LEU 120 120 120 LEU LEU A . n 
A 1 121 ILE 121 121 121 ILE ILE A . n 
A 1 122 THR 122 122 122 THR THR A . n 
A 1 123 ASN 123 123 123 ASN ASN A . n 
A 1 124 MET 124 124 124 MET MET A . n 
A 1 125 ARG 125 125 125 ARG ARG A . n 
A 1 126 GLY 126 126 126 GLY GLY A . n 
A 1 127 TYR 127 127 127 TYR TYR A . n 
A 1 128 TRP 128 128 128 TRP TRP A . n 
A 1 129 ASN 129 129 129 ASN ASN A . n 
A 1 130 LEU 130 130 130 LEU LEU A . n 
A 1 131 ASP 131 131 131 ASP ASP A . n 
A 1 132 MET 132 132 132 MET MET A . n 
A 1 133 MET 133 133 133 MET MET A . n 
A 1 134 THR 134 134 134 THR THR A . n 
A 1 135 PHE 135 135 135 PHE PHE A . n 
A 1 136 GLY 136 136 136 GLY GLY A . n 
A 1 137 ASN 137 137 137 ASN ASN A . n 
A 1 138 GLN 138 138 ?   ?   ?   A . n 
A 1 139 GLU 139 139 ?   ?   ?   A . n 
# 
loop_
_pdbx_nonpoly_scheme.asym_id 
_pdbx_nonpoly_scheme.entity_id 
_pdbx_nonpoly_scheme.mon_id 
_pdbx_nonpoly_scheme.ndb_seq_num 
_pdbx_nonpoly_scheme.pdb_seq_num 
_pdbx_nonpoly_scheme.auth_seq_num 
_pdbx_nonpoly_scheme.pdb_mon_id 
_pdbx_nonpoly_scheme.auth_mon_id 
_pdbx_nonpoly_scheme.pdb_strand_id 
_pdbx_nonpoly_scheme.pdb_ins_code 
B 2 NCA 1   1001 1001 NCA NCA A . 
C 3 HOH 1   1002 1    HOH HOH A . 
C 3 HOH 2   1003 2    HOH HOH A . 
C 3 HOH 3   1004 3    HOH HOH A . 
C 3 HOH 4   1005 4    HOH HOH A . 
C 3 HOH 5   1006 5    HOH HOH A . 
C 3 HOH 6   1007 6    HOH HOH A . 
C 3 HOH 7   1008 7    HOH HOH A . 
C 3 HOH 8   1009 8    HOH HOH A . 
C 3 HOH 9   1010 9    HOH HOH A . 
C 3 HOH 10  1011 10   HOH HOH A . 
C 3 HOH 11  1012 11   HOH HOH A . 
C 3 HOH 12  1013 12   HOH HOH A . 
C 3 HOH 13  1014 13   HOH HOH A . 
C 3 HOH 14  1015 14   HOH HOH A . 
C 3 HOH 15  1016 15   HOH HOH A . 
C 3 HOH 16  1017 16   HOH HOH A . 
C 3 HOH 17  1018 17   HOH HOH A . 
C 3 HOH 18  1019 18   HOH HOH A . 
C 3 HOH 19  1020 19   HOH HOH A . 
C 3 HOH 20  1021 20   HOH HOH A . 
C 3 HOH 21  1022 21   HOH HOH A . 
C 3 HOH 22  1023 22   HOH HOH A . 
C 3 HOH 23  1024 23   HOH HOH A . 
C 3 HOH 24  1025 24   HOH HOH A . 
C 3 HOH 25  1026 25   HOH HOH A . 
C 3 HOH 26  1027 26   HOH HOH A . 
C 3 HOH 27  1028 27   HOH HOH A . 
C 3 HOH 28  1029 28   HOH HOH A . 
C 3 HOH 29  1030 29   HOH HOH A . 
C 3 HOH 30  1031 30   HOH HOH A . 
C 3 HOH 31  1032 31   HOH HOH A . 
C 3 HOH 32  1033 32   HOH HOH A . 
C 3 HOH 33  1034 33   HOH HOH A . 
C 3 HOH 34  1035 34   HOH HOH A . 
C 3 HOH 35  1036 35   HOH HOH A . 
C 3 HOH 36  1037 36   HOH HOH A . 
C 3 HOH 37  1038 37   HOH HOH A . 
C 3 HOH 38  1039 38   HOH HOH A . 
C 3 HOH 39  1040 39   HOH HOH A . 
C 3 HOH 40  1041 40   HOH HOH A . 
C 3 HOH 41  1042 41   HOH HOH A . 
C 3 HOH 42  1043 42   HOH HOH A . 
C 3 HOH 43  1044 43   HOH HOH A . 
C 3 HOH 44  1045 44   HOH HOH A . 
C 3 HOH 45  1046 45   HOH HOH A . 
C 3 HOH 46  1047 46   HOH HOH A . 
C 3 HOH 47  1048 47   HOH HOH A . 
C 3 HOH 48  1049 48   HOH HOH A . 
C 3 HOH 49  1050 49   HOH HOH A . 
C 3 HOH 50  1051 50   HOH HOH A . 
C 3 HOH 51  1052 51   HOH HOH A . 
C 3 HOH 52  1053 52   HOH HOH A . 
C 3 HOH 53  1054 53   HOH HOH A . 
C 3 HOH 54  1055 54   HOH HOH A . 
C 3 HOH 55  1056 55   HOH HOH A . 
C 3 HOH 56  1057 56   HOH HOH A . 
C 3 HOH 57  1058 57   HOH HOH A . 
C 3 HOH 58  1059 58   HOH HOH A . 
C 3 HOH 59  1060 59   HOH HOH A . 
C 3 HOH 60  1061 60   HOH HOH A . 
C 3 HOH 61  1062 61   HOH HOH A . 
C 3 HOH 62  1063 62   HOH HOH A . 
C 3 HOH 63  1064 63   HOH HOH A . 
C 3 HOH 64  1065 64   HOH HOH A . 
C 3 HOH 65  1066 65   HOH HOH A . 
C 3 HOH 66  1067 66   HOH HOH A . 
C 3 HOH 67  1068 67   HOH HOH A . 
C 3 HOH 68  1069 68   HOH HOH A . 
C 3 HOH 69  1070 69   HOH HOH A . 
C 3 HOH 70  1071 70   HOH HOH A . 
C 3 HOH 71  1072 71   HOH HOH A . 
C 3 HOH 72  1073 72   HOH HOH A . 
C 3 HOH 73  1074 73   HOH HOH A . 
C 3 HOH 74  1075 74   HOH HOH A . 
C 3 HOH 75  1076 75   HOH HOH A . 
C 3 HOH 76  1077 76   HOH HOH A . 
C 3 HOH 77  1078 77   HOH HOH A . 
C 3 HOH 78  1079 78   HOH HOH A . 
C 3 HOH 79  1080 79   HOH HOH A . 
C 3 HOH 80  1081 80   HOH HOH A . 
C 3 HOH 81  1082 81   HOH HOH A . 
C 3 HOH 82  1083 82   HOH HOH A . 
C 3 HOH 83  1084 83   HOH HOH A . 
C 3 HOH 84  1085 84   HOH HOH A . 
C 3 HOH 85  1086 85   HOH HOH A . 
C 3 HOH 86  1087 86   HOH HOH A . 
C 3 HOH 87  1088 87   HOH HOH A . 
C 3 HOH 88  1089 88   HOH HOH A . 
C 3 HOH 89  1090 89   HOH HOH A . 
C 3 HOH 90  1091 90   HOH HOH A . 
C 3 HOH 91  1092 91   HOH HOH A . 
C 3 HOH 92  1093 92   HOH HOH A . 
C 3 HOH 93  1094 93   HOH HOH A . 
C 3 HOH 94  1095 94   HOH HOH A . 
C 3 HOH 95  1096 95   HOH HOH A . 
C 3 HOH 96  1097 96   HOH HOH A . 
C 3 HOH 97  1098 97   HOH HOH A . 
C 3 HOH 98  1099 98   HOH HOH A . 
C 3 HOH 99  1100 99   HOH HOH A . 
C 3 HOH 100 1101 100  HOH HOH A . 
C 3 HOH 101 1102 101  HOH HOH A . 
C 3 HOH 102 1103 102  HOH HOH A . 
C 3 HOH 103 1104 103  HOH HOH A . 
C 3 HOH 104 1105 104  HOH HOH A . 
C 3 HOH 105 1106 105  HOH HOH A . 
C 3 HOH 106 1107 106  HOH HOH A . 
C 3 HOH 107 1108 107  HOH HOH A . 
C 3 HOH 108 1109 108  HOH HOH A . 
C 3 HOH 109 1110 110  HOH HOH A . 
C 3 HOH 110 1111 111  HOH HOH A . 
C 3 HOH 111 1112 112  HOH HOH A . 
C 3 HOH 112 1113 113  HOH HOH A . 
C 3 HOH 113 1114 114  HOH HOH A . 
C 3 HOH 114 1115 115  HOH HOH A . 
C 3 HOH 115 1116 116  HOH HOH A . 
C 3 HOH 116 1117 117  HOH HOH A . 
C 3 HOH 117 1118 118  HOH HOH A . 
C 3 HOH 118 1119 119  HOH HOH A . 
C 3 HOH 119 1120 120  HOH HOH A . 
C 3 HOH 120 1121 121  HOH HOH A . 
C 3 HOH 121 1122 122  HOH HOH A . 
C 3 HOH 122 1123 123  HOH HOH A . 
C 3 HOH 123 1124 124  HOH HOH A . 
C 3 HOH 124 1125 125  HOH HOH A . 
C 3 HOH 125 1126 126  HOH HOH A . 
C 3 HOH 126 1127 127  HOH HOH A . 
C 3 HOH 127 1128 128  HOH HOH A . 
C 3 HOH 128 1129 129  HOH HOH A . 
C 3 HOH 129 1130 130  HOH HOH A . 
C 3 HOH 130 1131 131  HOH HOH A . 
C 3 HOH 131 1132 132  HOH HOH A . 
C 3 HOH 132 1133 133  HOH HOH A . 
C 3 HOH 133 1134 134  HOH HOH A . 
C 3 HOH 134 1135 135  HOH HOH A . 
C 3 HOH 135 1136 136  HOH HOH A . 
C 3 HOH 136 1137 137  HOH HOH A . 
C 3 HOH 137 1138 138  HOH HOH A . 
C 3 HOH 138 1139 139  HOH HOH A . 
C 3 HOH 139 1140 140  HOH HOH A . 
C 3 HOH 140 1141 141  HOH HOH A . 
C 3 HOH 141 1142 142  HOH HOH A . 
C 3 HOH 142 1143 143  HOH HOH A . 
C 3 HOH 143 1144 144  HOH HOH A . 
C 3 HOH 144 1145 145  HOH HOH A . 
C 3 HOH 145 1146 146  HOH HOH A . 
C 3 HOH 146 1147 147  HOH HOH A . 
C 3 HOH 147 1148 148  HOH HOH A . 
C 3 HOH 148 1149 149  HOH HOH A . 
C 3 HOH 149 1150 150  HOH HOH A . 
C 3 HOH 150 1151 151  HOH HOH A . 
C 3 HOH 151 1152 152  HOH HOH A . 
C 3 HOH 152 1153 153  HOH HOH A . 
C 3 HOH 153 1154 154  HOH HOH A . 
C 3 HOH 154 1155 155  HOH HOH A . 
C 3 HOH 155 1156 156  HOH HOH A . 
C 3 HOH 156 1157 157  HOH HOH A . 
C 3 HOH 157 1158 158  HOH HOH A . 
C 3 HOH 158 1159 159  HOH HOH A . 
C 3 HOH 159 1160 160  HOH HOH A . 
C 3 HOH 160 1161 161  HOH HOH A . 
C 3 HOH 161 1162 162  HOH HOH A . 
C 3 HOH 162 1163 163  HOH HOH A . 
C 3 HOH 163 1164 164  HOH HOH A . 
C 3 HOH 164 1165 165  HOH HOH A . 
C 3 HOH 165 1166 166  HOH HOH A . 
C 3 HOH 166 1167 167  HOH HOH A . 
C 3 HOH 167 1168 168  HOH HOH A . 
C 3 HOH 168 1169 169  HOH HOH A . 
C 3 HOH 169 1170 170  HOH HOH A . 
C 3 HOH 170 1171 171  HOH HOH A . 
C 3 HOH 171 1172 172  HOH HOH A . 
C 3 HOH 172 1173 173  HOH HOH A . 
C 3 HOH 173 1174 174  HOH HOH A . 
C 3 HOH 174 1175 175  HOH HOH A . 
C 3 HOH 175 1176 176  HOH HOH A . 
C 3 HOH 176 1177 177  HOH HOH A . 
C 3 HOH 177 1178 178  HOH HOH A . 
C 3 HOH 178 1179 179  HOH HOH A . 
C 3 HOH 179 1180 180  HOH HOH A . 
C 3 HOH 180 1181 181  HOH HOH A . 
C 3 HOH 181 1182 182  HOH HOH A . 
C 3 HOH 182 1183 183  HOH HOH A . 
C 3 HOH 183 1184 184  HOH HOH A . 
C 3 HOH 184 1185 185  HOH HOH A . 
C 3 HOH 185 1186 186  HOH HOH A . 
C 3 HOH 186 1187 187  HOH HOH A . 
C 3 HOH 187 1188 188  HOH HOH A . 
C 3 HOH 188 1189 189  HOH HOH A . 
C 3 HOH 189 1190 190  HOH HOH A . 
C 3 HOH 190 1191 191  HOH HOH A . 
# 
loop_
_software.name 
_software.classification 
_software.version 
_software.citation_id 
_software.pdbx_ordinal 
REFMAC    refinement       5.2 ? 1 
SCALEPACK 'data scaling'   .   ? 2 
MOLREP    phasing          .   ? 3 
ELVES     refinement       .   ? 4 
ELVES     'data reduction' .   ? 5 
# 
_cell.entry_id           2A15 
_cell.length_a           55.600 
_cell.length_b           55.600 
_cell.length_c           104.740 
_cell.angle_alpha        90.00 
_cell.angle_beta         90.00 
_cell.angle_gamma        120.00 
_cell.Z_PDB              6 
_cell.pdbx_unique_axis   ? 
_cell.length_a_esd       ? 
_cell.length_b_esd       ? 
_cell.length_c_esd       ? 
_cell.angle_alpha_esd    ? 
_cell.angle_beta_esd     ? 
_cell.angle_gamma_esd    ? 
# 
_symmetry.entry_id                         2A15 
_symmetry.space_group_name_H-M             'P 32 1 2' 
_symmetry.cell_setting                     trigonal 
_symmetry.pdbx_full_space_group_name_H-M   ? 
_symmetry.Int_Tables_number                153 
_symmetry.space_group_name_Hall            ? 
# 
_exptl.entry_id          2A15 
_exptl.method            'X-RAY DIFFRACTION' 
_exptl.crystals_number   1 
# 
_exptl_crystal.id                    1 
_exptl_crystal.density_Matthews      2.65 
_exptl_crystal.density_percent_sol   53.28 
_exptl_crystal.density_meas          ? 
_exptl_crystal.description           ? 
_exptl_crystal.F_000                 ? 
_exptl_crystal.preparation           ? 
# 
_exptl_crystal_grow.crystal_id      1 
_exptl_crystal_grow.method          'VAPOR DIFFUSION, SITTING DROP' 
_exptl_crystal_grow.temp            297 
_exptl_crystal_grow.pH              7.5 
_exptl_crystal_grow.pdbx_details    
'1.6 M Na, K Phosphate, 100mM Hepes buffer pH 7.5, VAPOR DIFFUSION, SITTING DROP, temperature 297K' 
_exptl_crystal_grow.temp_details    ? 
_exptl_crystal_grow.pdbx_pH_range   . 
# 
_diffrn.id                     1 
_diffrn.ambient_temp           100 
_diffrn.ambient_temp_details   ? 
_diffrn.crystal_id             1 
# 
_diffrn_detector.diffrn_id              1 
_diffrn_detector.detector               CCD 
_diffrn_detector.type                   'ADSC QUANTUM 4' 
_diffrn_detector.pdbx_collection_date   2004-04-20 
_diffrn_detector.details                ? 
# 
_diffrn_radiation.diffrn_id                        1 
_diffrn_radiation.wavelength_id                    1 
_diffrn_radiation.pdbx_monochromatic_or_laue_m_l   M 
_diffrn_radiation.monochromator                    ? 
_diffrn_radiation.pdbx_diffrn_protocol             'SINGLE WAVELENGTH' 
_diffrn_radiation.pdbx_scattering_type             x-ray 
# 
_diffrn_radiation_wavelength.id           1 
_diffrn_radiation_wavelength.wavelength   . 
_diffrn_radiation_wavelength.wt           1.0 
# 
_diffrn_source.diffrn_id                   1 
_diffrn_source.source                      SYNCHROTRON 
_diffrn_source.type                        'ALS BEAMLINE 8.3.1' 
_diffrn_source.pdbx_synchrotron_site       ALS 
_diffrn_source.pdbx_synchrotron_beamline   8.3.1 
_diffrn_source.pdbx_wavelength             ? 
_diffrn_source.pdbx_wavelength_list        ? 
# 
_reflns.entry_id                     2A15 
_reflns.observed_criterion_sigma_F   0 
_reflns.observed_criterion_sigma_I   0 
_reflns.d_resolution_high            1.68 
_reflns.d_resolution_low             48.17 
_reflns.number_all                   21399 
_reflns.number_obs                   21399 
_reflns.percent_possible_obs         99.7 
_reflns.pdbx_Rmerge_I_obs            ? 
_reflns.pdbx_Rsym_value              ? 
_reflns.pdbx_netI_over_sigmaI        ? 
_reflns.B_iso_Wilson_estimate        ? 
_reflns.pdbx_redundancy              ? 
_reflns.R_free_details               ? 
_reflns.limit_h_max                  ? 
_reflns.limit_h_min                  ? 
_reflns.limit_k_max                  ? 
_reflns.limit_k_min                  ? 
_reflns.limit_l_max                  ? 
_reflns.limit_l_min                  ? 
_reflns.observed_criterion_F_max     ? 
_reflns.observed_criterion_F_min     ? 
_reflns.pdbx_chi_squared             ? 
_reflns.pdbx_scaling_rejects         ? 
_reflns.pdbx_diffrn_id               1 
_reflns.pdbx_ordinal                 1 
# 
_reflns_shell.d_res_high             1.68 
_reflns_shell.d_res_low              1.74 
_reflns_shell.percent_possible_all   99.3 
_reflns_shell.Rmerge_I_obs           ? 
_reflns_shell.pdbx_Rsym_value        ? 
_reflns_shell.meanI_over_sigI_obs    ? 
_reflns_shell.pdbx_redundancy        7.6 
_reflns_shell.percent_possible_obs   ? 
_reflns_shell.number_unique_all      ? 
_reflns_shell.number_measured_all    ? 
_reflns_shell.number_measured_obs    ? 
_reflns_shell.number_unique_obs      ? 
_reflns_shell.pdbx_chi_squared       ? 
_reflns_shell.pdbx_diffrn_id         ? 
_reflns_shell.pdbx_ordinal           1 
# 
_refine.entry_id                                 2A15 
_refine.ls_number_reflns_obs                     20320 
_refine.ls_number_reflns_all                     20320 
_refine.pdbx_ls_sigma_I                          ? 
_refine.pdbx_ls_sigma_F                          0 
_refine.pdbx_data_cutoff_high_absF               ? 
_refine.pdbx_data_cutoff_low_absF                ? 
_refine.pdbx_data_cutoff_high_rms_absF           ? 
_refine.ls_d_res_low                             48.17 
_refine.ls_d_res_high                            1.68 
_refine.ls_percent_reflns_obs                    99.74 
_refine.ls_R_factor_obs                          0.178 
_refine.ls_R_factor_all                          0.178 
_refine.ls_R_factor_R_work                       0.176 
_refine.ls_R_factor_R_free                       0.207 
_refine.ls_R_factor_R_free_error                 ? 
_refine.ls_R_factor_R_free_error_details         ? 
_refine.ls_percent_reflns_R_free                 5.0 
_refine.ls_number_reflns_R_free                  1076 
_refine.ls_number_parameters                     ? 
_refine.ls_number_restraints                     ? 
_refine.occupancy_min                            ? 
_refine.occupancy_max                            ? 
_refine.correlation_coeff_Fo_to_Fc               0.962 
_refine.correlation_coeff_Fo_to_Fc_free          0.949 
_refine.B_iso_mean                               21.639 
_refine.aniso_B[1][1]                            0.54 
_refine.aniso_B[2][2]                            0.54 
_refine.aniso_B[3][3]                            -0.82 
_refine.aniso_B[1][2]                            0.27 
_refine.aniso_B[1][3]                            0.00 
_refine.aniso_B[2][3]                            0.00 
_refine.solvent_model_details                    MASK 
_refine.solvent_model_param_ksol                 ? 
_refine.solvent_model_param_bsol                 ? 
_refine.pdbx_solvent_vdw_probe_radii             1.20 
_refine.pdbx_solvent_ion_probe_radii             0.80 
_refine.pdbx_solvent_shrinkage_radii             0.80 
_refine.pdbx_ls_cross_valid_method               THROUGHOUT 
_refine.details                                  'HYDROGENS HAVE BEEN ADDED IN THE RIDING POSITIONS' 
_refine.pdbx_starting_model                      
'the model was obtained from a SAD solution from the data collected on SeMet variant of the same protein.' 
_refine.pdbx_method_to_determine_struct          'MOLECULAR REPLACEMENT' 
_refine.pdbx_isotropic_thermal_model             ? 
_refine.pdbx_stereochemistry_target_values       'MAXIMUM LIKELIHOOD' 
_refine.pdbx_stereochem_target_val_spec_case     ? 
_refine.pdbx_R_Free_selection_details            RANDOM 
_refine.pdbx_overall_ESU_R_Free                  0.088 
_refine.overall_SU_ML                            0.061 
_refine.overall_SU_B                             1.813 
_refine.ls_redundancy_reflns_obs                 ? 
_refine.B_iso_min                                ? 
_refine.B_iso_max                                ? 
_refine.overall_SU_R_Cruickshank_DPI             ? 
_refine.overall_SU_R_free                        ? 
_refine.ls_wR_factor_R_free                      ? 
_refine.ls_wR_factor_R_work                      ? 
_refine.overall_FOM_free_R_set                   ? 
_refine.overall_FOM_work_R_set                   ? 
_refine.pdbx_refine_id                           'X-RAY DIFFRACTION' 
_refine.pdbx_overall_ESU_R                       0.087 
_refine.pdbx_overall_phase_error                 ? 
_refine.pdbx_diffrn_id                           1 
_refine.pdbx_TLS_residual_ADP_flag               ? 
_refine.pdbx_overall_SU_R_free_Cruickshank_DPI   ? 
_refine.pdbx_overall_SU_R_Blow_DPI               ? 
_refine.pdbx_overall_SU_R_free_Blow_DPI          ? 
# 
_refine_hist.pdbx_refine_id                   'X-RAY DIFFRACTION' 
_refine_hist.cycle_id                         LAST 
_refine_hist.pdbx_number_atoms_protein        1059 
_refine_hist.pdbx_number_atoms_nucleic_acid   0 
_refine_hist.pdbx_number_atoms_ligand         9 
_refine_hist.number_atoms_solvent             190 
_refine_hist.number_atoms_total               1258 
_refine_hist.d_res_high                       1.68 
_refine_hist.d_res_low                        48.17 
# 
loop_
_refine_ls_restr.type 
_refine_ls_restr.dev_ideal 
_refine_ls_restr.dev_ideal_target 
_refine_ls_restr.weight 
_refine_ls_restr.number 
_refine_ls_restr.pdbx_refine_id 
_refine_ls_restr.pdbx_restraint_function 
r_bond_refined_d             0.015  0.022  ? 1096 'X-RAY DIFFRACTION' ? 
r_bond_other_d               ?      ?      ? ?    'X-RAY DIFFRACTION' ? 
r_angle_refined_deg          1.571  1.926  ? 1490 'X-RAY DIFFRACTION' ? 
r_angle_other_deg            ?      ?      ? ?    'X-RAY DIFFRACTION' ? 
r_dihedral_angle_1_deg       6.462  5.000  ? 132  'X-RAY DIFFRACTION' ? 
r_dihedral_angle_2_deg       33.741 24.118 ? 51   'X-RAY DIFFRACTION' ? 
r_dihedral_angle_3_deg       11.827 15.000 ? 178  'X-RAY DIFFRACTION' ? 
r_dihedral_angle_4_deg       17.906 15.000 ? 6    'X-RAY DIFFRACTION' ? 
r_chiral_restr               0.135  0.200  ? 166  'X-RAY DIFFRACTION' ? 
r_gen_planes_refined         0.006  0.020  ? 832  'X-RAY DIFFRACTION' ? 
r_gen_planes_other           ?      ?      ? ?    'X-RAY DIFFRACTION' ? 
r_nbd_refined                0.208  0.200  ? 517  'X-RAY DIFFRACTION' ? 
r_nbd_other                  ?      ?      ? ?    'X-RAY DIFFRACTION' ? 
r_nbtor_refined              0.312  0.200  ? 744  'X-RAY DIFFRACTION' ? 
r_nbtor_other                ?      ?      ? ?    'X-RAY DIFFRACTION' ? 
r_xyhbond_nbd_refined        0.158  0.200  ? 148  'X-RAY DIFFRACTION' ? 
r_xyhbond_nbd_other          ?      ?      ? ?    'X-RAY DIFFRACTION' ? 
r_metal_ion_refined          ?      ?      ? ?    'X-RAY DIFFRACTION' ? 
r_metal_ion_other            ?      ?      ? ?    'X-RAY DIFFRACTION' ? 
r_symmetry_vdw_refined       0.163  0.200  ? 36   'X-RAY DIFFRACTION' ? 
r_symmetry_vdw_other         ?      ?      ? ?    'X-RAY DIFFRACTION' ? 
r_symmetry_hbond_refined     0.161  0.200  ? 15   'X-RAY DIFFRACTION' ? 
r_symmetry_hbond_other       ?      ?      ? ?    'X-RAY DIFFRACTION' ? 
r_symmetry_metal_ion_refined ?      ?      ? ?    'X-RAY DIFFRACTION' ? 
r_symmetry_metal_ion_other   ?      ?      ? ?    'X-RAY DIFFRACTION' ? 
r_mcbond_it                  3.025  3.000  ? 676  'X-RAY DIFFRACTION' ? 
r_mcbond_other               ?      ?      ? ?    'X-RAY DIFFRACTION' ? 
r_mcangle_it                 4.043  4.000  ? 1083 'X-RAY DIFFRACTION' ? 
r_scbond_it                  6.551  8.000  ? 477  'X-RAY DIFFRACTION' ? 
r_scangle_it                 9.110  10.000 ? 405  'X-RAY DIFFRACTION' ? 
r_rigid_bond_restr           ?      ?      ? ?    'X-RAY DIFFRACTION' ? 
r_sphericity_free            ?      ?      ? ?    'X-RAY DIFFRACTION' ? 
r_sphericity_bonded          ?      ?      ? ?    'X-RAY DIFFRACTION' ? 
# 
_refine_ls_shell.pdbx_total_number_of_bins_used   20 
_refine_ls_shell.d_res_high                       1.680 
_refine_ls_shell.d_res_low                        1.724 
_refine_ls_shell.number_reflns_R_work             1469 
_refine_ls_shell.R_factor_R_work                  0.259 
_refine_ls_shell.percent_reflns_obs               99.23 
_refine_ls_shell.R_factor_R_free                  0.266 
_refine_ls_shell.R_factor_R_free_error            ? 
_refine_ls_shell.percent_reflns_R_free            ? 
_refine_ls_shell.number_reflns_R_free             83 
_refine_ls_shell.number_reflns_obs                ? 
_refine_ls_shell.redundancy_reflns_obs            ? 
_refine_ls_shell.number_reflns_all                ? 
_refine_ls_shell.R_factor_all                     ? 
_refine_ls_shell.pdbx_refine_id                   'X-RAY DIFFRACTION' 
# 
_struct.entry_id                  2A15 
_struct.title                     'X-ray Crystal Structure of RV0760 from Mycobacterium Tuberculosis at 1.68 Angstrom Resolution' 
_struct.pdbx_model_details        ? 
_struct.pdbx_CASP_flag            ? 
_struct.pdbx_model_type_details   ? 
# 
_struct_keywords.entry_id        2A15 
_struct_keywords.pdbx_keywords   'UNKNOWN FUNCTION' 
_struct_keywords.text            
;beta-alpha-barrel, Structural Genomics, PSI, Protein Structure Initiative, TB Structural Genomics Consortium, TBSGC, UNKNOWN FUNCTION
;
# 
loop_
_struct_asym.id 
_struct_asym.pdbx_blank_PDB_chainid_flag 
_struct_asym.pdbx_modified 
_struct_asym.entity_id 
_struct_asym.details 
A N N 1 ? 
B N N 2 ? 
C N N 3 ? 
# 
_struct_ref.id                         1 
_struct_ref.entity_id                  1 
_struct_ref.db_name                    UNP 
_struct_ref.db_code                    P71817_MYCTU 
_struct_ref.pdbx_db_accession          P71817 
_struct_ref.pdbx_align_begin           1 
_struct_ref.pdbx_seq_one_letter_code   
;MTQTTQSPALIASQSSWRCVQAHDREGWLALMADDVVIEDPIGKSVTNPDGSGIKGKEAVGAFFDTHIAANRLTVTCEET
FPSSSPDEIAHILVLHSEFDGGFTSEVRGVFTYRVNKAGLITNMRGYWNLDMMTFGNQE
;
_struct_ref.pdbx_db_isoform            ? 
# 
_struct_ref_seq.align_id                      1 
_struct_ref_seq.ref_id                        1 
_struct_ref_seq.pdbx_PDB_id_code              2A15 
_struct_ref_seq.pdbx_strand_id                A 
_struct_ref_seq.seq_align_beg                 1 
_struct_ref_seq.pdbx_seq_align_beg_ins_code   ? 
_struct_ref_seq.seq_align_end                 139 
_struct_ref_seq.pdbx_seq_align_end_ins_code   ? 
_struct_ref_seq.pdbx_db_accession             P71817 
_struct_ref_seq.db_align_beg                  1 
_struct_ref_seq.pdbx_db_align_beg_ins_code    ? 
_struct_ref_seq.db_align_end                  139 
_struct_ref_seq.pdbx_db_align_end_ins_code    ? 
_struct_ref_seq.pdbx_auth_seq_align_beg       1 
_struct_ref_seq.pdbx_auth_seq_align_end       139 
# 
_pdbx_struct_assembly.id                   1 
_pdbx_struct_assembly.details              author_and_software_defined_assembly 
_pdbx_struct_assembly.method_details       PISA 
_pdbx_struct_assembly.oligomeric_details   dimeric 
_pdbx_struct_assembly.oligomeric_count     2 
# 
loop_
_pdbx_struct_assembly_prop.biol_id 
_pdbx_struct_assembly_prop.type 
_pdbx_struct_assembly_prop.value 
_pdbx_struct_assembly_prop.details 
1 'ABSA (A^2)' 2550  ? 
1 MORE         -0    ? 
1 'SSA (A^2)'  12390 ? 
# 
_pdbx_struct_assembly_gen.assembly_id       1 
_pdbx_struct_assembly_gen.oper_expression   1,2 
_pdbx_struct_assembly_gen.asym_id_list      A,B,C 
# 
loop_
_pdbx_struct_oper_list.id 
_pdbx_struct_oper_list.type 
_pdbx_struct_oper_list.name 
_pdbx_struct_oper_list.symmetry_operation 
_pdbx_struct_oper_list.matrix[1][1] 
_pdbx_struct_oper_list.matrix[1][2] 
_pdbx_struct_oper_list.matrix[1][3] 
_pdbx_struct_oper_list.vector[1] 
_pdbx_struct_oper_list.matrix[2][1] 
_pdbx_struct_oper_list.matrix[2][2] 
_pdbx_struct_oper_list.matrix[2][3] 
_pdbx_struct_oper_list.vector[2] 
_pdbx_struct_oper_list.matrix[3][1] 
_pdbx_struct_oper_list.matrix[3][2] 
_pdbx_struct_oper_list.matrix[3][3] 
_pdbx_struct_oper_list.vector[3] 
1 'identity operation'         1_555 x,y,z      1.0000000000  0.0000000000  0.0000000000  0.0000000000  0.0000000000  1.0000000000 0.0000000000 0.0000000000  0.0000000000  0.0000000000 1.0000000000  0.0000000000   
2 'crystal symmetry operation' 6_545 x,x-y-1,-z -0.6827556343 -0.7130610791 -0.1593381354 20.1954071050 -0.7130610791 0.6027269745 0.3581397656 11.3762853041 -0.1593381354 0.3581397656 -0.9199713403 -10.7011868339 
# 
_struct_biol.id                    1 
_struct_biol.details               
'The biological assembly is a dimer generated from the monomer in the asymmetric unit by the operation: y-x,y,2/3-z' 
_struct_biol.pdbx_parent_biol_id   ? 
# 
loop_
_struct_conf.conf_type_id 
_struct_conf.id 
_struct_conf.pdbx_PDB_helix_id 
_struct_conf.beg_label_comp_id 
_struct_conf.beg_label_asym_id 
_struct_conf.beg_label_seq_id 
_struct_conf.pdbx_beg_PDB_ins_code 
_struct_conf.end_label_comp_id 
_struct_conf.end_label_asym_id 
_struct_conf.end_label_seq_id 
_struct_conf.pdbx_end_PDB_ins_code 
_struct_conf.beg_auth_comp_id 
_struct_conf.beg_auth_asym_id 
_struct_conf.beg_auth_seq_id 
_struct_conf.end_auth_comp_id 
_struct_conf.end_auth_asym_id 
_struct_conf.end_auth_seq_id 
_struct_conf.pdbx_PDB_helix_class 
_struct_conf.details 
_struct_conf.pdbx_PDB_helix_length 
HELX_P HELX_P1 1 SER A 7   ? ALA A 22  ? SER A 7   ALA A 22  1 ? 16 
HELX_P HELX_P2 2 ASP A 24  ? LEU A 31  ? ASP A 24  LEU A 31  1 ? 8  
HELX_P HELX_P3 3 GLY A 56  ? ILE A 68  ? GLY A 56  ILE A 68  1 ? 13 
HELX_P HELX_P4 4 ASN A 129 ? MET A 133 ? ASN A 129 MET A 133 5 ? 5  
# 
_struct_conf_type.id          HELX_P 
_struct_conf_type.criteria    ? 
_struct_conf_type.reference   ? 
# 
_struct_mon_prot_cis.pdbx_id                1 
_struct_mon_prot_cis.label_comp_id          ASP 
_struct_mon_prot_cis.label_seq_id           40 
_struct_mon_prot_cis.label_asym_id          A 
_struct_mon_prot_cis.label_alt_id           . 
_struct_mon_prot_cis.pdbx_PDB_ins_code      ? 
_struct_mon_prot_cis.auth_comp_id           ASP 
_struct_mon_prot_cis.auth_seq_id            40 
_struct_mon_prot_cis.auth_asym_id           A 
_struct_mon_prot_cis.pdbx_label_comp_id_2   PRO 
_struct_mon_prot_cis.pdbx_label_seq_id_2    41 
_struct_mon_prot_cis.pdbx_label_asym_id_2   A 
_struct_mon_prot_cis.pdbx_PDB_ins_code_2    ? 
_struct_mon_prot_cis.pdbx_auth_comp_id_2    PRO 
_struct_mon_prot_cis.pdbx_auth_seq_id_2     41 
_struct_mon_prot_cis.pdbx_auth_asym_id_2    A 
_struct_mon_prot_cis.pdbx_PDB_model_num     1 
_struct_mon_prot_cis.pdbx_omega_angle       0.21 
# 
loop_
_struct_sheet.id 
_struct_sheet.type 
_struct_sheet.number_strands 
_struct_sheet.details 
A ? 6 ? 
B ? 5 ? 
# 
loop_
_struct_sheet_order.sheet_id 
_struct_sheet_order.range_id_1 
_struct_sheet_order.range_id_2 
_struct_sheet_order.offset 
_struct_sheet_order.sense 
A 1 2 ? anti-parallel 
A 2 3 ? parallel      
A 3 4 ? anti-parallel 
A 4 5 ? anti-parallel 
A 5 6 ? anti-parallel 
B 1 2 ? anti-parallel 
B 2 3 ? parallel      
B 3 4 ? anti-parallel 
B 4 5 ? anti-parallel 
# 
loop_
_struct_sheet_range.sheet_id 
_struct_sheet_range.id 
_struct_sheet_range.beg_label_comp_id 
_struct_sheet_range.beg_label_asym_id 
_struct_sheet_range.beg_label_seq_id 
_struct_sheet_range.pdbx_beg_PDB_ins_code 
_struct_sheet_range.end_label_comp_id 
_struct_sheet_range.end_label_asym_id 
_struct_sheet_range.end_label_seq_id 
_struct_sheet_range.pdbx_end_PDB_ins_code 
_struct_sheet_range.beg_auth_comp_id 
_struct_sheet_range.beg_auth_asym_id 
_struct_sheet_range.beg_auth_seq_id 
_struct_sheet_range.end_auth_comp_id 
_struct_sheet_range.end_auth_asym_id 
_struct_sheet_range.end_auth_seq_id 
A 1 ILE A 54  ? LYS A 55  ? ILE A 54  LYS A 55  
A 2 MET A 32  ? GLU A 39  ? MET A 32  GLU A 39  
A 3 ILE A 121 ? TYR A 127 ? ILE A 121 TYR A 127 
A 4 PHE A 103 ? VAL A 115 ? PHE A 103 VAL A 115 
A 5 GLU A 88  ? PHE A 99  ? GLU A 88  PHE A 99  
A 6 THR A 74  ? PRO A 82  ? THR A 74  PRO A 82  
B 1 ILE A 54  ? LYS A 55  ? ILE A 54  LYS A 55  
B 2 MET A 32  ? GLU A 39  ? MET A 32  GLU A 39  
B 3 ILE A 121 ? TYR A 127 ? ILE A 121 TYR A 127 
B 4 PHE A 103 ? VAL A 115 ? PHE A 103 VAL A 115 
B 5 THR A 134 ? GLY A 136 ? THR A 134 GLY A 136 
# 
loop_
_pdbx_struct_sheet_hbond.sheet_id 
_pdbx_struct_sheet_hbond.range_id_1 
_pdbx_struct_sheet_hbond.range_id_2 
_pdbx_struct_sheet_hbond.range_1_label_atom_id 
_pdbx_struct_sheet_hbond.range_1_label_comp_id 
_pdbx_struct_sheet_hbond.range_1_label_asym_id 
_pdbx_struct_sheet_hbond.range_1_label_seq_id 
_pdbx_struct_sheet_hbond.range_1_PDB_ins_code 
_pdbx_struct_sheet_hbond.range_1_auth_atom_id 
_pdbx_struct_sheet_hbond.range_1_auth_comp_id 
_pdbx_struct_sheet_hbond.range_1_auth_asym_id 
_pdbx_struct_sheet_hbond.range_1_auth_seq_id 
_pdbx_struct_sheet_hbond.range_2_label_atom_id 
_pdbx_struct_sheet_hbond.range_2_label_comp_id 
_pdbx_struct_sheet_hbond.range_2_label_asym_id 
_pdbx_struct_sheet_hbond.range_2_label_seq_id 
_pdbx_struct_sheet_hbond.range_2_PDB_ins_code 
_pdbx_struct_sheet_hbond.range_2_auth_atom_id 
_pdbx_struct_sheet_hbond.range_2_auth_comp_id 
_pdbx_struct_sheet_hbond.range_2_auth_asym_id 
_pdbx_struct_sheet_hbond.range_2_auth_seq_id 
A 1 2 O ILE A 54  ? O ILE A 54  N ILE A 38  ? N ILE A 38  
A 2 3 N GLU A 39  ? N GLU A 39  O MET A 124 ? O MET A 124 
A 3 4 O TYR A 127 ? O TYR A 127 N VAL A 110 ? N VAL A 110 
A 4 5 O VAL A 107 ? O VAL A 107 N LEU A 95  ? N LEU A 95  
A 5 6 O ALA A 90  ? O ALA A 90  N PHE A 81  ? N PHE A 81  
B 1 2 O ILE A 54  ? O ILE A 54  N ILE A 38  ? N ILE A 38  
B 2 3 N GLU A 39  ? N GLU A 39  O MET A 124 ? O MET A 124 
B 3 4 O TYR A 127 ? O TYR A 127 N VAL A 110 ? N VAL A 110 
B 4 5 N GLU A 106 ? N GLU A 106 O THR A 134 ? O THR A 134 
# 
_struct_site.id                   AC1 
_struct_site.pdbx_evidence_code   Software 
_struct_site.pdbx_auth_asym_id    A 
_struct_site.pdbx_auth_comp_id    NCA 
_struct_site.pdbx_auth_seq_id     1001 
_struct_site.pdbx_auth_ins_code   ? 
_struct_site.pdbx_num_residues    7 
_struct_site.details              'BINDING SITE FOR RESIDUE NCA A 1001' 
# 
loop_
_struct_site_gen.id 
_struct_site_gen.site_id 
_struct_site_gen.pdbx_num_res 
_struct_site_gen.label_comp_id 
_struct_site_gen.label_asym_id 
_struct_site_gen.label_seq_id 
_struct_site_gen.pdbx_auth_ins_code 
_struct_site_gen.auth_comp_id 
_struct_site_gen.auth_asym_id 
_struct_site_gen.auth_seq_id 
_struct_site_gen.label_atom_id 
_struct_site_gen.label_alt_id 
_struct_site_gen.symmetry 
_struct_site_gen.details 
1 AC1 7 SER A 16  ? SER A 16  . ? 1_555 ? 
2 AC1 7 TRP A 17  ? TRP A 17  . ? 1_555 ? 
3 AC1 7 TRP A 28  ? TRP A 28  . ? 1_555 ? 
4 AC1 7 ASP A 40  ? ASP A 40  . ? 1_555 ? 
5 AC1 7 LEU A 73  ? LEU A 73  . ? 1_555 ? 
6 AC1 7 TYR A 113 ? TYR A 113 . ? 1_555 ? 
7 AC1 7 MET A 124 ? MET A 124 . ? 1_555 ? 
# 
loop_
_pdbx_validate_torsion.id 
_pdbx_validate_torsion.PDB_model_num 
_pdbx_validate_torsion.auth_comp_id 
_pdbx_validate_torsion.auth_asym_id 
_pdbx_validate_torsion.auth_seq_id 
_pdbx_validate_torsion.PDB_ins_code 
_pdbx_validate_torsion.label_alt_id 
_pdbx_validate_torsion.phi 
_pdbx_validate_torsion.psi 
1 1 ILE A 68 ? ? -123.82 -52.71  
2 1 SER A 83 ? ? -102.45 -160.28 
# 
_pdbx_SG_project.id                    1 
_pdbx_SG_project.project_name          'PSI, Protein Structure Initiative' 
_pdbx_SG_project.full_name_of_center   'TB Structural Genomics Consortium' 
_pdbx_SG_project.initial_of_center     TBSGC 
# 
loop_
_pdbx_unobs_or_zero_occ_residues.id 
_pdbx_unobs_or_zero_occ_residues.PDB_model_num 
_pdbx_unobs_or_zero_occ_residues.polymer_flag 
_pdbx_unobs_or_zero_occ_residues.occupancy_flag 
_pdbx_unobs_or_zero_occ_residues.auth_asym_id 
_pdbx_unobs_or_zero_occ_residues.auth_comp_id 
_pdbx_unobs_or_zero_occ_residues.auth_seq_id 
_pdbx_unobs_or_zero_occ_residues.PDB_ins_code 
_pdbx_unobs_or_zero_occ_residues.label_asym_id 
_pdbx_unobs_or_zero_occ_residues.label_comp_id 
_pdbx_unobs_or_zero_occ_residues.label_seq_id 
1 1 Y 1 A MET 1   ? A MET 1   
2 1 Y 1 A THR 2   ? A THR 2   
3 1 Y 1 A GLN 3   ? A GLN 3   
4 1 Y 1 A THR 4   ? A THR 4   
5 1 Y 1 A GLN 138 ? A GLN 138 
6 1 Y 1 A GLU 139 ? A GLU 139 
# 
loop_
_chem_comp_atom.comp_id 
_chem_comp_atom.atom_id 
_chem_comp_atom.type_symbol 
_chem_comp_atom.pdbx_aromatic_flag 
_chem_comp_atom.pdbx_stereo_config 
_chem_comp_atom.pdbx_ordinal 
ALA N    N N N 1   
ALA CA   C N S 2   
ALA C    C N N 3   
ALA O    O N N 4   
ALA CB   C N N 5   
ALA OXT  O N N 6   
ALA H    H N N 7   
ALA H2   H N N 8   
ALA HA   H N N 9   
ALA HB1  H N N 10  
ALA HB2  H N N 11  
ALA HB3  H N N 12  
ALA HXT  H N N 13  
ARG N    N N N 14  
ARG CA   C N S 15  
ARG C    C N N 16  
ARG O    O N N 17  
ARG CB   C N N 18  
ARG CG   C N N 19  
ARG CD   C N N 20  
ARG NE   N N N 21  
ARG CZ   C N N 22  
ARG NH1  N N N 23  
ARG NH2  N N N 24  
ARG OXT  O N N 25  
ARG H    H N N 26  
ARG H2   H N N 27  
ARG HA   H N N 28  
ARG HB2  H N N 29  
ARG HB3  H N N 30  
ARG HG2  H N N 31  
ARG HG3  H N N 32  
ARG HD2  H N N 33  
ARG HD3  H N N 34  
ARG HE   H N N 35  
ARG HH11 H N N 36  
ARG HH12 H N N 37  
ARG HH21 H N N 38  
ARG HH22 H N N 39  
ARG HXT  H N N 40  
ASN N    N N N 41  
ASN CA   C N S 42  
ASN C    C N N 43  
ASN O    O N N 44  
ASN CB   C N N 45  
ASN CG   C N N 46  
ASN OD1  O N N 47  
ASN ND2  N N N 48  
ASN OXT  O N N 49  
ASN H    H N N 50  
ASN H2   H N N 51  
ASN HA   H N N 52  
ASN HB2  H N N 53  
ASN HB3  H N N 54  
ASN HD21 H N N 55  
ASN HD22 H N N 56  
ASN HXT  H N N 57  
ASP N    N N N 58  
ASP CA   C N S 59  
ASP C    C N N 60  
ASP O    O N N 61  
ASP CB   C N N 62  
ASP CG   C N N 63  
ASP OD1  O N N 64  
ASP OD2  O N N 65  
ASP OXT  O N N 66  
ASP H    H N N 67  
ASP H2   H N N 68  
ASP HA   H N N 69  
ASP HB2  H N N 70  
ASP HB3  H N N 71  
ASP HD2  H N N 72  
ASP HXT  H N N 73  
CYS N    N N N 74  
CYS CA   C N R 75  
CYS C    C N N 76  
CYS O    O N N 77  
CYS CB   C N N 78  
CYS SG   S N N 79  
CYS OXT  O N N 80  
CYS H    H N N 81  
CYS H2   H N N 82  
CYS HA   H N N 83  
CYS HB2  H N N 84  
CYS HB3  H N N 85  
CYS HG   H N N 86  
CYS HXT  H N N 87  
GLN N    N N N 88  
GLN CA   C N S 89  
GLN C    C N N 90  
GLN O    O N N 91  
GLN CB   C N N 92  
GLN CG   C N N 93  
GLN CD   C N N 94  
GLN OE1  O N N 95  
GLN NE2  N N N 96  
GLN OXT  O N N 97  
GLN H    H N N 98  
GLN H2   H N N 99  
GLN HA   H N N 100 
GLN HB2  H N N 101 
GLN HB3  H N N 102 
GLN HG2  H N N 103 
GLN HG3  H N N 104 
GLN HE21 H N N 105 
GLN HE22 H N N 106 
GLN HXT  H N N 107 
GLU N    N N N 108 
GLU CA   C N S 109 
GLU C    C N N 110 
GLU O    O N N 111 
GLU CB   C N N 112 
GLU CG   C N N 113 
GLU CD   C N N 114 
GLU OE1  O N N 115 
GLU OE2  O N N 116 
GLU OXT  O N N 117 
GLU H    H N N 118 
GLU H2   H N N 119 
GLU HA   H N N 120 
GLU HB2  H N N 121 
GLU HB3  H N N 122 
GLU HG2  H N N 123 
GLU HG3  H N N 124 
GLU HE2  H N N 125 
GLU HXT  H N N 126 
GLY N    N N N 127 
GLY CA   C N N 128 
GLY C    C N N 129 
GLY O    O N N 130 
GLY OXT  O N N 131 
GLY H    H N N 132 
GLY H2   H N N 133 
GLY HA2  H N N 134 
GLY HA3  H N N 135 
GLY HXT  H N N 136 
HIS N    N N N 137 
HIS CA   C N S 138 
HIS C    C N N 139 
HIS O    O N N 140 
HIS CB   C N N 141 
HIS CG   C Y N 142 
HIS ND1  N Y N 143 
HIS CD2  C Y N 144 
HIS CE1  C Y N 145 
HIS NE2  N Y N 146 
HIS OXT  O N N 147 
HIS H    H N N 148 
HIS H2   H N N 149 
HIS HA   H N N 150 
HIS HB2  H N N 151 
HIS HB3  H N N 152 
HIS HD1  H N N 153 
HIS HD2  H N N 154 
HIS HE1  H N N 155 
HIS HE2  H N N 156 
HIS HXT  H N N 157 
HOH O    O N N 158 
HOH H1   H N N 159 
HOH H2   H N N 160 
ILE N    N N N 161 
ILE CA   C N S 162 
ILE C    C N N 163 
ILE O    O N N 164 
ILE CB   C N S 165 
ILE CG1  C N N 166 
ILE CG2  C N N 167 
ILE CD1  C N N 168 
ILE OXT  O N N 169 
ILE H    H N N 170 
ILE H2   H N N 171 
ILE HA   H N N 172 
ILE HB   H N N 173 
ILE HG12 H N N 174 
ILE HG13 H N N 175 
ILE HG21 H N N 176 
ILE HG22 H N N 177 
ILE HG23 H N N 178 
ILE HD11 H N N 179 
ILE HD12 H N N 180 
ILE HD13 H N N 181 
ILE HXT  H N N 182 
LEU N    N N N 183 
LEU CA   C N S 184 
LEU C    C N N 185 
LEU O    O N N 186 
LEU CB   C N N 187 
LEU CG   C N N 188 
LEU CD1  C N N 189 
LEU CD2  C N N 190 
LEU OXT  O N N 191 
LEU H    H N N 192 
LEU H2   H N N 193 
LEU HA   H N N 194 
LEU HB2  H N N 195 
LEU HB3  H N N 196 
LEU HG   H N N 197 
LEU HD11 H N N 198 
LEU HD12 H N N 199 
LEU HD13 H N N 200 
LEU HD21 H N N 201 
LEU HD22 H N N 202 
LEU HD23 H N N 203 
LEU HXT  H N N 204 
LYS N    N N N 205 
LYS CA   C N S 206 
LYS C    C N N 207 
LYS O    O N N 208 
LYS CB   C N N 209 
LYS CG   C N N 210 
LYS CD   C N N 211 
LYS CE   C N N 212 
LYS NZ   N N N 213 
LYS OXT  O N N 214 
LYS H    H N N 215 
LYS H2   H N N 216 
LYS HA   H N N 217 
LYS HB2  H N N 218 
LYS HB3  H N N 219 
LYS HG2  H N N 220 
LYS HG3  H N N 221 
LYS HD2  H N N 222 
LYS HD3  H N N 223 
LYS HE2  H N N 224 
LYS HE3  H N N 225 
LYS HZ1  H N N 226 
LYS HZ2  H N N 227 
LYS HZ3  H N N 228 
LYS HXT  H N N 229 
MET N    N N N 230 
MET CA   C N S 231 
MET C    C N N 232 
MET O    O N N 233 
MET CB   C N N 234 
MET CG   C N N 235 
MET SD   S N N 236 
MET CE   C N N 237 
MET OXT  O N N 238 
MET H    H N N 239 
MET H2   H N N 240 
MET HA   H N N 241 
MET HB2  H N N 242 
MET HB3  H N N 243 
MET HG2  H N N 244 
MET HG3  H N N 245 
MET HE1  H N N 246 
MET HE2  H N N 247 
MET HE3  H N N 248 
MET HXT  H N N 249 
NCA N1   N Y N 250 
NCA C2   C Y N 251 
NCA C3   C Y N 252 
NCA C4   C Y N 253 
NCA C5   C Y N 254 
NCA C6   C Y N 255 
NCA C7   C N N 256 
NCA O7   O N N 257 
NCA N7   N N N 258 
NCA H2   H N N 259 
NCA H4   H N N 260 
NCA H5   H N N 261 
NCA H6   H N N 262 
NCA HN71 H N N 263 
NCA HN72 H N N 264 
PHE N    N N N 265 
PHE CA   C N S 266 
PHE C    C N N 267 
PHE O    O N N 268 
PHE CB   C N N 269 
PHE CG   C Y N 270 
PHE CD1  C Y N 271 
PHE CD2  C Y N 272 
PHE CE1  C Y N 273 
PHE CE2  C Y N 274 
PHE CZ   C Y N 275 
PHE OXT  O N N 276 
PHE H    H N N 277 
PHE H2   H N N 278 
PHE HA   H N N 279 
PHE HB2  H N N 280 
PHE HB3  H N N 281 
PHE HD1  H N N 282 
PHE HD2  H N N 283 
PHE HE1  H N N 284 
PHE HE2  H N N 285 
PHE HZ   H N N 286 
PHE HXT  H N N 287 
PRO N    N N N 288 
PRO CA   C N S 289 
PRO C    C N N 290 
PRO O    O N N 291 
PRO CB   C N N 292 
PRO CG   C N N 293 
PRO CD   C N N 294 
PRO OXT  O N N 295 
PRO H    H N N 296 
PRO HA   H N N 297 
PRO HB2  H N N 298 
PRO HB3  H N N 299 
PRO HG2  H N N 300 
PRO HG3  H N N 301 
PRO HD2  H N N 302 
PRO HD3  H N N 303 
PRO HXT  H N N 304 
SER N    N N N 305 
SER CA   C N S 306 
SER C    C N N 307 
SER O    O N N 308 
SER CB   C N N 309 
SER OG   O N N 310 
SER OXT  O N N 311 
SER H    H N N 312 
SER H2   H N N 313 
SER HA   H N N 314 
SER HB2  H N N 315 
SER HB3  H N N 316 
SER HG   H N N 317 
SER HXT  H N N 318 
THR N    N N N 319 
THR CA   C N S 320 
THR C    C N N 321 
THR O    O N N 322 
THR CB   C N R 323 
THR OG1  O N N 324 
THR CG2  C N N 325 
THR OXT  O N N 326 
THR H    H N N 327 
THR H2   H N N 328 
THR HA   H N N 329 
THR HB   H N N 330 
THR HG1  H N N 331 
THR HG21 H N N 332 
THR HG22 H N N 333 
THR HG23 H N N 334 
THR HXT  H N N 335 
TRP N    N N N 336 
TRP CA   C N S 337 
TRP C    C N N 338 
TRP O    O N N 339 
TRP CB   C N N 340 
TRP CG   C Y N 341 
TRP CD1  C Y N 342 
TRP CD2  C Y N 343 
TRP NE1  N Y N 344 
TRP CE2  C Y N 345 
TRP CE3  C Y N 346 
TRP CZ2  C Y N 347 
TRP CZ3  C Y N 348 
TRP CH2  C Y N 349 
TRP OXT  O N N 350 
TRP H    H N N 351 
TRP H2   H N N 352 
TRP HA   H N N 353 
TRP HB2  H N N 354 
TRP HB3  H N N 355 
TRP HD1  H N N 356 
TRP HE1  H N N 357 
TRP HE3  H N N 358 
TRP HZ2  H N N 359 
TRP HZ3  H N N 360 
TRP HH2  H N N 361 
TRP HXT  H N N 362 
TYR N    N N N 363 
TYR CA   C N S 364 
TYR C    C N N 365 
TYR O    O N N 366 
TYR CB   C N N 367 
TYR CG   C Y N 368 
TYR CD1  C Y N 369 
TYR CD2  C Y N 370 
TYR CE1  C Y N 371 
TYR CE2  C Y N 372 
TYR CZ   C Y N 373 
TYR OH   O N N 374 
TYR OXT  O N N 375 
TYR H    H N N 376 
TYR H2   H N N 377 
TYR HA   H N N 378 
TYR HB2  H N N 379 
TYR HB3  H N N 380 
TYR HD1  H N N 381 
TYR HD2  H N N 382 
TYR HE1  H N N 383 
TYR HE2  H N N 384 
TYR HH   H N N 385 
TYR HXT  H N N 386 
VAL N    N N N 387 
VAL CA   C N S 388 
VAL C    C N N 389 
VAL O    O N N 390 
VAL CB   C N N 391 
VAL CG1  C N N 392 
VAL CG2  C N N 393 
VAL OXT  O N N 394 
VAL H    H N N 395 
VAL H2   H N N 396 
VAL HA   H N N 397 
VAL HB   H N N 398 
VAL HG11 H N N 399 
VAL HG12 H N N 400 
VAL HG13 H N N 401 
VAL HG21 H N N 402 
VAL HG22 H N N 403 
VAL HG23 H N N 404 
VAL HXT  H N N 405 
# 
loop_
_chem_comp_bond.comp_id 
_chem_comp_bond.atom_id_1 
_chem_comp_bond.atom_id_2 
_chem_comp_bond.value_order 
_chem_comp_bond.pdbx_aromatic_flag 
_chem_comp_bond.pdbx_stereo_config 
_chem_comp_bond.pdbx_ordinal 
ALA N   CA   sing N N 1   
ALA N   H    sing N N 2   
ALA N   H2   sing N N 3   
ALA CA  C    sing N N 4   
ALA CA  CB   sing N N 5   
ALA CA  HA   sing N N 6   
ALA C   O    doub N N 7   
ALA C   OXT  sing N N 8   
ALA CB  HB1  sing N N 9   
ALA CB  HB2  sing N N 10  
ALA CB  HB3  sing N N 11  
ALA OXT HXT  sing N N 12  
ARG N   CA   sing N N 13  
ARG N   H    sing N N 14  
ARG N   H2   sing N N 15  
ARG CA  C    sing N N 16  
ARG CA  CB   sing N N 17  
ARG CA  HA   sing N N 18  
ARG C   O    doub N N 19  
ARG C   OXT  sing N N 20  
ARG CB  CG   sing N N 21  
ARG CB  HB2  sing N N 22  
ARG CB  HB3  sing N N 23  
ARG CG  CD   sing N N 24  
ARG CG  HG2  sing N N 25  
ARG CG  HG3  sing N N 26  
ARG CD  NE   sing N N 27  
ARG CD  HD2  sing N N 28  
ARG CD  HD3  sing N N 29  
ARG NE  CZ   sing N N 30  
ARG NE  HE   sing N N 31  
ARG CZ  NH1  sing N N 32  
ARG CZ  NH2  doub N N 33  
ARG NH1 HH11 sing N N 34  
ARG NH1 HH12 sing N N 35  
ARG NH2 HH21 sing N N 36  
ARG NH2 HH22 sing N N 37  
ARG OXT HXT  sing N N 38  
ASN N   CA   sing N N 39  
ASN N   H    sing N N 40  
ASN N   H2   sing N N 41  
ASN CA  C    sing N N 42  
ASN CA  CB   sing N N 43  
ASN CA  HA   sing N N 44  
ASN C   O    doub N N 45  
ASN C   OXT  sing N N 46  
ASN CB  CG   sing N N 47  
ASN CB  HB2  sing N N 48  
ASN CB  HB3  sing N N 49  
ASN CG  OD1  doub N N 50  
ASN CG  ND2  sing N N 51  
ASN ND2 HD21 sing N N 52  
ASN ND2 HD22 sing N N 53  
ASN OXT HXT  sing N N 54  
ASP N   CA   sing N N 55  
ASP N   H    sing N N 56  
ASP N   H2   sing N N 57  
ASP CA  C    sing N N 58  
ASP CA  CB   sing N N 59  
ASP CA  HA   sing N N 60  
ASP C   O    doub N N 61  
ASP C   OXT  sing N N 62  
ASP CB  CG   sing N N 63  
ASP CB  HB2  sing N N 64  
ASP CB  HB3  sing N N 65  
ASP CG  OD1  doub N N 66  
ASP CG  OD2  sing N N 67  
ASP OD2 HD2  sing N N 68  
ASP OXT HXT  sing N N 69  
CYS N   CA   sing N N 70  
CYS N   H    sing N N 71  
CYS N   H2   sing N N 72  
CYS CA  C    sing N N 73  
CYS CA  CB   sing N N 74  
CYS CA  HA   sing N N 75  
CYS C   O    doub N N 76  
CYS C   OXT  sing N N 77  
CYS CB  SG   sing N N 78  
CYS CB  HB2  sing N N 79  
CYS CB  HB3  sing N N 80  
CYS SG  HG   sing N N 81  
CYS OXT HXT  sing N N 82  
GLN N   CA   sing N N 83  
GLN N   H    sing N N 84  
GLN N   H2   sing N N 85  
GLN CA  C    sing N N 86  
GLN CA  CB   sing N N 87  
GLN CA  HA   sing N N 88  
GLN C   O    doub N N 89  
GLN C   OXT  sing N N 90  
GLN CB  CG   sing N N 91  
GLN CB  HB2  sing N N 92  
GLN CB  HB3  sing N N 93  
GLN CG  CD   sing N N 94  
GLN CG  HG2  sing N N 95  
GLN CG  HG3  sing N N 96  
GLN CD  OE1  doub N N 97  
GLN CD  NE2  sing N N 98  
GLN NE2 HE21 sing N N 99  
GLN NE2 HE22 sing N N 100 
GLN OXT HXT  sing N N 101 
GLU N   CA   sing N N 102 
GLU N   H    sing N N 103 
GLU N   H2   sing N N 104 
GLU CA  C    sing N N 105 
GLU CA  CB   sing N N 106 
GLU CA  HA   sing N N 107 
GLU C   O    doub N N 108 
GLU C   OXT  sing N N 109 
GLU CB  CG   sing N N 110 
GLU CB  HB2  sing N N 111 
GLU CB  HB3  sing N N 112 
GLU CG  CD   sing N N 113 
GLU CG  HG2  sing N N 114 
GLU CG  HG3  sing N N 115 
GLU CD  OE1  doub N N 116 
GLU CD  OE2  sing N N 117 
GLU OE2 HE2  sing N N 118 
GLU OXT HXT  sing N N 119 
GLY N   CA   sing N N 120 
GLY N   H    sing N N 121 
GLY N   H2   sing N N 122 
GLY CA  C    sing N N 123 
GLY CA  HA2  sing N N 124 
GLY CA  HA3  sing N N 125 
GLY C   O    doub N N 126 
GLY C   OXT  sing N N 127 
GLY OXT HXT  sing N N 128 
HIS N   CA   sing N N 129 
HIS N   H    sing N N 130 
HIS N   H2   sing N N 131 
HIS CA  C    sing N N 132 
HIS CA  CB   sing N N 133 
HIS CA  HA   sing N N 134 
HIS C   O    doub N N 135 
HIS C   OXT  sing N N 136 
HIS CB  CG   sing N N 137 
HIS CB  HB2  sing N N 138 
HIS CB  HB3  sing N N 139 
HIS CG  ND1  sing Y N 140 
HIS CG  CD2  doub Y N 141 
HIS ND1 CE1  doub Y N 142 
HIS ND1 HD1  sing N N 143 
HIS CD2 NE2  sing Y N 144 
HIS CD2 HD2  sing N N 145 
HIS CE1 NE2  sing Y N 146 
HIS CE1 HE1  sing N N 147 
HIS NE2 HE2  sing N N 148 
HIS OXT HXT  sing N N 149 
HOH O   H1   sing N N 150 
HOH O   H2   sing N N 151 
ILE N   CA   sing N N 152 
ILE N   H    sing N N 153 
ILE N   H2   sing N N 154 
ILE CA  C    sing N N 155 
ILE CA  CB   sing N N 156 
ILE CA  HA   sing N N 157 
ILE C   O    doub N N 158 
ILE C   OXT  sing N N 159 
ILE CB  CG1  sing N N 160 
ILE CB  CG2  sing N N 161 
ILE CB  HB   sing N N 162 
ILE CG1 CD1  sing N N 163 
ILE CG1 HG12 sing N N 164 
ILE CG1 HG13 sing N N 165 
ILE CG2 HG21 sing N N 166 
ILE CG2 HG22 sing N N 167 
ILE CG2 HG23 sing N N 168 
ILE CD1 HD11 sing N N 169 
ILE CD1 HD12 sing N N 170 
ILE CD1 HD13 sing N N 171 
ILE OXT HXT  sing N N 172 
LEU N   CA   sing N N 173 
LEU N   H    sing N N 174 
LEU N   H2   sing N N 175 
LEU CA  C    sing N N 176 
LEU CA  CB   sing N N 177 
LEU CA  HA   sing N N 178 
LEU C   O    doub N N 179 
LEU C   OXT  sing N N 180 
LEU CB  CG   sing N N 181 
LEU CB  HB2  sing N N 182 
LEU CB  HB3  sing N N 183 
LEU CG  CD1  sing N N 184 
LEU CG  CD2  sing N N 185 
LEU CG  HG   sing N N 186 
LEU CD1 HD11 sing N N 187 
LEU CD1 HD12 sing N N 188 
LEU CD1 HD13 sing N N 189 
LEU CD2 HD21 sing N N 190 
LEU CD2 HD22 sing N N 191 
LEU CD2 HD23 sing N N 192 
LEU OXT HXT  sing N N 193 
LYS N   CA   sing N N 194 
LYS N   H    sing N N 195 
LYS N   H2   sing N N 196 
LYS CA  C    sing N N 197 
LYS CA  CB   sing N N 198 
LYS CA  HA   sing N N 199 
LYS C   O    doub N N 200 
LYS C   OXT  sing N N 201 
LYS CB  CG   sing N N 202 
LYS CB  HB2  sing N N 203 
LYS CB  HB3  sing N N 204 
LYS CG  CD   sing N N 205 
LYS CG  HG2  sing N N 206 
LYS CG  HG3  sing N N 207 
LYS CD  CE   sing N N 208 
LYS CD  HD2  sing N N 209 
LYS CD  HD3  sing N N 210 
LYS CE  NZ   sing N N 211 
LYS CE  HE2  sing N N 212 
LYS CE  HE3  sing N N 213 
LYS NZ  HZ1  sing N N 214 
LYS NZ  HZ2  sing N N 215 
LYS NZ  HZ3  sing N N 216 
LYS OXT HXT  sing N N 217 
MET N   CA   sing N N 218 
MET N   H    sing N N 219 
MET N   H2   sing N N 220 
MET CA  C    sing N N 221 
MET CA  CB   sing N N 222 
MET CA  HA   sing N N 223 
MET C   O    doub N N 224 
MET C   OXT  sing N N 225 
MET CB  CG   sing N N 226 
MET CB  HB2  sing N N 227 
MET CB  HB3  sing N N 228 
MET CG  SD   sing N N 229 
MET CG  HG2  sing N N 230 
MET CG  HG3  sing N N 231 
MET SD  CE   sing N N 232 
MET CE  HE1  sing N N 233 
MET CE  HE2  sing N N 234 
MET CE  HE3  sing N N 235 
MET OXT HXT  sing N N 236 
NCA N1  C2   doub Y N 237 
NCA N1  C6   sing Y N 238 
NCA C2  C3   sing Y N 239 
NCA C2  H2   sing N N 240 
NCA C3  C4   doub Y N 241 
NCA C3  C7   sing N N 242 
NCA C4  C5   sing Y N 243 
NCA C4  H4   sing N N 244 
NCA C5  C6   doub Y N 245 
NCA C5  H5   sing N N 246 
NCA C6  H6   sing N N 247 
NCA C7  O7   doub N N 248 
NCA C7  N7   sing N N 249 
NCA N7  HN71 sing N N 250 
NCA N7  HN72 sing N N 251 
PHE N   CA   sing N N 252 
PHE N   H    sing N N 253 
PHE N   H2   sing N N 254 
PHE CA  C    sing N N 255 
PHE CA  CB   sing N N 256 
PHE CA  HA   sing N N 257 
PHE C   O    doub N N 258 
PHE C   OXT  sing N N 259 
PHE CB  CG   sing N N 260 
PHE CB  HB2  sing N N 261 
PHE CB  HB3  sing N N 262 
PHE CG  CD1  doub Y N 263 
PHE CG  CD2  sing Y N 264 
PHE CD1 CE1  sing Y N 265 
PHE CD1 HD1  sing N N 266 
PHE CD2 CE2  doub Y N 267 
PHE CD2 HD2  sing N N 268 
PHE CE1 CZ   doub Y N 269 
PHE CE1 HE1  sing N N 270 
PHE CE2 CZ   sing Y N 271 
PHE CE2 HE2  sing N N 272 
PHE CZ  HZ   sing N N 273 
PHE OXT HXT  sing N N 274 
PRO N   CA   sing N N 275 
PRO N   CD   sing N N 276 
PRO N   H    sing N N 277 
PRO CA  C    sing N N 278 
PRO CA  CB   sing N N 279 
PRO CA  HA   sing N N 280 
PRO C   O    doub N N 281 
PRO C   OXT  sing N N 282 
PRO CB  CG   sing N N 283 
PRO CB  HB2  sing N N 284 
PRO CB  HB3  sing N N 285 
PRO CG  CD   sing N N 286 
PRO CG  HG2  sing N N 287 
PRO CG  HG3  sing N N 288 
PRO CD  HD2  sing N N 289 
PRO CD  HD3  sing N N 290 
PRO OXT HXT  sing N N 291 
SER N   CA   sing N N 292 
SER N   H    sing N N 293 
SER N   H2   sing N N 294 
SER CA  C    sing N N 295 
SER CA  CB   sing N N 296 
SER CA  HA   sing N N 297 
SER C   O    doub N N 298 
SER C   OXT  sing N N 299 
SER CB  OG   sing N N 300 
SER CB  HB2  sing N N 301 
SER CB  HB3  sing N N 302 
SER OG  HG   sing N N 303 
SER OXT HXT  sing N N 304 
THR N   CA   sing N N 305 
THR N   H    sing N N 306 
THR N   H2   sing N N 307 
THR CA  C    sing N N 308 
THR CA  CB   sing N N 309 
THR CA  HA   sing N N 310 
THR C   O    doub N N 311 
THR C   OXT  sing N N 312 
THR CB  OG1  sing N N 313 
THR CB  CG2  sing N N 314 
THR CB  HB   sing N N 315 
THR OG1 HG1  sing N N 316 
THR CG2 HG21 sing N N 317 
THR CG2 HG22 sing N N 318 
THR CG2 HG23 sing N N 319 
THR OXT HXT  sing N N 320 
TRP N   CA   sing N N 321 
TRP N   H    sing N N 322 
TRP N   H2   sing N N 323 
TRP CA  C    sing N N 324 
TRP CA  CB   sing N N 325 
TRP CA  HA   sing N N 326 
TRP C   O    doub N N 327 
TRP C   OXT  sing N N 328 
TRP CB  CG   sing N N 329 
TRP CB  HB2  sing N N 330 
TRP CB  HB3  sing N N 331 
TRP CG  CD1  doub Y N 332 
TRP CG  CD2  sing Y N 333 
TRP CD1 NE1  sing Y N 334 
TRP CD1 HD1  sing N N 335 
TRP CD2 CE2  doub Y N 336 
TRP CD2 CE3  sing Y N 337 
TRP NE1 CE2  sing Y N 338 
TRP NE1 HE1  sing N N 339 
TRP CE2 CZ2  sing Y N 340 
TRP CE3 CZ3  doub Y N 341 
TRP CE3 HE3  sing N N 342 
TRP CZ2 CH2  doub Y N 343 
TRP CZ2 HZ2  sing N N 344 
TRP CZ3 CH2  sing Y N 345 
TRP CZ3 HZ3  sing N N 346 
TRP CH2 HH2  sing N N 347 
TRP OXT HXT  sing N N 348 
TYR N   CA   sing N N 349 
TYR N   H    sing N N 350 
TYR N   H2   sing N N 351 
TYR CA  C    sing N N 352 
TYR CA  CB   sing N N 353 
TYR CA  HA   sing N N 354 
TYR C   O    doub N N 355 
TYR C   OXT  sing N N 356 
TYR CB  CG   sing N N 357 
TYR CB  HB2  sing N N 358 
TYR CB  HB3  sing N N 359 
TYR CG  CD1  doub Y N 360 
TYR CG  CD2  sing Y N 361 
TYR CD1 CE1  sing Y N 362 
TYR CD1 HD1  sing N N 363 
TYR CD2 CE2  doub Y N 364 
TYR CD2 HD2  sing N N 365 
TYR CE1 CZ   doub Y N 366 
TYR CE1 HE1  sing N N 367 
TYR CE2 CZ   sing Y N 368 
TYR CE2 HE2  sing N N 369 
TYR CZ  OH   sing N N 370 
TYR OH  HH   sing N N 371 
TYR OXT HXT  sing N N 372 
VAL N   CA   sing N N 373 
VAL N   H    sing N N 374 
VAL N   H2   sing N N 375 
VAL CA  C    sing N N 376 
VAL CA  CB   sing N N 377 
VAL CA  HA   sing N N 378 
VAL C   O    doub N N 379 
VAL C   OXT  sing N N 380 
VAL CB  CG1  sing N N 381 
VAL CB  CG2  sing N N 382 
VAL CB  HB   sing N N 383 
VAL CG1 HG11 sing N N 384 
VAL CG1 HG12 sing N N 385 
VAL CG1 HG13 sing N N 386 
VAL CG2 HG21 sing N N 387 
VAL CG2 HG22 sing N N 388 
VAL CG2 HG23 sing N N 389 
VAL OXT HXT  sing N N 390 
# 
_pdbx_initial_refinement_model.accession_code   ? 
_pdbx_initial_refinement_model.id               1 
_pdbx_initial_refinement_model.entity_id_list   ? 
_pdbx_initial_refinement_model.type             'experimental model' 
_pdbx_initial_refinement_model.source_name      Other 
_pdbx_initial_refinement_model.details          
'the model was obtained from a SAD solution from the data collected on SeMet variant of the same protein.' 
# 
_atom_sites.entry_id                    2A15 
_atom_sites.fract_transf_matrix[1][1]   0.00827164 
_atom_sites.fract_transf_matrix[1][2]   -0.01859150 
_atom_sites.fract_transf_matrix[1][3]   -0.00415449 
_atom_sites.fract_transf_matrix[2][1]   -0.01016024 
_atom_sites.fract_transf_matrix[2][2]   -0.01731108 
_atom_sites.fract_transf_matrix[2][3]   0.00532971 
_atom_sites.fract_transf_matrix[3][1]   -0.00437068 
_atom_sites.fract_transf_matrix[3][2]   -0.00004792 
_atom_sites.fract_transf_matrix[3][3]   -0.00848764 
_atom_sites.fract_transf_vector[1]      -0.007652 
_atom_sites.fract_transf_vector[2]      -0.274247 
_atom_sites.fract_transf_vector[3]      -0.001008 
# 
loop_
_atom_type.symbol 
C 
N 
O 
S 
# 
loop_
_atom_site.group_PDB 
_atom_site.id 
_atom_site.type_symbol 
_atom_site.label_atom_id 
_atom_site.label_alt_id 
_atom_site.label_comp_id 
_atom_site.label_asym_id 
_atom_site.label_entity_id 
_atom_site.label_seq_id 
_atom_site.pdbx_PDB_ins_code 
_atom_site.Cartn_x 
_atom_site.Cartn_y 
_atom_site.Cartn_z 
_atom_site.occupancy 
_atom_site.B_iso_or_equiv 
_atom_site.pdbx_formal_charge 
_atom_site.auth_seq_id 
_atom_site.auth_comp_id 
_atom_site.auth_asym_id 
_atom_site.auth_atom_id 
_atom_site.pdbx_PDB_model_num 
ATOM   1    N N   . THR A 1 5   ? -5.716  6.652   -22.808 1.00 52.81 ? 5    THR A N   1 
ATOM   2    C CA  . THR A 1 5   ? -6.100  5.716   -21.711 1.00 48.60 ? 5    THR A CA  1 
ATOM   3    C C   . THR A 1 5   ? -5.000  5.587   -20.660 1.00 45.21 ? 5    THR A C   1 
ATOM   4    O O   . THR A 1 5   ? -3.824  5.854   -20.923 1.00 47.41 ? 5    THR A O   1 
ATOM   5    C CB  . THR A 1 5   ? -6.471  4.301   -22.232 1.00 49.18 ? 5    THR A CB  1 
ATOM   6    O OG1 . THR A 1 5   ? -5.405  3.779   -23.040 1.00 54.77 ? 5    THR A OG1 1 
ATOM   7    C CG2 . THR A 1 5   ? -7.770  4.336   -23.031 1.00 49.78 ? 5    THR A CG2 1 
ATOM   8    N N   . GLN A 1 6   ? -5.408  5.147   -19.472 1.00 36.99 ? 6    GLN A N   1 
ATOM   9    C CA  . GLN A 1 6   ? -4.539  5.064   -18.304 1.00 30.13 ? 6    GLN A CA  1 
ATOM   10   C C   . GLN A 1 6   ? -3.571  3.900   -18.356 1.00 23.63 ? 6    GLN A C   1 
ATOM   11   O O   . GLN A 1 6   ? -3.865  2.841   -18.929 1.00 22.33 ? 6    GLN A O   1 
ATOM   12   C CB  . GLN A 1 6   ? -5.408  4.922   -17.084 1.00 29.80 ? 6    GLN A CB  1 
ATOM   13   C CG  . GLN A 1 6   ? -6.315  6.112   -16.872 1.00 33.07 ? 6    GLN A CG  1 
ATOM   14   C CD  . GLN A 1 6   ? -7.097  5.955   -15.608 1.00 33.76 ? 6    GLN A CD  1 
ATOM   15   O OE1 . GLN A 1 6   ? -7.515  4.839   -15.265 1.00 33.87 ? 6    GLN A OE1 1 
ATOM   16   N NE2 . GLN A 1 6   ? -7.278  7.056   -14.879 1.00 39.65 ? 6    GLN A NE2 1 
ATOM   17   N N   . SER A 1 7   ? -2.398  4.075   -17.734 1.00 19.04 ? 7    SER A N   1 
ATOM   18   C CA  . SER A 1 7   ? -1.385  3.055   -17.782 1.00 16.94 ? 7    SER A CA  1 
ATOM   19   C C   . SER A 1 7   ? -1.769  1.880   -16.851 1.00 14.87 ? 7    SER A C   1 
ATOM   20   O O   . SER A 1 7   ? -2.525  2.098   -15.903 1.00 17.30 ? 7    SER A O   1 
ATOM   21   C CB  A SER A 1 7   ? -0.017  3.605   -17.352 0.50 18.44 ? 7    SER A CB  1 
ATOM   22   C CB  B SER A 1 7   ? -0.066  3.670   -17.288 0.50 19.20 ? 7    SER A CB  1 
ATOM   23   O OG  A SER A 1 7   ? 0.128   3.408   -15.954 0.50 12.74 ? 7    SER A OG  1 
ATOM   24   O OG  B SER A 1 7   ? -0.277  4.268   -16.006 0.50 10.22 ? 7    SER A OG  1 
ATOM   25   N N   . PRO A 1 8   ? -1.235  0.671   -17.099 1.00 14.20 ? 8    PRO A N   1 
ATOM   26   C CA  . PRO A 1 8   ? -1.477  -0.457  -16.202 1.00 16.63 ? 8    PRO A CA  1 
ATOM   27   C C   . PRO A 1 8   ? -1.031  -0.130  -14.770 1.00 19.26 ? 8    PRO A C   1 
ATOM   28   O O   . PRO A 1 8   ? -1.685  -0.531  -13.815 1.00 16.27 ? 8    PRO A O   1 
ATOM   29   C CB  . PRO A 1 8   ? -0.568  -1.550  -16.757 1.00 18.60 ? 8    PRO A CB  1 
ATOM   30   C CG  . PRO A 1 8   ? -0.434  -1.216  -18.225 1.00 24.10 ? 8    PRO A CG  1 
ATOM   31   C CD  . PRO A 1 8   ? -0.414  0.265   -18.266 1.00 17.71 ? 8    PRO A CD  1 
ATOM   32   N N   . ALA A 1 9   ? 0.080   0.582   -14.627 1.00 15.63 ? 9    ALA A N   1 
ATOM   33   C CA  . ALA A 1 9   ? 0.491   0.984   -13.247 1.00 15.17 ? 9    ALA A CA  1 
ATOM   34   C C   . ALA A 1 9   ? -0.468  1.918   -12.553 1.00 15.65 ? 9    ALA A C   1 
ATOM   35   O O   . ALA A 1 9   ? -0.705  1.755   -11.319 1.00 15.48 ? 9    ALA A O   1 
ATOM   36   C CB  . ALA A 1 9   ? 1.961   1.534   -13.227 1.00 12.55 ? 9    ALA A CB  1 
ATOM   37   N N   . LEU A 1 10  ? -1.029  2.908   -13.283 1.00 11.31 ? 10   LEU A N   1 
ATOM   38   C CA  . LEU A 1 10  ? -1.925  3.841   -12.705 1.00 14.45 ? 10   LEU A CA  1 
ATOM   39   C C   . LEU A 1 10  ? -3.223  3.094   -12.359 1.00 16.16 ? 10   LEU A C   1 
ATOM   40   O O   . LEU A 1 10  ? -3.778  3.283   -11.291 1.00 16.20 ? 10   LEU A O   1 
ATOM   41   C CB  . LEU A 1 10  ? -2.234  4.980   -13.656 1.00 15.30 ? 10   LEU A CB  1 
ATOM   42   C CG  . LEU A 1 10  ? -3.171  6.035   -13.077 1.00 14.87 ? 10   LEU A CG  1 
ATOM   43   C CD1 . LEU A 1 10  ? -2.689  6.658   -11.765 1.00 18.37 ? 10   LEU A CD1 1 
ATOM   44   C CD2 . LEU A 1 10  ? -3.488  7.128   -14.132 1.00 18.92 ? 10   LEU A CD2 1 
ATOM   45   N N   . ILE A 1 11  ? -3.684  2.255   -13.282 1.00 15.58 ? 11   ILE A N   1 
ATOM   46   C CA  . ILE A 1 11  ? -4.894  1.456   -13.017 1.00 17.20 ? 11   ILE A CA  1 
ATOM   47   C C   . ILE A 1 11  ? -4.780  0.614   -11.740 1.00 17.96 ? 11   ILE A C   1 
ATOM   48   O O   . ILE A 1 11  ? -5.671  0.669   -10.889 1.00 17.92 ? 11   ILE A O   1 
ATOM   49   C CB  . ILE A 1 11  ? -5.285  0.591   -14.230 1.00 18.19 ? 11   ILE A CB  1 
ATOM   50   C CG1 . ILE A 1 11  ? -5.757  1.527   -15.345 1.00 19.37 ? 11   ILE A CG1 1 
ATOM   51   C CG2 . ILE A 1 11  ? -6.428  -0.400  -13.808 1.00 20.61 ? 11   ILE A CG2 1 
ATOM   52   C CD1 . ILE A 1 11  ? -5.869  0.887   -16.717 1.00 23.28 ? 11   ILE A CD1 1 
ATOM   53   N N   . ALA A 1 12  ? -3.668  -0.100  -11.611 1.00 14.20 ? 12   ALA A N   1 
ATOM   54   C CA  . ALA A 1 12  ? -3.396  -0.998  -10.472 1.00 14.43 ? 12   ALA A CA  1 
ATOM   55   C C   . ALA A 1 12  ? -3.295  -0.183  -9.187  1.00 17.17 ? 12   ALA A C   1 
ATOM   56   O O   . ALA A 1 12  ? -3.899  -0.544  -8.183  1.00 14.77 ? 12   ALA A O   1 
ATOM   57   C CB  . ALA A 1 12  ? -2.191  -1.849  -10.695 1.00 16.94 ? 12   ALA A CB  1 
ATOM   58   N N   . SER A 1 13  ? -2.565  0.937   -9.209  1.00 17.32 ? 13   SER A N   1 
ATOM   59   C CA  . SER A 1 13  ? -2.461  1.713   -7.972  1.00 15.67 ? 13   SER A CA  1 
ATOM   60   C C   . SER A 1 13  ? -3.776  2.380   -7.564  1.00 17.06 ? 13   SER A C   1 
ATOM   61   O O   . SER A 1 13  ? -4.175  2.289   -6.403  1.00 18.83 ? 13   SER A O   1 
ATOM   62   C CB  A SER A 1 13  ? -1.266  2.671   -7.941  0.35 20.80 ? 13   SER A CB  1 
ATOM   63   C CB  B SER A 1 13  ? -1.319  2.752   -8.110  0.65 20.01 ? 13   SER A CB  1 
ATOM   64   O OG  A SER A 1 13  ? -0.941  3.103   -9.222  0.35 4.39  ? 13   SER A OG  1 
ATOM   65   O OG  B SER A 1 13  ? -1.689  3.826   -8.953  0.65 16.57 ? 13   SER A OG  1 
ATOM   66   N N   . GLN A 1 14  ? -4.482  3.020   -8.502  1.00 15.87 ? 14   GLN A N   1 
ATOM   67   C CA  . GLN A 1 14  ? -5.771  3.591   -8.187  1.00 15.88 ? 14   GLN A CA  1 
ATOM   68   C C   . GLN A 1 14  ? -6.747  2.499   -7.740  1.00 18.53 ? 14   GLN A C   1 
ATOM   69   O O   . GLN A 1 14  ? -7.486  2.700   -6.775  1.00 19.29 ? 14   GLN A O   1 
ATOM   70   C CB  . GLN A 1 14  ? -6.330  4.381   -9.357  1.00 21.34 ? 14   GLN A CB  1 
ATOM   71   C CG  . GLN A 1 14  ? -5.541  5.646   -9.626  1.00 20.55 ? 14   GLN A CG  1 
ATOM   72   C CD  . GLN A 1 14  ? -6.188  6.542   -10.667 1.00 27.89 ? 14   GLN A CD  1 
ATOM   73   O OE1 . GLN A 1 14  ? -6.847  6.063   -11.578 1.00 27.07 ? 14   GLN A OE1 1 
ATOM   74   N NE2 . GLN A 1 14  ? -5.976  7.854   -10.539 1.00 31.06 ? 14   GLN A NE2 1 
ATOM   75   N N   . SER A 1 15  ? -6.714  1.340   -8.403  1.00 18.26 ? 15   SER A N   1 
ATOM   76   C CA  . SER A 1 15  ? -7.605  0.246   -7.993  1.00 18.05 ? 15   SER A CA  1 
ATOM   77   C C   . SER A 1 15  ? -7.306  -0.222  -6.578  1.00 18.58 ? 15   SER A C   1 
ATOM   78   O O   . SER A 1 15  ? -8.237  -0.504  -5.826  1.00 16.96 ? 15   SER A O   1 
ATOM   79   C CB  . SER A 1 15  ? -7.560  -0.939  -8.952  1.00 18.05 ? 15   SER A CB  1 
ATOM   80   O OG  . SER A 1 15  ? -8.194  -0.543  -10.160 1.00 18.12 ? 15   SER A OG  1 
ATOM   81   N N   . SER A 1 16  ? -6.019  -0.268  -6.222  1.00 14.36 ? 16   SER A N   1 
ATOM   82   C CA  . SER A 1 16  ? -5.640  -0.733  -4.899  1.00 15.65 ? 16   SER A CA  1 
ATOM   83   C C   . SER A 1 16  ? -6.253  0.153   -3.793  1.00 19.10 ? 16   SER A C   1 
ATOM   84   O O   . SER A 1 16  ? -6.783  -0.380  -2.808  1.00 19.33 ? 16   SER A O   1 
ATOM   85   C CB  . SER A 1 16  ? -4.115  -0.884  -4.784  1.00 16.16 ? 16   SER A CB  1 
ATOM   86   O OG  . SER A 1 16  ? -3.482  0.386   -4.654  1.00 18.05 ? 16   SER A OG  1 
ATOM   87   N N   . TRP A 1 17  ? -6.260  1.484   -3.980  1.00 18.02 ? 17   TRP A N   1 
ATOM   88   C CA  . TRP A 1 17  ? -6.866  2.369   -2.967  1.00 20.78 ? 17   TRP A CA  1 
ATOM   89   C C   . TRP A 1 17  ? -8.385  2.294   -2.962  1.00 20.35 ? 17   TRP A C   1 
ATOM   90   O O   . TRP A 1 17  ? -8.996  2.361   -1.920  1.00 20.27 ? 17   TRP A O   1 
ATOM   91   C CB  A TRP A 1 17  ? -6.204  3.737   -2.714  0.35 25.91 ? 17   TRP A CB  1 
ATOM   92   C CB  B TRP A 1 17  ? -6.565  3.846   -3.306  0.65 23.32 ? 17   TRP A CB  1 
ATOM   93   C CG  A TRP A 1 17  ? -6.023  4.658   -3.848  0.35 12.80 ? 17   TRP A CG  1 
ATOM   94   C CG  B TRP A 1 17  ? -5.169  4.134   -3.779  0.65 12.05 ? 17   TRP A CG  1 
ATOM   95   C CD1 A TRP A 1 17  ? -6.976  5.404   -4.450  0.35 20.84 ? 17   TRP A CD1 1 
ATOM   96   C CD1 B TRP A 1 17  ? -4.042  3.505   -3.388  0.65 16.18 ? 17   TRP A CD1 1 
ATOM   97   C CD2 A TRP A 1 17  ? -4.775  5.008   -4.471  0.35 26.11 ? 17   TRP A CD2 1 
ATOM   98   C CD2 B TRP A 1 17  ? -4.770  5.120   -4.755  0.65 12.17 ? 17   TRP A CD2 1 
ATOM   99   N NE1 A TRP A 1 17  ? -6.417  6.180   -5.443  0.35 24.59 ? 17   TRP A NE1 1 
ATOM   100  N NE1 B TRP A 1 17  ? -2.951  4.042   -4.022  0.65 11.55 ? 17   TRP A NE1 1 
ATOM   101  C CE2 A TRP A 1 17  ? -5.065  5.954   -5.474  0.35 17.81 ? 17   TRP A CE2 1 
ATOM   102  C CE2 B TRP A 1 17  ? -3.367  5.041   -4.868  0.65 21.62 ? 17   TRP A CE2 1 
ATOM   103  C CE3 A TRP A 1 17  ? -3.443  4.603   -4.282  0.35 7.05  ? 17   TRP A CE3 1 
ATOM   104  C CE3 B TRP A 1 17  ? -5.462  6.101   -5.488  0.65 15.97 ? 17   TRP A CE3 1 
ATOM   105  C CZ2 A TRP A 1 17  ? -4.071  6.500   -6.305  0.35 23.27 ? 17   TRP A CZ2 1 
ATOM   106  C CZ2 B TRP A 1 17  ? -2.632  5.871   -5.731  0.65 20.09 ? 17   TRP A CZ2 1 
ATOM   107  C CZ3 A TRP A 1 17  ? -2.453  5.146   -5.105  0.35 14.96 ? 17   TRP A CZ3 1 
ATOM   108  C CZ3 B TRP A 1 17  ? -4.736  6.932   -6.363  0.65 13.29 ? 17   TRP A CZ3 1 
ATOM   109  C CH2 A TRP A 1 17  ? -2.776  6.089   -6.100  0.35 15.04 ? 17   TRP A CH2 1 
ATOM   110  C CH2 B TRP A 1 17  ? -3.330  6.791   -6.477  0.65 12.75 ? 17   TRP A CH2 1 
ATOM   111  N N   . ARG A 1 18  ? -8.962  2.140   -4.141  1.00 21.94 ? 18   ARG A N   1 
ATOM   112  C CA  . ARG A 1 18  ? -10.398 1.947   -4.276  1.00 21.95 ? 18   ARG A CA  1 
ATOM   113  C C   . ARG A 1 18  ? -10.832 0.706   -3.485  1.00 18.31 ? 18   ARG A C   1 
ATOM   114  O O   . ARG A 1 18  ? -11.843 0.746   -2.774  1.00 20.51 ? 18   ARG A O   1 
ATOM   115  C CB  . ARG A 1 18  ? -10.754 1.828   -5.754  1.00 24.91 ? 18   ARG A CB  1 
ATOM   116  C CG  . ARG A 1 18  ? -10.911 3.198   -6.346  1.00 39.43 ? 18   ARG A CG  1 
ATOM   117  C CD  . ARG A 1 18  ? -10.725 3.228   -7.835  1.00 57.31 ? 18   ARG A CD  1 
ATOM   118  N NE  . ARG A 1 18  ? -10.580 4.604   -8.308  1.00 64.81 ? 18   ARG A NE  1 
ATOM   119  C CZ  . ARG A 1 18  ? -10.209 4.944   -9.537  1.00 69.03 ? 18   ARG A CZ  1 
ATOM   120  N NH1 . ARG A 1 18  ? -10.107 6.225   -9.862  1.00 76.30 ? 18   ARG A NH1 1 
ATOM   121  N NH2 . ARG A 1 18  ? -9.944  4.008   -10.442 1.00 71.59 ? 18   ARG A NH2 1 
ATOM   122  N N   . CYS A 1 19  ? -10.067 -0.378  -3.605  1.00 17.54 ? 19   CYS A N   1 
ATOM   123  C CA  . CYS A 1 19  ? -10.404 -1.604  -2.863  1.00 19.30 ? 19   CYS A CA  1 
ATOM   124  C C   . CYS A 1 19  ? -10.224 -1.402  -1.350  1.00 20.89 ? 19   CYS A C   1 
ATOM   125  O O   . CYS A 1 19  ? -11.019 -1.908  -0.538  1.00 20.05 ? 19   CYS A O   1 
ATOM   126  C CB  . CYS A 1 19  ? -9.572  -2.775  -3.340  1.00 17.95 ? 19   CYS A CB  1 
ATOM   127  S SG  . CYS A 1 19  ? -10.014 -3.385  -4.982  1.00 20.81 ? 19   CYS A SG  1 
ATOM   128  N N   . VAL A 1 20  ? -9.192  -0.644  -0.962  1.00 18.53 ? 20   VAL A N   1 
ATOM   129  C CA  . VAL A 1 20  ? -9.035  -0.300  0.445   1.00 20.29 ? 20   VAL A CA  1 
ATOM   130  C C   . VAL A 1 20  ? -10.282 0.450   0.918   1.00 21.00 ? 20   VAL A C   1 
ATOM   131  O O   . VAL A 1 20  ? -10.869 0.106   1.955   1.00 22.28 ? 20   VAL A O   1 
ATOM   132  C CB  . VAL A 1 20  ? -7.711  0.488   0.754   1.00 15.03 ? 20   VAL A CB  1 
ATOM   133  C CG1 . VAL A 1 20  ? -7.715  1.037   2.204   1.00 19.80 ? 20   VAL A CG1 1 
ATOM   134  C CG2 . VAL A 1 20  ? -6.492  -0.435  0.558   1.00 14.81 ? 20   VAL A CG2 1 
ATOM   135  N N   . GLN A 1 21  ? -10.699 1.463   0.164   1.00 19.80 ? 21   GLN A N   1 
ATOM   136  C CA  . GLN A 1 21  ? -11.806 2.330   0.596   1.00 20.43 ? 21   GLN A CA  1 
ATOM   137  C C   . GLN A 1 21  ? -13.129 1.534   0.625   1.00 18.22 ? 21   GLN A C   1 
ATOM   138  O O   . GLN A 1 21  ? -13.986 1.771   1.478   1.00 24.55 ? 21   GLN A O   1 
ATOM   139  C CB  A GLN A 1 21  ? -11.909 3.634   -0.215  0.65 20.53 ? 21   GLN A CB  1 
ATOM   140  C CB  B GLN A 1 21  ? -11.962 3.499   -0.389  0.35 17.45 ? 21   GLN A CB  1 
ATOM   141  C CG  A GLN A 1 21  ? -10.650 4.537   -0.180  0.65 26.54 ? 21   GLN A CG  1 
ATOM   142  C CG  B GLN A 1 21  ? -12.763 4.707   0.133   0.35 19.58 ? 21   GLN A CG  1 
ATOM   143  C CD  A GLN A 1 21  ? -10.284 5.196   1.185   0.65 33.66 ? 21   GLN A CD  1 
ATOM   144  C CD  B GLN A 1 21  ? -14.281 4.561   0.038   0.35 25.78 ? 21   GLN A CD  1 
ATOM   145  O OE1 A GLN A 1 21  ? -9.309  4.806   1.832   0.65 12.79 ? 21   GLN A OE1 1 
ATOM   146  O OE1 B GLN A 1 21  ? -15.013 5.116   0.859   0.35 24.10 ? 21   GLN A OE1 1 
ATOM   147  N NE2 A GLN A 1 21  ? -11.028 6.229   1.572   0.65 34.58 ? 21   GLN A NE2 1 
ATOM   148  N NE2 B GLN A 1 21  ? -14.758 3.823   -0.960  0.35 26.03 ? 21   GLN A NE2 1 
ATOM   149  N N   . ALA A 1 22  ? -13.248 0.576   -0.288  1.00 17.96 ? 22   ALA A N   1 
ATOM   150  C CA  . ALA A 1 22  ? -14.437 -0.279  -0.395  1.00 17.59 ? 22   ALA A CA  1 
ATOM   151  C C   . ALA A 1 22  ? -14.425 -1.441  0.607   1.00 22.62 ? 22   ALA A C   1 
ATOM   152  O O   . ALA A 1 22  ? -15.353 -2.278  0.610   1.00 21.74 ? 22   ALA A O   1 
ATOM   153  C CB  . ALA A 1 22  ? -14.550 -0.802  -1.811  1.00 19.33 ? 22   ALA A CB  1 
ATOM   154  N N   . HIS A 1 23  ? -13.367 -1.539  1.424   1.00 15.98 ? 23   HIS A N   1 
ATOM   155  C CA  . HIS A 1 23  ? -13.235 -2.669  2.369   1.00 15.96 ? 23   HIS A CA  1 
ATOM   156  C C   . HIS A 1 23  ? -13.311 -4.005  1.672   1.00 22.42 ? 23   HIS A C   1 
ATOM   157  O O   . HIS A 1 23  ? -14.019 -4.925  2.115   1.00 18.66 ? 23   HIS A O   1 
ATOM   158  C CB  . HIS A 1 23  ? -14.306 -2.584  3.495   1.00 18.21 ? 23   HIS A CB  1 
ATOM   159  C CG  . HIS A 1 23  ? -14.283 -1.311  4.289   1.00 26.05 ? 23   HIS A CG  1 
ATOM   160  N ND1 . HIS A 1 23  ? -13.189 -0.474  4.353   1.00 39.25 ? 23   HIS A ND1 1 
ATOM   161  C CD2 . HIS A 1 23  ? -15.222 -0.757  5.091   1.00 44.47 ? 23   HIS A CD2 1 
ATOM   162  C CE1 . HIS A 1 23  ? -13.469 0.553   5.137   1.00 29.37 ? 23   HIS A CE1 1 
ATOM   163  N NE2 . HIS A 1 23  ? -14.692 0.401   5.602   1.00 40.27 ? 23   HIS A NE2 1 
ATOM   164  N N   . ASP A 1 24  ? -12.571 -4.126  0.568   1.00 15.15 ? 24   ASP A N   1 
ATOM   165  C CA  . ASP A 1 24  ? -12.723 -5.274  -0.326  1.00 16.97 ? 24   ASP A CA  1 
ATOM   166  C C   . ASP A 1 24  ? -11.451 -6.091  -0.422  1.00 18.42 ? 24   ASP A C   1 
ATOM   167  O O   . ASP A 1 24  ? -10.607 -5.862  -1.288  1.00 15.65 ? 24   ASP A O   1 
ATOM   168  C CB  . ASP A 1 24  ? -13.246 -4.790  -1.690  1.00 19.49 ? 24   ASP A CB  1 
ATOM   169  C CG  . ASP A 1 24  ? -13.369 -5.901  -2.736  1.00 22.69 ? 24   ASP A CG  1 
ATOM   170  O OD1 . ASP A 1 24  ? -13.336 -7.118  -2.417  1.00 19.85 ? 24   ASP A OD1 1 
ATOM   171  O OD2 . ASP A 1 24  ? -13.481 -5.529  -3.935  1.00 26.12 ? 24   ASP A OD2 1 
ATOM   172  N N   . ARG A 1 25  ? -11.328 -7.075  0.470   1.00 15.58 ? 25   ARG A N   1 
ATOM   173  C CA  . ARG A 1 25  ? -10.138 -7.891  0.574   1.00 13.27 ? 25   ARG A CA  1 
ATOM   174  C C   . ARG A 1 25  ? -9.944  -8.723  -0.690  1.00 17.30 ? 25   ARG A C   1 
ATOM   175  O O   . ARG A 1 25  ? -8.854  -8.761  -1.243  1.00 13.74 ? 25   ARG A O   1 
ATOM   176  C CB  . ARG A 1 25  ? -10.201 -8.776  1.831   1.00 15.41 ? 25   ARG A CB  1 
ATOM   177  C CG  . ARG A 1 25  ? -8.971  -9.619  2.090   1.00 13.71 ? 25   ARG A CG  1 
ATOM   178  C CD  . ARG A 1 25  ? -9.373  -10.628 3.162   1.00 15.80 ? 25   ARG A CD  1 
ATOM   179  N NE  . ARG A 1 25  ? -8.284  -11.268 3.909   1.00 13.86 ? 25   ARG A NE  1 
ATOM   180  C CZ  . ARG A 1 25  ? -7.716  -12.422 3.620   1.00 16.49 ? 25   ARG A CZ  1 
ATOM   181  N NH1 . ARG A 1 25  ? -8.105  -13.126 2.548   1.00 17.51 ? 25   ARG A NH1 1 
ATOM   182  N NH2 . ARG A 1 25  ? -6.772  -12.905 4.431   1.00 17.88 ? 25   ARG A NH2 1 
ATOM   183  N N   . GLU A 1 26  ? -11.017 -9.362  -1.177  1.00 14.58 ? 26   GLU A N   1 
ATOM   184  C CA  . GLU A 1 26  ? -10.906 -10.175 -2.383  1.00 16.35 ? 26   GLU A CA  1 
ATOM   185  C C   . GLU A 1 26  ? -10.456 -9.337  -3.586  1.00 11.28 ? 26   GLU A C   1 
ATOM   186  O O   . GLU A 1 26  ? -9.557  -9.744  -4.310  1.00 17.97 ? 26   GLU A O   1 
ATOM   187  C CB  . GLU A 1 26  ? -12.256 -10.853 -2.683  1.00 18.28 ? 26   GLU A CB  1 
ATOM   188  C CG  . GLU A 1 26  ? -12.500 -12.053 -1.784  1.00 30.49 ? 26   GLU A CG  1 
ATOM   189  C CD  . GLU A 1 26  ? -13.862 -12.716 -2.026  1.00 32.80 ? 26   GLU A CD  1 
ATOM   190  O OE1 . GLU A 1 26  ? -14.274 -13.548 -1.162  1.00 42.13 ? 26   GLU A OE1 1 
ATOM   191  O OE2 . GLU A 1 26  ? -14.506 -12.392 -3.071  1.00 30.37 ? 26   GLU A OE2 1 
ATOM   192  N N   . GLY A 1 27  ? -11.046 -8.146  -3.732  1.00 16.41 ? 27   GLY A N   1 
ATOM   193  C CA  . GLY A 1 27  ? -10.758 -7.283  -4.876  1.00 17.54 ? 27   GLY A CA  1 
ATOM   194  C C   . GLY A 1 27  ? -9.319  -6.781  -4.781  1.00 18.12 ? 27   GLY A C   1 
ATOM   195  O O   . GLY A 1 27  ? -8.601  -6.758  -5.774  1.00 17.74 ? 27   GLY A O   1 
ATOM   196  N N   . TRP A 1 28  ? -8.891  -6.456  -3.567  1.00 14.89 ? 28   TRP A N   1 
ATOM   197  C CA  . TRP A 1 28  ? -7.487  -6.022  -3.333  1.00 15.51 ? 28   TRP A CA  1 
ATOM   198  C C   . TRP A 1 28  ? -6.461  -7.118  -3.685  1.00 15.16 ? 28   TRP A C   1 
ATOM   199  O O   . TRP A 1 28  ? -5.512  -6.878  -4.446  1.00 18.99 ? 28   TRP A O   1 
ATOM   200  C CB  . TRP A 1 28  ? -7.370  -5.526  -1.869  1.00 12.56 ? 28   TRP A CB  1 
ATOM   201  C CG  . TRP A 1 28  ? -6.086  -4.755  -1.546  1.00 13.82 ? 28   TRP A CG  1 
ATOM   202  C CD1 . TRP A 1 28  ? -5.817  -3.426  -1.800  1.00 17.32 ? 28   TRP A CD1 1 
ATOM   203  C CD2 . TRP A 1 28  ? -4.951  -5.283  -0.896  1.00 16.48 ? 28   TRP A CD2 1 
ATOM   204  N NE1 . TRP A 1 28  ? -4.541  -3.101  -1.333  1.00 14.93 ? 28   TRP A NE1 1 
ATOM   205  C CE2 . TRP A 1 28  ? -3.995  -4.227  -0.778  1.00 15.62 ? 28   TRP A CE2 1 
ATOM   206  C CE3 . TRP A 1 28  ? -4.635  -6.551  -0.369  1.00 15.59 ? 28   TRP A CE3 1 
ATOM   207  C CZ2 . TRP A 1 28  ? -2.751  -4.414  -0.146  1.00 17.17 ? 28   TRP A CZ2 1 
ATOM   208  C CZ3 . TRP A 1 28  ? -3.401  -6.729  0.245   1.00 20.85 ? 28   TRP A CZ3 1 
ATOM   209  C CH2 . TRP A 1 28  ? -2.472  -5.657  0.348   1.00 15.11 ? 28   TRP A CH2 1 
ATOM   210  N N   . LEU A 1 29  ? -6.666  -8.350  -3.194  1.00 12.02 ? 29   LEU A N   1 
ATOM   211  C CA  . LEU A 1 29  ? -5.806  -9.479  -3.487  1.00 14.41 ? 29   LEU A CA  1 
ATOM   212  C C   . LEU A 1 29  ? -5.740  -9.818  -4.997  1.00 13.60 ? 29   LEU A C   1 
ATOM   213  O O   . LEU A 1 29  ? -4.694  -10.229 -5.508  1.00 17.44 ? 29   LEU A O   1 
ATOM   214  C CB  . LEU A 1 29  ? -6.243  -10.685 -2.646  1.00 19.79 ? 29   LEU A CB  1 
ATOM   215  C CG  . LEU A 1 29  ? -5.933  -10.499 -1.152  1.00 16.56 ? 29   LEU A CG  1 
ATOM   216  C CD1 . LEU A 1 29  ? -6.474  -11.685 -0.363  1.00 18.38 ? 29   LEU A CD1 1 
ATOM   217  C CD2 . LEU A 1 29  ? -4.422  -10.449 -0.942  1.00 21.44 ? 29   LEU A CD2 1 
ATOM   218  N N   . ALA A 1 30  ? -6.864  -9.619  -5.689  1.00 17.82 ? 30   ALA A N   1 
ATOM   219  C CA  . ALA A 1 30  ? -6.962  -9.951  -7.115  1.00 19.33 ? 30   ALA A CA  1 
ATOM   220  C C   . ALA A 1 30  ? -6.072  -9.025  -7.951  1.00 18.47 ? 30   ALA A C   1 
ATOM   221  O O   . ALA A 1 30  ? -5.697  -9.360  -9.075  1.00 20.75 ? 30   ALA A O   1 
ATOM   222  C CB  . ALA A 1 30  ? -8.409  -9.854  -7.586  1.00 21.46 ? 30   ALA A CB  1 
ATOM   223  N N   . LEU A 1 31  ? -5.727  -7.862  -7.384  1.00 14.92 ? 31   LEU A N   1 
ATOM   224  C CA  . LEU A 1 31  ? -4.767  -6.941  -8.054  1.00 14.65 ? 31   LEU A CA  1 
ATOM   225  C C   . LEU A 1 31  ? -3.319  -7.379  -8.000  1.00 16.69 ? 31   LEU A C   1 
ATOM   226  O O   . LEU A 1 31  ? -2.471  -6.809  -8.740  1.00 16.30 ? 31   LEU A O   1 
ATOM   227  C CB  . LEU A 1 31  ? -4.874  -5.542  -7.434  1.00 14.47 ? 31   LEU A CB  1 
ATOM   228  C CG  . LEU A 1 31  ? -6.234  -4.857  -7.432  1.00 18.19 ? 31   LEU A CG  1 
ATOM   229  C CD1 . LEU A 1 31  ? -6.194  -3.588  -6.630  1.00 19.53 ? 31   LEU A CD1 1 
ATOM   230  C CD2 . LEU A 1 31  ? -6.781  -4.570  -8.819  1.00 23.37 ? 31   LEU A CD2 1 
ATOM   231  N N   . MET A 1 32  ? -3.017  -8.364  -7.140  1.00 16.24 ? 32   MET A N   1 
ATOM   232  C CA  . MET A 1 32  ? -1.649  -8.749  -6.800  1.00 17.48 ? 32   MET A CA  1 
ATOM   233  C C   . MET A 1 32  ? -1.190  -9.942  -7.590  1.00 19.41 ? 32   MET A C   1 
ATOM   234  O O   . MET A 1 32  ? -1.944  -10.914 -7.759  1.00 18.30 ? 32   MET A O   1 
ATOM   235  C CB  . MET A 1 32  ? -1.502  -9.097  -5.308  1.00 19.14 ? 32   MET A CB  1 
ATOM   236  C CG  . MET A 1 32  ? -2.082  -8.061  -4.392  1.00 19.78 ? 32   MET A CG  1 
ATOM   237  S SD  . MET A 1 32  ? -1.181  -6.499  -4.530  1.00 15.97 ? 32   MET A SD  1 
ATOM   238  C CE  . MET A 1 32  ? -2.301  -5.464  -3.611  1.00 17.39 ? 32   MET A CE  1 
ATOM   239  N N   . ALA A 1 33  ? 0.050   -9.859  -8.063  1.00 15.42 ? 33   ALA A N   1 
ATOM   240  C CA  . ALA A 1 33  ? 0.737   -11.022 -8.629  1.00 19.38 ? 33   ALA A CA  1 
ATOM   241  C C   . ALA A 1 33  ? 0.966   -12.086 -7.583  1.00 20.84 ? 33   ALA A C   1 
ATOM   242  O O   . ALA A 1 33  ? 1.025   -11.806 -6.387  1.00 17.48 ? 33   ALA A O   1 
ATOM   243  C CB  . ALA A 1 33  ? 2.096   -10.616 -9.242  1.00 19.82 ? 33   ALA A CB  1 
ATOM   244  N N   . ASP A 1 34  ? 1.118   -13.328 -8.033  1.00 23.55 ? 34   ASP A N   1 
ATOM   245  C CA  . ASP A 1 34  ? 1.443   -14.405 -7.114  1.00 23.85 ? 34   ASP A CA  1 
ATOM   246  C C   . ASP A 1 34  ? 2.756   -14.194 -6.397  1.00 22.07 ? 34   ASP A C   1 
ATOM   247  O O   . ASP A 1 34  ? 2.909   -14.655 -5.285  1.00 24.94 ? 34   ASP A O   1 
ATOM   248  C CB  . ASP A 1 34  ? 1.453   -15.759 -7.824  1.00 27.16 ? 34   ASP A CB  1 
ATOM   249  C CG  . ASP A 1 34  ? 0.045   -16.268 -8.152  1.00 33.47 ? 34   ASP A CG  1 
ATOM   250  O OD1 . ASP A 1 34  ? -0.971  -15.673 -7.713  1.00 36.72 ? 34   ASP A OD1 1 
ATOM   251  O OD2 . ASP A 1 34  ? -0.039  -17.292 -8.863  1.00 44.34 ? 34   ASP A OD2 1 
ATOM   252  N N   . ASP A 1 35  ? 3.699   -13.475 -7.018  1.00 20.81 ? 35   ASP A N   1 
ATOM   253  C CA  . ASP A 1 35  ? 4.970   -13.210 -6.369  1.00 18.53 ? 35   ASP A CA  1 
ATOM   254  C C   . ASP A 1 35  ? 5.091   -11.793 -5.785  1.00 15.63 ? 35   ASP A C   1 
ATOM   255  O O   . ASP A 1 35  ? 6.218   -11.304 -5.593  1.00 19.09 ? 35   ASP A O   1 
ATOM   256  C CB  . ASP A 1 35  ? 6.142   -13.492 -7.313  1.00 22.28 ? 35   ASP A CB  1 
ATOM   257  C CG  . ASP A 1 35  ? 6.168   -12.561 -8.537  1.00 22.56 ? 35   ASP A CG  1 
ATOM   258  O OD1 . ASP A 1 35  ? 5.281   -11.701 -8.720  1.00 25.77 ? 35   ASP A OD1 1 
ATOM   259  O OD2 . ASP A 1 35  ? 7.116   -12.709 -9.350  1.00 34.46 ? 35   ASP A OD2 1 
ATOM   260  N N   . VAL A 1 36  ? 3.950   -11.188 -5.455  1.00 16.84 ? 36   VAL A N   1 
ATOM   261  C CA  . VAL A 1 36  ? 3.916   -9.841  -4.901  1.00 15.25 ? 36   VAL A CA  1 
ATOM   262  C C   . VAL A 1 36  ? 4.816   -9.744  -3.653  1.00 16.72 ? 36   VAL A C   1 
ATOM   263  O O   . VAL A 1 36  ? 4.919   -10.701 -2.863  1.00 16.33 ? 36   VAL A O   1 
ATOM   264  C CB  . VAL A 1 36  ? 2.480   -9.373  -4.619  1.00 18.19 ? 36   VAL A CB  1 
ATOM   265  C CG1 . VAL A 1 36  ? 1.809   -10.262 -3.517  1.00 16.57 ? 36   VAL A CG1 1 
ATOM   266  C CG2 . VAL A 1 36  ? 2.444   -7.875  -4.280  1.00 18.30 ? 36   VAL A CG2 1 
ATOM   267  N N   . VAL A 1 37  ? 5.504   -8.602  -3.520  1.00 13.58 ? 37   VAL A N   1 
ATOM   268  C CA  . VAL A 1 37  ? 6.221   -8.296  -2.282  1.00 14.15 ? 37   VAL A CA  1 
ATOM   269  C C   . VAL A 1 37  ? 5.773   -6.901  -1.872  1.00 14.13 ? 37   VAL A C   1 
ATOM   270  O O   . VAL A 1 37  ? 5.917   -5.938  -2.634  1.00 13.97 ? 37   VAL A O   1 
ATOM   271  C CB  . VAL A 1 37  ? 7.778   -8.349  -2.448  1.00 13.90 ? 37   VAL A CB  1 
ATOM   272  C CG1 . VAL A 1 37  ? 8.495   -7.939  -1.140  1.00 11.96 ? 37   VAL A CG1 1 
ATOM   273  C CG2 . VAL A 1 37  ? 8.244   -9.742  -2.925  1.00 13.51 ? 37   VAL A CG2 1 
ATOM   274  N N   . ILE A 1 38  ? 5.200   -6.796  -0.680  1.00 12.27 ? 38   ILE A N   1 
ATOM   275  C CA  . ILE A 1 38  ? 4.750   -5.494  -0.166  1.00 12.63 ? 38   ILE A CA  1 
ATOM   276  C C   . ILE A 1 38  ? 5.720   -5.013  0.894   1.00 13.02 ? 38   ILE A C   1 
ATOM   277  O O   . ILE A 1 38  ? 5.904   -5.667  1.938   1.00 12.43 ? 38   ILE A O   1 
ATOM   278  C CB  . ILE A 1 38  ? 3.320   -5.580  0.477   1.00 16.69 ? 38   ILE A CB  1 
ATOM   279  C CG1 A ILE A 1 38  ? 2.312   -5.964  -0.614  0.50 12.47 ? 38   ILE A CG1 1 
ATOM   280  C CG1 B ILE A 1 38  ? 2.278   -6.149  -0.505  0.50 13.77 ? 38   ILE A CG1 1 
ATOM   281  C CG2 . ILE A 1 38  ? 2.900   -4.248  1.158   1.00 16.19 ? 38   ILE A CG2 1 
ATOM   282  C CD1 A ILE A 1 38  ? 0.883   -5.861  -0.208  0.50 17.21 ? 38   ILE A CD1 1 
ATOM   283  C CD1 B ILE A 1 38  ? 1.911   -5.247  -1.646  0.50 11.07 ? 38   ILE A CD1 1 
ATOM   284  N N   . GLU A 1 39  ? 6.334   -3.860  0.625   1.00 12.14 ? 39   GLU A N   1 
ATOM   285  C CA  . GLU A 1 39  ? 7.284   -3.273  1.561   1.00 12.16 ? 39   GLU A CA  1 
ATOM   286  C C   . GLU A 1 39  ? 6.702   -1.960  2.006   1.00 13.31 ? 39   GLU A C   1 
ATOM   287  O O   . GLU A 1 39  ? 7.015   -0.885  1.462   1.00 13.88 ? 39   GLU A O   1 
ATOM   288  C CB  . GLU A 1 39  ? 8.673   -3.104  0.916   1.00 10.39 ? 39   GLU A CB  1 
ATOM   289  C CG  . GLU A 1 39  ? 9.381   -4.408  0.716   1.00 11.29 ? 39   GLU A CG  1 
ATOM   290  C CD  . GLU A 1 39  ? 10.626  -4.194  -0.147  1.00 15.83 ? 39   GLU A CD  1 
ATOM   291  O OE1 . GLU A 1 39  ? 10.516  -4.339  -1.372  1.00 14.99 ? 39   GLU A OE1 1 
ATOM   292  O OE2 . GLU A 1 39  ? 11.687  -3.857  0.394   1.00 14.61 ? 39   GLU A OE2 1 
ATOM   293  N N   . ASP A 1 40  ? 5.783   -2.044  2.965   1.00 12.06 ? 40   ASP A N   1 
ATOM   294  C CA  . ASP A 1 40  ? 5.123   -0.842  3.444   1.00 11.33 ? 40   ASP A CA  1 
ATOM   295  C C   . ASP A 1 40  ? 5.381   -0.695  4.944   1.00 16.22 ? 40   ASP A C   1 
ATOM   296  O O   . ASP A 1 40  ? 4.633   -1.234  5.767   1.00 15.04 ? 40   ASP A O   1 
ATOM   297  C CB  . ASP A 1 40  ? 3.606   -0.962  3.177   1.00 14.72 ? 40   ASP A CB  1 
ATOM   298  C CG  . ASP A 1 40  ? 2.784   0.118   3.895   1.00 18.77 ? 40   ASP A CG  1 
ATOM   299  O OD1 . ASP A 1 40  ? 3.259   1.267   4.001   1.00 17.05 ? 40   ASP A OD1 1 
ATOM   300  O OD2 . ASP A 1 40  ? 1.667   -0.188  4.380   1.00 21.99 ? 40   ASP A OD2 1 
ATOM   301  N N   . PRO A 1 41  ? 6.446   0.017   5.320   1.00 11.22 ? 41   PRO A N   1 
ATOM   302  C CA  . PRO A 1 41  ? 7.438   0.707   4.478   1.00 11.42 ? 41   PRO A CA  1 
ATOM   303  C C   . PRO A 1 41  ? 8.583   -0.218  4.126   1.00 11.32 ? 41   PRO A C   1 
ATOM   304  O O   . PRO A 1 41  ? 8.634   -1.355  4.580   1.00 12.07 ? 41   PRO A O   1 
ATOM   305  C CB  . PRO A 1 41  ? 7.985   1.786   5.432   1.00 10.43 ? 41   PRO A CB  1 
ATOM   306  C CG  . PRO A 1 41  ? 7.975   1.099   6.806   1.00 11.10 ? 41   PRO A CG  1 
ATOM   307  C CD  . PRO A 1 41  ? 6.763   0.128   6.766   1.00 10.38 ? 41   PRO A CD  1 
ATOM   308  N N   . ILE A 1 42  ? 9.522   0.291   3.306   1.00 9.74  ? 42   ILE A N   1 
ATOM   309  C CA  . ILE A 1 42  ? 10.783  -0.396  3.086   1.00 9.15  ? 42   ILE A CA  1 
ATOM   310  C C   . ILE A 1 42  ? 11.591  -0.335  4.408   1.00 9.71  ? 42   ILE A C   1 
ATOM   311  O O   . ILE A 1 42  ? 11.671  0.732   5.040   1.00 11.82 ? 42   ILE A O   1 
ATOM   312  C CB  . ILE A 1 42  ? 11.590  0.349   2.012   1.00 11.48 ? 42   ILE A CB  1 
ATOM   313  C CG1 . ILE A 1 42  ? 10.831  0.365   0.691   1.00 10.22 ? 42   ILE A CG1 1 
ATOM   314  C CG2 . ILE A 1 42  ? 12.962  -0.312  1.847   1.00 12.59 ? 42   ILE A CG2 1 
ATOM   315  C CD1 . ILE A 1 42  ? 11.399  1.422   -0.286  1.00 11.21 ? 42   ILE A CD1 1 
ATOM   316  N N   . GLY A 1 43  ? 12.158  -1.468  4.799   1.00 13.45 ? 43   GLY A N   1 
ATOM   317  C CA  . GLY A 1 43  ? 12.940  -1.580  6.041   1.00 12.02 ? 43   GLY A CA  1 
ATOM   318  C C   . GLY A 1 43  ? 12.063  -2.006  7.211   1.00 11.52 ? 43   GLY A C   1 
ATOM   319  O O   . GLY A 1 43  ? 10.829  -1.990  7.125   1.00 12.55 ? 43   GLY A O   1 
ATOM   320  N N   . LYS A 1 44  ? 12.713  -2.304  8.336   1.00 12.07 ? 44   LYS A N   1 
ATOM   321  C CA  . LYS A 1 44  ? 11.993  -2.958  9.445   1.00 13.31 ? 44   LYS A CA  1 
ATOM   322  C C   . LYS A 1 44  ? 11.081  -1.962  10.154  1.00 12.41 ? 44   LYS A C   1 
ATOM   323  O O   . LYS A 1 44  ? 11.504  -0.836  10.508  1.00 13.79 ? 44   LYS A O   1 
ATOM   324  C CB  . LYS A 1 44  ? 13.004  -3.579  10.438  1.00 16.07 ? 44   LYS A CB  1 
ATOM   325  C CG  . LYS A 1 44  ? 12.338  -4.384  11.557  1.00 22.80 ? 44   LYS A CG  1 
ATOM   326  C CD  . LYS A 1 44  ? 13.432  -5.099  12.395  1.00 26.50 ? 44   LYS A CD  1 
ATOM   327  C CE  . LYS A 1 44  ? 12.845  -5.982  13.489  1.00 48.80 ? 44   LYS A CE  1 
ATOM   328  N NZ  . LYS A 1 44  ? 12.194  -5.198  14.586  1.00 46.61 ? 44   LYS A NZ  1 
ATOM   329  N N   . SER A 1 45  ? 9.825   -2.370  10.370  1.00 13.38 ? 45   SER A N   1 
ATOM   330  C CA  . SER A 1 45  ? 8.821   -1.540  11.033  1.00 13.10 ? 45   SER A CA  1 
ATOM   331  C C   . SER A 1 45  ? 7.675   -2.437  11.463  1.00 13.32 ? 45   SER A C   1 
ATOM   332  O O   . SER A 1 45  ? 7.677   -3.642  11.157  1.00 12.18 ? 45   SER A O   1 
ATOM   333  C CB  . SER A 1 45  ? 8.303   -0.401  10.143  1.00 11.89 ? 45   SER A CB  1 
ATOM   334  O OG  . SER A 1 45  ? 7.657   0.653   10.885  1.00 13.98 ? 45   SER A OG  1 
ATOM   335  N N   . VAL A 1 46  ? 6.708   -1.845  12.168  1.00 15.38 ? 46   VAL A N   1 
ATOM   336  C CA  . VAL A 1 46  ? 5.547   -2.625  12.666  1.00 14.45 ? 46   VAL A CA  1 
ATOM   337  C C   . VAL A 1 46  ? 4.847   -3.372  11.507  1.00 18.60 ? 46   VAL A C   1 
ATOM   338  O O   . VAL A 1 46  ? 4.480   -4.545  11.637  1.00 16.55 ? 46   VAL A O   1 
ATOM   339  C CB  . VAL A 1 46  ? 4.544   -1.721  13.382  1.00 18.05 ? 46   VAL A CB  1 
ATOM   340  C CG1 . VAL A 1 46  ? 3.251   -2.510  13.740  1.00 23.58 ? 46   VAL A CG1 1 
ATOM   341  C CG2 . VAL A 1 46  ? 5.207   -1.123  14.650  1.00 17.32 ? 46   VAL A CG2 1 
ATOM   342  N N   . THR A 1 47  ? 4.712   -2.690  10.379  1.00 13.22 ? 47   THR A N   1 
ATOM   343  C CA  . THR A 1 47  ? 4.018   -3.228  9.197   1.00 14.16 ? 47   THR A CA  1 
ATOM   344  C C   . THR A 1 47  ? 4.970   -3.962  8.208   1.00 16.60 ? 47   THR A C   1 
ATOM   345  O O   . THR A 1 47  ? 4.530   -4.381  7.131   1.00 18.15 ? 47   THR A O   1 
ATOM   346  C CB  . THR A 1 47  ? 3.278   -2.085  8.476   1.00 13.71 ? 47   THR A CB  1 
ATOM   347  O OG1 . THR A 1 47  ? 4.206   -1.013  8.249   1.00 13.45 ? 47   THR A OG1 1 
ATOM   348  C CG2 . THR A 1 47  ? 2.148   -1.499  9.353   1.00 13.66 ? 47   THR A CG2 1 
ATOM   349  N N   . ASN A 1 48  ? 6.253   -4.099  8.584   1.00 14.65 ? 48   ASN A N   1 
ATOM   350  C CA  . ASN A 1 48  ? 7.254   -4.870  7.846   1.00 12.49 ? 48   ASN A CA  1 
ATOM   351  C C   . ASN A 1 48  ? 8.226   -5.490  8.848   1.00 16.22 ? 48   ASN A C   1 
ATOM   352  O O   . ASN A 1 48  ? 9.384   -5.135  8.915   1.00 12.90 ? 48   ASN A O   1 
ATOM   353  C CB  . ASN A 1 48  ? 7.965   -3.961  6.800   1.00 11.36 ? 48   ASN A CB  1 
ATOM   354  C CG  . ASN A 1 48  ? 8.884   -4.741  5.857   1.00 15.20 ? 48   ASN A CG  1 
ATOM   355  O OD1 . ASN A 1 48  ? 9.043   -5.940  5.986   1.00 15.71 ? 48   ASN A OD1 1 
ATOM   356  N ND2 . ASN A 1 48  ? 9.530   -4.031  4.916   1.00 12.53 ? 48   ASN A ND2 1 
ATOM   357  N N   . PRO A 1 49  ? 7.726   -6.416  9.696   1.00 14.97 ? 49   PRO A N   1 
ATOM   358  C CA  . PRO A 1 49  ? 8.451   -6.781  10.914  1.00 20.91 ? 49   PRO A CA  1 
ATOM   359  C C   . PRO A 1 49  ? 9.833   -7.394  10.714  1.00 20.29 ? 49   PRO A C   1 
ATOM   360  O O   . PRO A 1 49  ? 10.698  -7.228  11.584  1.00 26.29 ? 49   PRO A O   1 
ATOM   361  C CB  . PRO A 1 49  ? 7.490   -7.771  11.599  1.00 21.06 ? 49   PRO A CB  1 
ATOM   362  C CG  A PRO A 1 49  ? 6.142   -7.439  11.050  0.50 20.11 ? 49   PRO A CG  1 
ATOM   363  C CG  B PRO A 1 49  ? 6.663   -8.312  10.473  0.50 16.36 ? 49   PRO A CG  1 
ATOM   364  C CD  . PRO A 1 49  ? 6.421   -7.104  9.614   1.00 20.27 ? 49   PRO A CD  1 
ATOM   365  N N   . ASP A 1 50  ? 10.068  -8.077  9.593   1.00 21.89 ? 50   ASP A N   1 
ATOM   366  C CA  . ASP A 1 50  ? 11.400  -8.619  9.360   1.00 22.13 ? 50   ASP A CA  1 
ATOM   367  C C   . ASP A 1 50  ? 12.279  -7.754  8.453   1.00 25.20 ? 50   ASP A C   1 
ATOM   368  O O   . ASP A 1 50  ? 13.444  -8.074  8.219   1.00 23.67 ? 50   ASP A O   1 
ATOM   369  C CB  . ASP A 1 50  ? 11.370  -10.094 8.904   1.00 31.51 ? 50   ASP A CB  1 
ATOM   370  C CG  . ASP A 1 50  ? 11.000  -10.285 7.424   1.00 43.22 ? 50   ASP A CG  1 
ATOM   371  O OD1 . ASP A 1 50  ? 10.851  -9.316  6.643   1.00 36.26 ? 50   ASP A OD1 1 
ATOM   372  O OD2 . ASP A 1 50  ? 10.855  -11.464 7.034   1.00 58.71 ? 50   ASP A OD2 1 
ATOM   373  N N   . GLY A 1 51  ? 11.711  -6.663  7.949   1.00 16.51 ? 51   GLY A N   1 
ATOM   374  C CA  . GLY A 1 51  ? 12.454  -5.735  7.099   1.00 14.58 ? 51   GLY A CA  1 
ATOM   375  C C   . GLY A 1 51  ? 12.658  -6.130  5.654   1.00 17.49 ? 51   GLY A C   1 
ATOM   376  O O   . GLY A 1 51  ? 13.296  -5.391  4.914   1.00 19.74 ? 51   GLY A O   1 
ATOM   377  N N   . SER A 1 52  ? 12.155  -7.296  5.254   1.00 15.06 ? 52   SER A N   1 
ATOM   378  C CA  . SER A 1 52  ? 12.366  -7.733  3.879   1.00 18.90 ? 52   SER A CA  1 
ATOM   379  C C   . SER A 1 52  ? 11.065  -7.807  3.065   1.00 18.69 ? 52   SER A C   1 
ATOM   380  O O   . SER A 1 52  ? 11.068  -8.290  1.920   1.00 20.40 ? 52   SER A O   1 
ATOM   381  C CB  . SER A 1 52  ? 13.116  -9.074  3.869   1.00 23.08 ? 52   SER A CB  1 
ATOM   382  O OG  . SER A 1 52  ? 12.251  -10.119 4.249   1.00 30.65 ? 52   SER A OG  1 
ATOM   383  N N   . GLY A 1 53  ? 9.971   -7.275  3.612   1.00 14.85 ? 53   GLY A N   1 
ATOM   384  C CA  . GLY A 1 53  ? 8.707   -7.271  2.864   1.00 13.19 ? 53   GLY A CA  1 
ATOM   385  C C   . GLY A 1 53  ? 7.806   -8.468  3.162   1.00 14.42 ? 53   GLY A C   1 
ATOM   386  O O   . GLY A 1 53  ? 8.256   -9.479  3.732   1.00 18.02 ? 53   GLY A O   1 
ATOM   387  N N   . ILE A 1 54  ? 6.542   -8.312  2.801   1.00 14.78 ? 54   ILE A N   1 
ATOM   388  C CA  . ILE A 1 54  ? 5.504   -9.328  3.031   1.00 14.40 ? 54   ILE A CA  1 
ATOM   389  C C   . ILE A 1 54  ? 5.319   -10.016 1.678   1.00 14.91 ? 54   ILE A C   1 
ATOM   390  O O   . ILE A 1 54  ? 5.049   -9.342  0.666   1.00 16.96 ? 54   ILE A O   1 
ATOM   391  C CB  . ILE A 1 54  ? 4.175   -8.686  3.463   1.00 16.42 ? 54   ILE A CB  1 
ATOM   392  C CG1 . ILE A 1 54  ? 4.371   -7.698  4.633   1.00 19.86 ? 54   ILE A CG1 1 
ATOM   393  C CG2 . ILE A 1 54  ? 3.164   -9.813  3.822   1.00 20.36 ? 54   ILE A CG2 1 
ATOM   394  C CD1 . ILE A 1 54  ? 4.818   -8.315  5.906   1.00 25.06 ? 54   ILE A CD1 1 
ATOM   395  N N   . LYS A 1 55  ? 5.511   -11.331 1.637   1.00 15.45 ? 55   LYS A N   1 
ATOM   396  C CA  . LYS A 1 55  ? 5.687   -12.001 0.332   1.00 19.75 ? 55   LYS A CA  1 
ATOM   397  C C   . LYS A 1 55  ? 4.592   -13.009 0.051   1.00 25.71 ? 55   LYS A C   1 
ATOM   398  O O   . LYS A 1 55  ? 4.340   -13.872 0.892   1.00 21.94 ? 55   LYS A O   1 
ATOM   399  C CB  . LYS A 1 55  ? 7.046   -12.711 0.248   1.00 20.05 ? 55   LYS A CB  1 
ATOM   400  C CG  . LYS A 1 55  ? 8.226   -11.815 0.454   1.00 30.52 ? 55   LYS A CG  1 
ATOM   401  C CD  . LYS A 1 55  ? 9.505   -12.636 0.424   1.00 41.10 ? 55   LYS A CD  1 
ATOM   402  C CE  . LYS A 1 55  ? 10.653  -11.874 1.051   1.00 53.07 ? 55   LYS A CE  1 
ATOM   403  N NZ  . LYS A 1 55  ? 10.858  -10.592 0.354   1.00 51.59 ? 55   LYS A NZ  1 
ATOM   404  N N   . GLY A 1 56  ? 3.960   -12.881 -1.121  1.00 27.53 ? 56   GLY A N   1 
ATOM   405  C CA  . GLY A 1 56  ? 2.959   -13.837 -1.578  1.00 23.38 ? 56   GLY A CA  1 
ATOM   406  C C   . GLY A 1 56  ? 1.558   -13.531 -1.104  1.00 25.90 ? 56   GLY A C   1 
ATOM   407  O O   . GLY A 1 56  ? 1.355   -12.845 -0.092  1.00 24.90 ? 56   GLY A O   1 
ATOM   408  N N   . LYS A 1 57  ? 0.576   -14.057 -1.831  1.00 24.01 ? 57   LYS A N   1 
ATOM   409  C CA  . LYS A 1 57  ? -0.795  -13.636 -1.603  1.00 24.65 ? 57   LYS A CA  1 
ATOM   410  C C   . LYS A 1 57  ? -1.396  -14.007 -0.233  1.00 28.43 ? 57   LYS A C   1 
ATOM   411  O O   . LYS A 1 57  ? -2.220  -13.245 0.312   1.00 28.89 ? 57   LYS A O   1 
ATOM   412  C CB  . LYS A 1 57  ? -1.670  -14.018 -2.789  1.00 27.32 ? 57   LYS A CB  1 
ATOM   413  C CG  . LYS A 1 57  ? -1.298  -13.191 -4.014  1.00 29.21 ? 57   LYS A CG  1 
ATOM   414  C CD  . LYS A 1 57  ? -2.077  -13.600 -5.249  1.00 40.53 ? 57   LYS A CD  1 
ATOM   415  C CE  . LYS A 1 57  ? -3.541  -13.237 -5.111  1.00 33.55 ? 57   LYS A CE  1 
ATOM   416  N NZ  . LYS A 1 57  ? -4.093  -12.918 -6.438  1.00 33.03 ? 57   LYS A NZ  1 
ATOM   417  N N   . GLU A 1 58  ? -0.956  -15.117 0.353   1.00 25.92 ? 58   GLU A N   1 
ATOM   418  C CA  . GLU A 1 58  ? -1.471  -15.493 1.681   1.00 24.52 ? 58   GLU A CA  1 
ATOM   419  C C   . GLU A 1 58  ? -1.078  -14.526 2.785   1.00 27.75 ? 58   GLU A C   1 
ATOM   420  O O   . GLU A 1 58  ? -1.942  -14.044 3.559   1.00 27.48 ? 58   GLU A O   1 
ATOM   421  C CB  . GLU A 1 58  ? -1.000  -16.888 2.073   1.00 29.82 ? 58   GLU A CB  1 
ATOM   422  C CG  . GLU A 1 58  ? -1.612  -17.355 3.384   1.00 38.41 ? 58   GLU A CG  1 
ATOM   423  C CD  . GLU A 1 58  ? -0.691  -18.262 4.150   1.00 64.19 ? 58   GLU A CD  1 
ATOM   424  O OE1 . GLU A 1 58  ? -0.206  -17.836 5.222   1.00 78.72 ? 58   GLU A OE1 1 
ATOM   425  O OE2 . GLU A 1 58  ? -0.438  -19.388 3.671   1.00 66.34 ? 58   GLU A OE2 1 
ATOM   426  N N   . ALA A 1 59  ? 0.230   -14.259 2.851   1.00 27.14 ? 59   ALA A N   1 
ATOM   427  C CA  . ALA A 1 59  ? 0.805   -13.369 3.857   1.00 23.84 ? 59   ALA A CA  1 
ATOM   428  C C   . ALA A 1 59  ? 0.341   -11.948 3.590   1.00 19.50 ? 59   ALA A C   1 
ATOM   429  O O   . ALA A 1 59  ? 0.161   -11.179 4.533   1.00 21.33 ? 59   ALA A O   1 
ATOM   430  C CB  . ALA A 1 59  ? 2.316   -13.452 3.848   1.00 22.43 ? 59   ALA A CB  1 
ATOM   431  N N   . VAL A 1 60  ? 0.170   -11.574 2.315   1.00 19.15 ? 60   VAL A N   1 
ATOM   432  C CA  . VAL A 1 60  ? -0.308  -10.236 2.036   1.00 15.46 ? 60   VAL A CA  1 
ATOM   433  C C   . VAL A 1 60  ? -1.803  -10.110 2.411   1.00 15.50 ? 60   VAL A C   1 
ATOM   434  O O   . VAL A 1 60  ? -2.290  -9.034  2.700   1.00 18.19 ? 60   VAL A O   1 
ATOM   435  C CB  A VAL A 1 60  ? 0.046   -9.663  0.603   0.65 22.49 ? 60   VAL A CB  1 
ATOM   436  C CB  B VAL A 1 60  ? -0.072  -9.878  0.520   0.35 16.94 ? 60   VAL A CB  1 
ATOM   437  C CG1 A VAL A 1 60  ? 1.541   -9.867  0.296   0.65 20.93 ? 60   VAL A CG1 1 
ATOM   438  C CG1 B VAL A 1 60  ? -0.899  -8.704  0.067   0.35 6.21  ? 60   VAL A CG1 1 
ATOM   439  C CG2 A VAL A 1 60  ? -0.805  -10.247 -0.465  0.65 21.89 ? 60   VAL A CG2 1 
ATOM   440  C CG2 B VAL A 1 60  ? 1.404   -9.581  0.273   0.35 16.42 ? 60   VAL A CG2 1 
ATOM   441  N N   . GLY A 1 61  ? -2.514  -11.238 2.380   1.00 18.38 ? 61   GLY A N   1 
ATOM   442  C CA  . GLY A 1 61  ? -3.902  -11.255 2.878   1.00 17.88 ? 61   GLY A CA  1 
ATOM   443  C C   . GLY A 1 61  ? -3.931  -10.956 4.386   1.00 13.66 ? 61   GLY A C   1 
ATOM   444  O O   . GLY A 1 61  ? -4.764  -10.149 4.842   1.00 16.60 ? 61   GLY A O   1 
ATOM   445  N N   . ALA A 1 62  ? -3.039  -11.592 5.147   1.00 17.58 ? 62   ALA A N   1 
ATOM   446  C CA  . ALA A 1 62  ? -2.927  -11.342 6.594   1.00 19.79 ? 62   ALA A CA  1 
ATOM   447  C C   . ALA A 1 62  ? -2.550  -9.894  6.826   1.00 19.42 ? 62   ALA A C   1 
ATOM   448  O O   . ALA A 1 62  ? -3.049  -9.242  7.724   1.00 16.42 ? 62   ALA A O   1 
ATOM   449  C CB  . ALA A 1 62  ? -1.923  -12.263 7.265   1.00 20.63 ? 62   ALA A CB  1 
ATOM   450  N N   . PHE A 1 63  ? -1.667  -9.372  5.979   1.00 17.31 ? 63   PHE A N   1 
ATOM   451  C CA  . PHE A 1 63  ? -1.326  -7.935  6.055   1.00 15.02 ? 63   PHE A CA  1 
ATOM   452  C C   . PHE A 1 63  ? -2.544  -7.029  5.865   1.00 14.41 ? 63   PHE A C   1 
ATOM   453  O O   . PHE A 1 63  ? -2.737  -6.079  6.620   1.00 16.15 ? 63   PHE A O   1 
ATOM   454  C CB  . PHE A 1 63  ? -0.202  -7.624  5.031   1.00 16.49 ? 63   PHE A CB  1 
ATOM   455  C CG  . PHE A 1 63  ? 0.118   -6.151  4.877   1.00 17.53 ? 63   PHE A CG  1 
ATOM   456  C CD1 . PHE A 1 63  ? 1.082   -5.546  5.683   1.00 16.78 ? 63   PHE A CD1 1 
ATOM   457  C CD2 . PHE A 1 63  ? -0.529  -5.381  3.932   1.00 16.35 ? 63   PHE A CD2 1 
ATOM   458  C CE1 . PHE A 1 63  ? 1.368   -4.193  5.544   1.00 16.35 ? 63   PHE A CE1 1 
ATOM   459  C CE2 . PHE A 1 63  ? -0.238  -4.031  3.795   1.00 21.98 ? 63   PHE A CE2 1 
ATOM   460  C CZ  . PHE A 1 63  ? 0.726   -3.443  4.616   1.00 20.19 ? 63   PHE A CZ  1 
ATOM   461  N N   . PHE A 1 64  ? -3.369  -7.320  4.858   1.00 12.68 ? 64   PHE A N   1 
ATOM   462  C CA  . PHE A 1 64  ? -4.592  -6.565  4.675   1.00 13.20 ? 64   PHE A CA  1 
ATOM   463  C C   . PHE A 1 64  ? -5.442  -6.614  5.991   1.00 11.98 ? 64   PHE A C   1 
ATOM   464  O O   . PHE A 1 64  ? -5.945  -5.589  6.446   1.00 13.20 ? 64   PHE A O   1 
ATOM   465  C CB  . PHE A 1 64  ? -5.387  -7.121  3.482   1.00 15.33 ? 64   PHE A CB  1 
ATOM   466  C CG  . PHE A 1 64  ? -6.685  -6.392  3.209   1.00 16.31 ? 64   PHE A CG  1 
ATOM   467  C CD1 . PHE A 1 64  ? -6.751  -5.393  2.222   1.00 19.93 ? 64   PHE A CD1 1 
ATOM   468  C CD2 . PHE A 1 64  ? -7.855  -6.704  3.922   1.00 17.77 ? 64   PHE A CD2 1 
ATOM   469  C CE1 . PHE A 1 64  ? -7.938  -4.721  1.955   1.00 17.49 ? 64   PHE A CE1 1 
ATOM   470  C CE2 . PHE A 1 64  ? -9.058  -6.036  3.665   1.00 15.26 ? 64   PHE A CE2 1 
ATOM   471  C CZ  . PHE A 1 64  ? -9.107  -5.024  2.680   1.00 17.14 ? 64   PHE A CZ  1 
ATOM   472  N N   . ASP A 1 65  ? -5.604  -7.806  6.535   1.00 16.66 ? 65   ASP A N   1 
ATOM   473  C CA  . ASP A 1 65  ? -6.481  -8.004  7.704   1.00 14.41 ? 65   ASP A CA  1 
ATOM   474  C C   . ASP A 1 65  ? -6.043  -7.137  8.881   1.00 15.05 ? 65   ASP A C   1 
ATOM   475  O O   . ASP A 1 65  ? -6.847  -6.400  9.464   1.00 17.76 ? 65   ASP A O   1 
ATOM   476  C CB  . ASP A 1 65  ? -6.488  -9.492  8.073   1.00 13.86 ? 65   ASP A CB  1 
ATOM   477  C CG  . ASP A 1 65  ? -7.149  -10.355 6.990   1.00 12.18 ? 65   ASP A CG  1 
ATOM   478  O OD1 . ASP A 1 65  ? -7.951  -9.813  6.178   1.00 16.14 ? 65   ASP A OD1 1 
ATOM   479  O OD2 . ASP A 1 65  ? -6.874  -11.575 6.996   1.00 16.67 ? 65   ASP A OD2 1 
ATOM   480  N N   . THR A 1 66  ? -4.749  -7.175  9.175   1.00 16.67 ? 66   THR A N   1 
ATOM   481  C CA  . THR A 1 66  ? -4.221  -6.572  10.408  1.00 18.10 ? 66   THR A CA  1 
ATOM   482  C C   . THR A 1 66  ? -3.910  -5.086  10.202  1.00 19.32 ? 66   THR A C   1 
ATOM   483  O O   . THR A 1 66  ? -4.207  -4.228  11.044  1.00 17.98 ? 66   THR A O   1 
ATOM   484  C CB  . THR A 1 66  ? -2.941  -7.306  10.839  1.00 24.05 ? 66   THR A CB  1 
ATOM   485  O OG1 . THR A 1 66  ? -3.222  -8.706  11.038  1.00 22.05 ? 66   THR A OG1 1 
ATOM   486  C CG2 . THR A 1 66  ? -2.367  -6.707  12.130  1.00 21.99 ? 66   THR A CG2 1 
ATOM   487  N N   . HIS A 1 67  ? -3.266  -4.800  9.062   1.00 16.19 ? 67   HIS A N   1 
ATOM   488  C CA  . HIS A 1 67  ? -2.742  -3.460  8.790   1.00 17.85 ? 67   HIS A CA  1 
ATOM   489  C C   . HIS A 1 67  ? -3.480  -2.571  7.779   1.00 19.73 ? 67   HIS A C   1 
ATOM   490  O O   . HIS A 1 67  ? -3.039  -1.426  7.492   1.00 18.02 ? 67   HIS A O   1 
ATOM   491  C CB  . HIS A 1 67  ? -1.249  -3.582  8.422   1.00 14.80 ? 67   HIS A CB  1 
ATOM   492  C CG  . HIS A 1 67  ? -0.439  -4.266  9.471   1.00 18.13 ? 67   HIS A CG  1 
ATOM   493  N ND1 . HIS A 1 67  ? -0.298  -3.768  10.751  1.00 21.64 ? 67   HIS A ND1 1 
ATOM   494  C CD2 . HIS A 1 67  ? 0.258   -5.422  9.440   1.00 20.54 ? 67   HIS A CD2 1 
ATOM   495  C CE1 . HIS A 1 67  ? 0.467   -4.587  11.454  1.00 17.53 ? 67   HIS A CE1 1 
ATOM   496  N NE2 . HIS A 1 67  ? 0.831   -5.586  10.675  1.00 20.54 ? 67   HIS A NE2 1 
ATOM   497  N N   . ILE A 1 68  ? -4.614  -3.051  7.258   1.00 14.78 ? 68   ILE A N   1 
ATOM   498  C CA  . ILE A 1 68  ? -5.476  -2.215  6.429   1.00 15.79 ? 68   ILE A CA  1 
ATOM   499  C C   . ILE A 1 68  ? -6.898  -2.172  7.013   1.00 13.52 ? 68   ILE A C   1 
ATOM   500  O O   . ILE A 1 68  ? -7.456  -1.105  7.216   1.00 16.93 ? 68   ILE A O   1 
ATOM   501  C CB  . ILE A 1 68  ? -5.505  -2.692  4.941   1.00 13.50 ? 68   ILE A CB  1 
ATOM   502  C CG1 . ILE A 1 68  ? -4.096  -2.480  4.312   1.00 14.58 ? 68   ILE A CG1 1 
ATOM   503  C CG2 . ILE A 1 68  ? -6.531  -1.872  4.153   1.00 16.54 ? 68   ILE A CG2 1 
ATOM   504  C CD1 . ILE A 1 68  ? -3.923  -2.984  2.869   1.00 15.03 ? 68   ILE A CD1 1 
ATOM   505  N N   . ALA A 1 69  ? -7.446  -3.355  7.247   1.00 16.57 ? 69   ALA A N   1 
ATOM   506  C CA  . ALA A 1 69  ? -8.835  -3.477  7.707   1.00 16.03 ? 69   ALA A CA  1 
ATOM   507  C C   . ALA A 1 69  ? -8.986  -3.202  9.219   1.00 13.88 ? 69   ALA A C   1 
ATOM   508  O O   . ALA A 1 69  ? -9.709  -2.294  9.594   1.00 16.55 ? 69   ALA A O   1 
ATOM   509  C CB  . ALA A 1 69  ? -9.386  -4.866  7.314   1.00 19.18 ? 69   ALA A CB  1 
ATOM   510  N N   . ALA A 1 70  ? -8.325  -4.008  10.049  1.00 14.59 ? 70   ALA A N   1 
ATOM   511  C CA  . ALA A 1 70  ? -8.482  -3.883  11.529  1.00 16.96 ? 70   ALA A CA  1 
ATOM   512  C C   . ALA A 1 70  ? -8.046  -2.505  12.078  1.00 21.99 ? 70   ALA A C   1 
ATOM   513  O O   . ALA A 1 70  ? -8.530  -2.051  13.133  1.00 20.77 ? 70   ALA A O   1 
ATOM   514  C CB  . ALA A 1 70  ? -7.798  -4.999  12.243  1.00 18.68 ? 70   ALA A CB  1 
ATOM   515  N N   . ASN A 1 71  ? -7.115  -1.844  11.387  1.00 20.59 ? 71   ASN A N   1 
ATOM   516  C CA  . ASN A 1 71  ? -6.693  -0.508  11.785  1.00 17.96 ? 71   ASN A CA  1 
ATOM   517  C C   . ASN A 1 71  ? -7.420  0.652   11.089  1.00 18.47 ? 71   ASN A C   1 
ATOM   518  O O   . ASN A 1 71  ? -7.048  1.827   11.252  1.00 18.14 ? 71   ASN A O   1 
ATOM   519  C CB  . ASN A 1 71  ? -5.142  -0.386  11.677  1.00 21.16 ? 71   ASN A CB  1 
ATOM   520  C CG  . ASN A 1 71  ? -4.660  -0.324  10.236  1.00 26.50 ? 71   ASN A CG  1 
ATOM   521  O OD1 . ASN A 1 71  ? -3.506  0.088   9.944   1.00 22.32 ? 71   ASN A OD1 1 
ATOM   522  N ND2 . ASN A 1 71  ? -5.532  -0.717  9.318   1.00 16.70 ? 71   ASN A ND2 1 
ATOM   523  N N   . ARG A 1 72  ? -8.496  0.352   10.344  1.00 13.31 ? 72   ARG A N   1 
ATOM   524  C CA  . ARG A 1 72  ? -9.305  1.382   9.674   1.00 14.40 ? 72   ARG A CA  1 
ATOM   525  C C   . ARG A 1 72  ? -8.492  2.325   8.783   1.00 13.17 ? 72   ARG A C   1 
ATOM   526  O O   . ARG A 1 72  ? -8.749  3.536   8.753   1.00 17.23 ? 72   ARG A O   1 
ATOM   527  C CB  . ARG A 1 72  ? -10.112 2.221   10.683  1.00 21.39 ? 72   ARG A CB  1 
ATOM   528  C CG  . ARG A 1 72  ? -11.168 1.415   11.417  1.00 34.07 ? 72   ARG A CG  1 
ATOM   529  C CD  . ARG A 1 72  ? -12.166 2.335   12.109  1.00 40.27 ? 72   ARG A CD  1 
ATOM   530  N NE  . ARG A 1 72  ? -13.520 1.793   12.004  1.00 59.85 ? 72   ARG A NE  1 
ATOM   531  C CZ  . ARG A 1 72  ? -14.022 0.855   12.802  1.00 44.97 ? 72   ARG A CZ  1 
ATOM   532  N NH1 . ARG A 1 72  ? -13.293 0.335   13.792  1.00 40.54 ? 72   ARG A NH1 1 
ATOM   533  N NH2 . ARG A 1 72  ? -15.261 0.436   12.606  1.00 70.09 ? 72   ARG A NH2 1 
ATOM   534  N N   . LEU A 1 73  ? -7.498  1.752   8.094   1.00 17.06 ? 73   LEU A N   1 
ATOM   535  C CA  . LEU A 1 73  ? -6.613  2.530   7.208   1.00 15.51 ? 73   LEU A CA  1 
ATOM   536  C C   . LEU A 1 73  ? -7.408  3.266   6.127   1.00 16.49 ? 73   LEU A C   1 
ATOM   537  O O   . LEU A 1 73  ? -8.306  2.670   5.473   1.00 19.03 ? 73   LEU A O   1 
ATOM   538  C CB  . LEU A 1 73  ? -5.585  1.585   6.581   1.00 12.60 ? 73   LEU A CB  1 
ATOM   539  C CG  . LEU A 1 73  ? -4.563  2.324   5.679   1.00 13.58 ? 73   LEU A CG  1 
ATOM   540  C CD1 . LEU A 1 73  ? -3.598  3.117   6.588   1.00 21.23 ? 73   LEU A CD1 1 
ATOM   541  C CD2 . LEU A 1 73  ? -3.819  1.318   4.781   1.00 17.11 ? 73   LEU A CD2 1 
ATOM   542  N N   . THR A 1 74  ? -7.132  4.554   5.949   1.00 13.91 ? 74   THR A N   1 
ATOM   543  C CA  . THR A 1 74  ? -7.583  5.261   4.763   1.00 15.32 ? 74   THR A CA  1 
ATOM   544  C C   . THR A 1 74  ? -6.328  5.679   3.987   1.00 18.13 ? 74   THR A C   1 
ATOM   545  O O   . THR A 1 74  ? -5.259  5.889   4.572   1.00 15.73 ? 74   THR A O   1 
ATOM   546  C CB  . THR A 1 74  ? -8.445  6.463   5.061   1.00 18.08 ? 74   THR A CB  1 
ATOM   547  O OG1 . THR A 1 74  ? -7.665  7.478   5.697   1.00 19.05 ? 74   THR A OG1 1 
ATOM   548  C CG2 . THR A 1 74  ? -9.635  6.068   5.981   1.00 21.68 ? 74   THR A CG2 1 
ATOM   549  N N   . VAL A 1 75  ? -6.491  5.775   2.668   1.00 17.96 ? 75   VAL A N   1 
ATOM   550  C CA  . VAL A 1 75  ? -5.395  6.121   1.761   1.00 14.89 ? 75   VAL A CA  1 
ATOM   551  C C   . VAL A 1 75  ? -5.880  7.259   0.862   1.00 21.13 ? 75   VAL A C   1 
ATOM   552  O O   . VAL A 1 75  ? -6.918  7.130   0.187   1.00 26.83 ? 75   VAL A O   1 
ATOM   553  C CB  . VAL A 1 75  ? -4.973  4.893   0.918   1.00 15.73 ? 75   VAL A CB  1 
ATOM   554  C CG1 . VAL A 1 75  ? -3.761  5.261   0.025   1.00 20.96 ? 75   VAL A CG1 1 
ATOM   555  C CG2 . VAL A 1 75  ? -4.587  3.723   1.795   1.00 22.11 ? 75   VAL A CG2 1 
ATOM   556  N N   . THR A 1 76  ? -5.154  8.366   0.859   1.00 17.77 ? 76   THR A N   1 
ATOM   557  C CA  . THR A 1 76  ? -5.482  9.532   0.045   1.00 17.71 ? 76   THR A CA  1 
ATOM   558  C C   . THR A 1 76  ? -4.318  9.797   -0.910  1.00 19.41 ? 76   THR A C   1 
ATOM   559  O O   . THR A 1 76  ? -3.193  9.885   -0.454  1.00 16.00 ? 76   THR A O   1 
ATOM   560  C CB  . THR A 1 76  ? -5.715  10.768  0.927   1.00 19.99 ? 76   THR A CB  1 
ATOM   561  O OG1 . THR A 1 76  ? -6.800  10.487  1.832   1.00 32.50 ? 76   THR A OG1 1 
ATOM   562  C CG2 . THR A 1 76  ? -6.095  11.980  0.098   1.00 26.56 ? 76   THR A CG2 1 
ATOM   563  N N   . CYS A 1 77  ? -4.583  9.888   -2.215  1.00 14.67 ? 77   CYS A N   1 
ATOM   564  C CA  . CYS A 1 77  ? -3.516  10.274  -3.176  1.00 17.04 ? 77   CYS A CA  1 
ATOM   565  C C   . CYS A 1 77  ? -3.336  11.796  -3.252  1.00 20.07 ? 77   CYS A C   1 
ATOM   566  O O   . CYS A 1 77  ? -4.243  12.540  -3.679  1.00 22.54 ? 77   CYS A O   1 
ATOM   567  C CB  . CYS A 1 77  ? -3.815  9.703   -4.555  1.00 15.97 ? 77   CYS A CB  1 
ATOM   568  S SG  . CYS A 1 77  ? -2.455  10.030  -5.697  1.00 19.33 ? 77   CYS A SG  1 
ATOM   569  N N   . GLU A 1 78  ? -2.180  12.280  -2.815  1.00 15.51 ? 78   GLU A N   1 
ATOM   570  C CA  . GLU A 1 78  ? -1.893  13.704  -2.883  1.00 14.44 ? 78   GLU A CA  1 
ATOM   571  C C   . GLU A 1 78  ? -1.365  14.129  -4.264  1.00 18.49 ? 78   GLU A C   1 
ATOM   572  O O   . GLU A 1 78  ? -1.710  15.188  -4.794  1.00 19.13 ? 78   GLU A O   1 
ATOM   573  C CB  . GLU A 1 78  ? -0.884  14.102  -1.820  1.00 19.19 ? 78   GLU A CB  1 
ATOM   574  C CG  . GLU A 1 78  ? -0.549  15.573  -1.820  1.00 20.94 ? 78   GLU A CG  1 
ATOM   575  C CD  . GLU A 1 78  ? 0.554   15.903  -0.838  1.00 34.65 ? 78   GLU A CD  1 
ATOM   576  O OE1 . GLU A 1 78  ? 0.300   15.780  0.375   1.00 30.92 ? 78   GLU A OE1 1 
ATOM   577  O OE2 . GLU A 1 78  ? 1.667   16.261  -1.276  1.00 28.75 ? 78   GLU A OE2 1 
ATOM   578  N N   . GLU A 1 79  ? -0.483  13.314  -4.820  1.00 15.78 ? 79   GLU A N   1 
ATOM   579  C CA  . GLU A 1 79  ? 0.180   13.662  -6.088  1.00 14.30 ? 79   GLU A CA  1 
ATOM   580  C C   . GLU A 1 79  ? 0.685   12.388  -6.743  1.00 14.31 ? 79   GLU A C   1 
ATOM   581  O O   . GLU A 1 79  ? 1.046   11.426  -6.062  1.00 14.38 ? 79   GLU A O   1 
ATOM   582  C CB  . GLU A 1 79  ? 1.323   14.629  -5.824  1.00 15.56 ? 79   GLU A CB  1 
ATOM   583  C CG  . GLU A 1 79  ? 1.890   15.221  -7.100  1.00 24.74 ? 79   GLU A CG  1 
ATOM   584  C CD  . GLU A 1 79  ? 2.839   16.354  -6.870  1.00 25.40 ? 79   GLU A CD  1 
ATOM   585  O OE1 . GLU A 1 79  ? 3.296   16.584  -5.705  1.00 24.37 ? 79   GLU A OE1 1 
ATOM   586  O OE2 . GLU A 1 79  ? 3.147   16.989  -7.902  1.00 31.57 ? 79   GLU A OE2 1 
ATOM   587  N N   . THR A 1 80  ? 0.726   12.396  -8.085  1.00 12.47 ? 80   THR A N   1 
ATOM   588  C CA  . THR A 1 80  ? 1.094   11.212  -8.839  1.00 11.64 ? 80   THR A CA  1 
ATOM   589  C C   . THR A 1 80  ? 2.236   11.563  -9.776  1.00 13.52 ? 80   THR A C   1 
ATOM   590  O O   . THR A 1 80  ? 2.214   12.632  -10.408 1.00 14.85 ? 80   THR A O   1 
ATOM   591  C CB  . THR A 1 80  ? -0.105  10.676  -9.677  1.00 13.25 ? 80   THR A CB  1 
ATOM   592  O OG1 . THR A 1 80  ? -1.107  10.132  -8.782  1.00 13.73 ? 80   THR A OG1 1 
ATOM   593  C CG2 . THR A 1 80  ? 0.327   9.601   -10.671 1.00 13.01 ? 80   THR A CG2 1 
ATOM   594  N N   . PHE A 1 81  ? 3.207   10.652  -9.841  1.00 10.56 ? 81   PHE A N   1 
ATOM   595  C CA  . PHE A 1 81  ? 4.405   10.790  -10.677 1.00 12.18 ? 81   PHE A CA  1 
ATOM   596  C C   . PHE A 1 81  ? 4.566   9.564   -11.587 1.00 7.25  ? 81   PHE A C   1 
ATOM   597  O O   . PHE A 1 81  ? 5.166   8.549   -11.253 1.00 11.75 ? 81   PHE A O   1 
ATOM   598  C CB  . PHE A 1 81  ? 5.657   10.957  -9.798  1.00 11.37 ? 81   PHE A CB  1 
ATOM   599  C CG  . PHE A 1 81  ? 5.651   12.221  -8.985  1.00 11.53 ? 81   PHE A CG  1 
ATOM   600  C CD1 . PHE A 1 81  ? 6.184   13.394  -9.508  1.00 14.83 ? 81   PHE A CD1 1 
ATOM   601  C CD2 . PHE A 1 81  ? 5.089   12.246  -7.696  1.00 11.95 ? 81   PHE A CD2 1 
ATOM   602  C CE1 . PHE A 1 81  ? 6.210   14.568  -8.770  1.00 15.54 ? 81   PHE A CE1 1 
ATOM   603  C CE2 . PHE A 1 81  ? 5.125   13.425  -6.938  1.00 14.92 ? 81   PHE A CE2 1 
ATOM   604  C CZ  . PHE A 1 81  ? 5.692   14.576  -7.480  1.00 14.99 ? 81   PHE A CZ  1 
ATOM   605  N N   . PRO A 1 82  ? 4.004   9.662   -12.816 1.00 10.47 ? 82   PRO A N   1 
ATOM   606  C CA  . PRO A 1 82  ? 4.241   8.670   -13.821 1.00 11.05 ? 82   PRO A CA  1 
ATOM   607  C C   . PRO A 1 82  ? 5.755   8.558   -14.097 1.00 11.18 ? 82   PRO A C   1 
ATOM   608  O O   . PRO A 1 82  ? 6.494   9.569   -13.893 1.00 11.96 ? 82   PRO A O   1 
ATOM   609  C CB  . PRO A 1 82  ? 3.555   9.295   -15.060 1.00 11.22 ? 82   PRO A CB  1 
ATOM   610  C CG  . PRO A 1 82  ? 2.542   10.179  -14.531 1.00 14.95 ? 82   PRO A CG  1 
ATOM   611  C CD  . PRO A 1 82  ? 3.159   10.772  -13.301 1.00 12.04 ? 82   PRO A CD  1 
ATOM   612  N N   . SER A 1 83  ? 6.215   7.383   -14.531 1.00 10.47 ? 83   SER A N   1 
ATOM   613  C CA  . SER A 1 83  ? 7.591   7.289   -15.061 1.00 9.80  ? 83   SER A CA  1 
ATOM   614  C C   . SER A 1 83  ? 7.502   7.246   -16.588 1.00 12.07 ? 83   SER A C   1 
ATOM   615  O O   . SER A 1 83  ? 6.469   7.628   -17.143 1.00 11.11 ? 83   SER A O   1 
ATOM   616  C CB  . SER A 1 83  ? 8.300   6.037   -14.538 1.00 11.13 ? 83   SER A CB  1 
ATOM   617  O OG  . SER A 1 83  ? 7.745   4.856   -15.084 1.00 12.14 ? 83   SER A OG  1 
ATOM   618  N N   . SER A 1 84  ? 8.559   6.765   -17.220 1.00 8.89  ? 84   SER A N   1 
ATOM   619  C CA  . SER A 1 84  ? 8.520   6.553   -18.694 1.00 10.34 ? 84   SER A CA  1 
ATOM   620  C C   . SER A 1 84  ? 8.198   5.114   -19.052 1.00 14.80 ? 84   SER A C   1 
ATOM   621  O O   . SER A 1 84  ? 8.280   4.690   -20.226 1.00 15.74 ? 84   SER A O   1 
ATOM   622  C CB  . SER A 1 84  ? 9.830   7.015   -19.351 1.00 12.10 ? 84   SER A CB  1 
ATOM   623  O OG  . SER A 1 84  ? 9.946   8.409   -19.175 1.00 11.31 ? 84   SER A OG  1 
ATOM   624  N N   . SER A 1 85  ? 7.859   4.340   -18.027 1.00 15.09 ? 85   SER A N   1 
ATOM   625  C CA  . SER A 1 85  ? 7.423   2.966   -18.192 1.00 11.78 ? 85   SER A CA  1 
ATOM   626  C C   . SER A 1 85  ? 5.944   2.893   -17.801 1.00 15.21 ? 85   SER A C   1 
ATOM   627  O O   . SER A 1 85  ? 5.568   3.327   -16.717 1.00 13.46 ? 85   SER A O   1 
ATOM   628  C CB  . SER A 1 85  ? 8.183   2.027   -17.248 1.00 13.61 ? 85   SER A CB  1 
ATOM   629  O OG  . SER A 1 85  ? 7.591   0.727   -17.289 1.00 15.57 ? 85   SER A OG  1 
ATOM   630  N N   . PRO A 1 86  ? 5.085   2.313   -18.660 1.00 16.43 ? 86   PRO A N   1 
ATOM   631  C CA  . PRO A 1 86  ? 3.664   2.138   -18.267 1.00 16.16 ? 86   PRO A CA  1 
ATOM   632  C C   . PRO A 1 86  ? 3.457   1.188   -17.065 1.00 13.24 ? 86   PRO A C   1 
ATOM   633  O O   . PRO A 1 86  ? 2.333   1.090   -16.558 1.00 16.70 ? 86   PRO A O   1 
ATOM   634  C CB  . PRO A 1 86  ? 3.042   1.470   -19.528 1.00 16.31 ? 86   PRO A CB  1 
ATOM   635  C CG  A PRO A 1 86  ? 3.957   1.972   -20.658 0.50 11.23 ? 86   PRO A CG  1 
ATOM   636  C CG  B PRO A 1 86  ? 4.188   0.807   -20.223 0.50 19.42 ? 86   PRO A CG  1 
ATOM   637  C CD  . PRO A 1 86  ? 5.324   1.823   -20.041 1.00 19.20 ? 86   PRO A CD  1 
ATOM   638  N N   . ASP A 1 87  ? 4.515   0.496   -16.656 1.00 11.83 ? 87   ASP A N   1 
ATOM   639  C CA  . ASP A 1 87  ? 4.424   -0.497  -15.586 1.00 14.39 ? 87   ASP A CA  1 
ATOM   640  C C   . ASP A 1 87  ? 4.995   -0.078  -14.243 1.00 11.24 ? 87   ASP A C   1 
ATOM   641  O O   . ASP A 1 87  ? 4.969   -0.871  -13.308 1.00 12.39 ? 87   ASP A O   1 
ATOM   642  C CB  . ASP A 1 87  ? 5.061   -1.806  -16.019 1.00 11.40 ? 87   ASP A CB  1 
ATOM   643  C CG  . ASP A 1 87  ? 4.309   -2.465  -17.236 1.00 17.19 ? 87   ASP A CG  1 
ATOM   644  O OD1 . ASP A 1 87  ? 3.195   -2.011  -17.578 1.00 21.82 ? 87   ASP A OD1 1 
ATOM   645  O OD2 . ASP A 1 87  ? 4.880   -3.389  -17.816 1.00 29.94 ? 87   ASP A OD2 1 
ATOM   646  N N   . GLU A 1 88  ? 5.477   1.155   -14.161 1.00 9.11  ? 88   GLU A N   1 
ATOM   647  C CA  . GLU A 1 88  ? 6.002   1.701   -12.865 1.00 10.30 ? 88   GLU A CA  1 
ATOM   648  C C   . GLU A 1 88  ? 5.532   3.104   -12.638 1.00 10.86 ? 88   GLU A C   1 
ATOM   649  O O   . GLU A 1 88  ? 5.539   3.953   -13.552 1.00 11.67 ? 88   GLU A O   1 
ATOM   650  C CB  . GLU A 1 88  ? 7.535   1.616   -12.803 1.00 11.78 ? 88   GLU A CB  1 
ATOM   651  C CG  . GLU A 1 88  ? 8.078   0.204   -12.958 1.00 13.37 ? 88   GLU A CG  1 
ATOM   652  C CD  . GLU A 1 88  ? 9.464   0.003   -12.408 1.00 19.99 ? 88   GLU A CD  1 
ATOM   653  O OE1 . GLU A 1 88  ? 9.718   0.290   -11.217 1.00 17.26 ? 88   GLU A OE1 1 
ATOM   654  O OE2 . GLU A 1 88  ? 10.315  -0.504  -13.169 1.00 17.51 ? 88   GLU A OE2 1 
ATOM   655  N N   . ILE A 1 89  ? 5.122   3.377   -11.397 1.00 8.84  ? 89   ILE A N   1 
ATOM   656  C CA  . ILE A 1 89  ? 4.590   4.657   -11.043 1.00 7.93  ? 89   ILE A CA  1 
ATOM   657  C C   . ILE A 1 89  ? 4.891   4.940   -9.539  1.00 8.48  ? 89   ILE A C   1 
ATOM   658  O O   . ILE A 1 89  ? 5.098   4.011   -8.766  1.00 10.59 ? 89   ILE A O   1 
ATOM   659  C CB  . ILE A 1 89  ? 3.039   4.730   -11.342 1.00 8.68  ? 89   ILE A CB  1 
ATOM   660  C CG1 . ILE A 1 89  ? 2.513   6.166   -11.271 1.00 9.42  ? 89   ILE A CG1 1 
ATOM   661  C CG2 . ILE A 1 89  ? 2.273   3.833   -10.335 1.00 9.86  ? 89   ILE A CG2 1 
ATOM   662  C CD1 . ILE A 1 89  ? 1.103   6.303   -11.933 1.00 12.81 ? 89   ILE A CD1 1 
ATOM   663  N N   . ALA A 1 90  ? 4.933   6.228   -9.202  1.00 10.07 ? 90   ALA A N   1 
ATOM   664  C CA  . ALA A 1 90  ? 5.073   6.657   -7.784  1.00 8.98  ? 90   ALA A CA  1 
ATOM   665  C C   . ALA A 1 90  ? 3.973   7.655   -7.408  1.00 10.75 ? 90   ALA A C   1 
ATOM   666  O O   . ALA A 1 90  ? 3.468   8.387   -8.259  1.00 10.53 ? 90   ALA A O   1 
ATOM   667  C CB  . ALA A 1 90  ? 6.455   7.292   -7.585  1.00 10.55 ? 90   ALA A CB  1 
ATOM   668  N N   . HIS A 1 91  ? 3.631   7.740   -6.121  1.00 9.71  ? 91   HIS A N   1 
ATOM   669  C CA  . HIS A 1 91  ? 2.591   8.665   -5.652  1.00 11.99 ? 91   HIS A CA  1 
ATOM   670  C C   . HIS A 1 91  ? 3.038   9.175   -4.305  1.00 10.93 ? 91   HIS A C   1 
ATOM   671  O O   . HIS A 1 91  ? 3.791   8.488   -3.605  1.00 12.55 ? 91   HIS A O   1 
ATOM   672  C CB  . HIS A 1 91  ? 1.269   7.934   -5.435  1.00 11.93 ? 91   HIS A CB  1 
ATOM   673  C CG  . HIS A 1 91  ? 0.741   7.205   -6.635  1.00 11.48 ? 91   HIS A CG  1 
ATOM   674  N ND1 . HIS A 1 91  ? -0.049  7.812   -7.594  1.00 13.48 ? 91   HIS A ND1 1 
ATOM   675  C CD2 . HIS A 1 91  ? 0.822   5.898   -6.978  1.00 14.60 ? 91   HIS A CD2 1 
ATOM   676  C CE1 . HIS A 1 91  ? -0.390  6.906   -8.502  1.00 12.93 ? 91   HIS A CE1 1 
ATOM   677  N NE2 . HIS A 1 91  ? 0.125   5.739   -8.147  1.00 13.84 ? 91   HIS A NE2 1 
ATOM   678  N N   . ILE A 1 92  ? 2.608   10.378  -3.965  1.00 9.27  ? 92   ILE A N   1 
ATOM   679  C CA  . ILE A 1 92  ? 2.646   10.820  -2.575  1.00 10.71 ? 92   ILE A CA  1 
ATOM   680  C C   . ILE A 1 92  ? 1.281   10.457  -2.009  1.00 14.07 ? 92   ILE A C   1 
ATOM   681  O O   . ILE A 1 92  ? 0.236   10.917  -2.508  1.00 14.55 ? 92   ILE A O   1 
ATOM   682  C CB  . ILE A 1 92  ? 2.853   12.333  -2.442  1.00 14.61 ? 92   ILE A CB  1 
ATOM   683  C CG1 A ILE A 1 92  ? 4.036   12.838  -3.293  0.65 17.34 ? 92   ILE A CG1 1 
ATOM   684  C CG1 B ILE A 1 92  ? 4.251   12.703  -2.969  0.35 6.83  ? 92   ILE A CG1 1 
ATOM   685  C CG2 . ILE A 1 92  ? 2.844   12.696  -0.954  1.00 13.35 ? 92   ILE A CG2 1 
ATOM   686  C CD1 A ILE A 1 92  ? 5.291   12.070  -3.139  0.65 17.94 ? 92   ILE A CD1 1 
ATOM   687  C CD1 B ILE A 1 92  ? 4.530   14.211  -3.027  0.35 6.53  ? 92   ILE A CD1 1 
ATOM   688  N N   . LEU A 1 93  ? 1.285   9.605   -0.991  1.00 11.07 ? 93   LEU A N   1 
ATOM   689  C CA  . LEU A 1 93  ? 0.035   9.210   -0.326  1.00 11.09 ? 93   LEU A CA  1 
ATOM   690  C C   . LEU A 1 93  ? 0.041   9.656   1.128   1.00 12.74 ? 93   LEU A C   1 
ATOM   691  O O   . LEU A 1 93  ? 1.094   9.686   1.795   1.00 11.25 ? 93   LEU A O   1 
ATOM   692  C CB  . LEU A 1 93  ? -0.151  7.701   -0.353  1.00 12.06 ? 93   LEU A CB  1 
ATOM   693  C CG  . LEU A 1 93  ? -0.052  6.937   -1.673  1.00 13.81 ? 93   LEU A CG  1 
ATOM   694  C CD1 . LEU A 1 93  ? -0.295  5.454   -1.438  1.00 14.21 ? 93   LEU A CD1 1 
ATOM   695  C CD2 . LEU A 1 93  ? -1.055  7.547   -2.643  1.00 14.18 ? 93   LEU A CD2 1 
ATOM   696  N N   . VAL A 1 94  ? -1.164  9.949   1.612   1.00 13.47 ? 94   VAL A N   1 
ATOM   697  C CA  . VAL A 1 94  ? -1.356  10.212  3.031   1.00 12.01 ? 94   VAL A CA  1 
ATOM   698  C C   . VAL A 1 94  ? -2.155  9.050   3.585   1.00 15.66 ? 94   VAL A C   1 
ATOM   699  O O   . VAL A 1 94  ? -3.256  8.746   3.085   1.00 15.70 ? 94   VAL A O   1 
ATOM   700  C CB  . VAL A 1 94  ? -2.052  11.563  3.264   1.00 12.42 ? 94   VAL A CB  1 
ATOM   701  C CG1 . VAL A 1 94  ? -2.386  11.743  4.752   1.00 19.66 ? 94   VAL A CG1 1 
ATOM   702  C CG2 . VAL A 1 94  ? -1.163  12.732  2.801   1.00 19.92 ? 94   VAL A CG2 1 
ATOM   703  N N   . LEU A 1 95  ? -1.594  8.396   4.608   1.00 12.54 ? 95   LEU A N   1 
ATOM   704  C CA  . LEU A 1 95  ? -2.221  7.229   5.244   1.00 11.59 ? 95   LEU A CA  1 
ATOM   705  C C   . LEU A 1 95  ? -2.740  7.645   6.608   1.00 17.85 ? 95   LEU A C   1 
ATOM   706  O O   . LEU A 1 95  ? -2.035  8.331   7.341   1.00 14.11 ? 95   LEU A O   1 
ATOM   707  C CB  . LEU A 1 95  ? -1.241  6.063   5.422   1.00 11.40 ? 95   LEU A CB  1 
ATOM   708  C CG  . LEU A 1 95  ? -0.454  5.595   4.182   1.00 15.10 ? 95   LEU A CG  1 
ATOM   709  C CD1 . LEU A 1 95  ? 0.400   4.421   4.595   1.00 19.92 ? 95   LEU A CD1 1 
ATOM   710  C CD2 . LEU A 1 95  ? -1.347  5.267   3.019   1.00 24.60 ? 95   LEU A CD2 1 
ATOM   711  N N   . HIS A 1 96  ? -3.993  7.291   6.922   1.00 16.66 ? 96   HIS A N   1 
ATOM   712  C CA  . HIS A 1 96  ? -4.556  7.566   8.264   1.00 13.97 ? 96   HIS A CA  1 
ATOM   713  C C   . HIS A 1 96  ? -5.044  6.255   8.843   1.00 16.61 ? 96   HIS A C   1 
ATOM   714  O O   . HIS A 1 96  ? -5.670  5.468   8.148   1.00 17.09 ? 96   HIS A O   1 
ATOM   715  C CB  A HIS A 1 96  ? -5.679  8.585   8.127   0.35 14.40 ? 96   HIS A CB  1 
ATOM   716  C CB  B HIS A 1 96  ? -5.800  8.453   8.189   0.65 17.09 ? 96   HIS A CB  1 
ATOM   717  C CG  A HIS A 1 96  ? -6.335  8.940   9.416   0.35 10.67 ? 96   HIS A CG  1 
ATOM   718  C CG  B HIS A 1 96  ? -5.539  9.896   7.901   0.65 26.94 ? 96   HIS A CG  1 
ATOM   719  N ND1 A HIS A 1 96  ? -7.262  8.123   10.026  0.35 16.97 ? 96   HIS A ND1 1 
ATOM   720  N ND1 B HIS A 1 96  ? -5.528  10.410  6.622   0.65 31.11 ? 96   HIS A ND1 1 
ATOM   721  C CD2 A HIS A 1 96  ? -6.216  10.033  10.205  0.35 20.55 ? 96   HIS A CD2 1 
ATOM   722  C CD2 B HIS A 1 96  ? -5.377  10.954  8.733   0.65 29.40 ? 96   HIS A CD2 1 
ATOM   723  C CE1 A HIS A 1 96  ? -7.675  8.690   11.145  0.35 17.30 ? 96   HIS A CE1 1 
ATOM   724  C CE1 B HIS A 1 96  ? -5.324  11.714  6.676   0.65 32.13 ? 96   HIS A CE1 1 
ATOM   725  N NE2 A HIS A 1 96  ? -7.058  9.851   11.274  0.35 19.85 ? 96   HIS A NE2 1 
ATOM   726  N NE2 B HIS A 1 96  ? -5.220  12.067  7.944   0.65 32.63 ? 96   HIS A NE2 1 
ATOM   727  N N   . SER A 1 97  ? -4.772  6.002   10.119  1.00 15.67 ? 97   SER A N   1 
ATOM   728  C CA  . SER A 1 97  ? -5.253  4.752   10.697  1.00 16.81 ? 97   SER A CA  1 
ATOM   729  C C   . SER A 1 97  ? -5.509  4.942   12.175  1.00 20.90 ? 97   SER A C   1 
ATOM   730  O O   . SER A 1 97  ? -5.301  6.042   12.709  1.00 19.56 ? 97   SER A O   1 
ATOM   731  C CB  . SER A 1 97  ? -4.264  3.618   10.427  1.00 19.51 ? 97   SER A CB  1 
ATOM   732  O OG  . SER A 1 97  ? -3.094  3.774   11.211  1.00 24.25 ? 97   SER A OG  1 
ATOM   733  N N   . GLU A 1 98  ? -5.985  3.879   12.810  1.00 18.49 ? 98   GLU A N   1 
ATOM   734  C CA  . GLU A 1 98  ? -6.383  3.931   14.217  1.00 22.49 ? 98   GLU A CA  1 
ATOM   735  C C   . GLU A 1 98  ? -5.655  2.873   14.988  1.00 24.91 ? 98   GLU A C   1 
ATOM   736  O O   . GLU A 1 98  ? -5.338  1.798   14.459  1.00 24.13 ? 98   GLU A O   1 
ATOM   737  C CB  . GLU A 1 98  ? -7.894  3.726   14.360  1.00 23.40 ? 98   GLU A CB  1 
ATOM   738  C CG  . GLU A 1 98  ? -8.673  4.934   13.951  1.00 21.46 ? 98   GLU A CG  1 
ATOM   739  C CD  . GLU A 1 98  ? -10.164 4.690   13.995  1.00 54.59 ? 98   GLU A CD  1 
ATOM   740  O OE1 . GLU A 1 98  ? -10.599 3.865   14.826  1.00 54.59 ? 98   GLU A OE1 1 
ATOM   741  O OE2 . GLU A 1 98  ? -10.897 5.321   13.200  1.00 56.80 ? 98   GLU A OE2 1 
ATOM   742  N N   . PHE A 1 99  ? -5.358  3.176   16.255  1.00 20.54 ? 99   PHE A N   1 
ATOM   743  C CA  . PHE A 1 99  ? -4.708  2.186   17.094  1.00 20.56 ? 99   PHE A CA  1 
ATOM   744  C C   . PHE A 1 99  ? -5.157  2.362   18.552  1.00 21.01 ? 99   PHE A C   1 
ATOM   745  O O   . PHE A 1 99  ? -5.756  3.385   18.909  1.00 22.75 ? 99   PHE A O   1 
ATOM   746  C CB  . PHE A 1 99  ? -3.196  2.265   16.984  1.00 19.75 ? 99   PHE A CB  1 
ATOM   747  C CG  . PHE A 1 99  ? -2.612  3.527   17.558  1.00 29.10 ? 99   PHE A CG  1 
ATOM   748  C CD1 . PHE A 1 99  ? -1.880  3.483   18.736  1.00 26.28 ? 99   PHE A CD1 1 
ATOM   749  C CD2 . PHE A 1 99  ? -2.837  4.765   16.943  1.00 20.51 ? 99   PHE A CD2 1 
ATOM   750  C CE1 . PHE A 1 99  ? -1.351  4.665   19.290  1.00 24.65 ? 99   PHE A CE1 1 
ATOM   751  C CE2 . PHE A 1 99  ? -2.306  5.956   17.491  1.00 20.44 ? 99   PHE A CE2 1 
ATOM   752  C CZ  . PHE A 1 99  ? -1.564  5.883   18.669  1.00 19.84 ? 99   PHE A CZ  1 
ATOM   753  N N   . ASP A 1 100 ? -4.906  1.324   19.346  1.00 27.87 ? 100  ASP A N   1 
ATOM   754  C CA  . ASP A 1 100 ? -5.175  1.334   20.792  1.00 30.56 ? 100  ASP A CA  1 
ATOM   755  C C   . ASP A 1 100 ? -6.558  1.883   21.146  1.00 33.29 ? 100  ASP A C   1 
ATOM   756  O O   . ASP A 1 100 ? -6.705  2.719   22.039  1.00 39.93 ? 100  ASP A O   1 
ATOM   757  C CB  . ASP A 1 100 ? -4.058  2.103   21.536  1.00 25.18 ? 100  ASP A CB  1 
ATOM   758  C CG  . ASP A 1 100 ? -2.703  1.434   21.408  1.00 39.02 ? 100  ASP A CG  1 
ATOM   759  O OD1 . ASP A 1 100 ? -1.692  2.044   21.834  1.00 54.72 ? 100  ASP A OD1 1 
ATOM   760  O OD2 . ASP A 1 100 ? -2.632  0.299   20.877  1.00 60.64 ? 100  ASP A OD2 1 
ATOM   761  N N   . GLY A 1 101 ? -7.571  1.426   20.420  1.00 38.07 ? 101  GLY A N   1 
ATOM   762  C CA  . GLY A 1 101 ? -8.945  1.811   20.713  1.00 37.24 ? 101  GLY A CA  1 
ATOM   763  C C   . GLY A 1 101 ? -9.395  3.174   20.226  1.00 40.66 ? 101  GLY A C   1 
ATOM   764  O O   . GLY A 1 101 ? -10.249 3.807   20.854  1.00 46.70 ? 101  GLY A O   1 
ATOM   765  N N   . GLY A 1 102 ? -8.841  3.642   19.109  1.00 31.80 ? 102  GLY A N   1 
ATOM   766  C CA  . GLY A 1 102 ? -9.409  4.820   18.467  1.00 30.79 ? 102  GLY A CA  1 
ATOM   767  C C   . GLY A 1 102 ? -8.536  6.058   18.395  1.00 21.65 ? 102  GLY A C   1 
ATOM   768  O O   . GLY A 1 102 ? -8.933  7.061   17.779  1.00 33.08 ? 102  GLY A O   1 
ATOM   769  N N   . PHE A 1 103 ? -7.361  6.007   19.029  1.00 24.43 ? 103  PHE A N   1 
ATOM   770  C CA  . PHE A 1 103 ? -6.333  7.030   18.777  1.00 17.92 ? 103  PHE A CA  1 
ATOM   771  C C   . PHE A 1 103 ? -5.938  6.919   17.302  1.00 22.64 ? 103  PHE A C   1 
ATOM   772  O O   . PHE A 1 103 ? -6.080  5.850   16.705  1.00 22.14 ? 103  PHE A O   1 
ATOM   773  C CB  . PHE A 1 103 ? -5.156  6.812   19.707  1.00 20.03 ? 103  PHE A CB  1 
ATOM   774  C CG  . PHE A 1 103 ? -5.463  7.273   21.085  1.00 22.79 ? 103  PHE A CG  1 
ATOM   775  C CD1 . PHE A 1 103 ? -5.923  6.394   22.061  1.00 30.97 ? 103  PHE A CD1 1 
ATOM   776  C CD2 . PHE A 1 103 ? -5.389  8.621   21.353  1.00 19.68 ? 103  PHE A CD2 1 
ATOM   777  C CE1 . PHE A 1 103 ? -6.278  6.885   23.353  1.00 18.28 ? 103  PHE A CE1 1 
ATOM   778  C CE2 . PHE A 1 103 ? -5.733  9.108   22.601  1.00 34.99 ? 103  PHE A CE2 1 
ATOM   779  C CZ  . PHE A 1 103 ? -6.176  8.242   23.582  1.00 19.96 ? 103  PHE A CZ  1 
ATOM   780  N N   . THR A 1 104 ? -5.451  8.004   16.729  1.00 15.56 ? 104  THR A N   1 
ATOM   781  C CA  . THR A 1 104 ? -5.235  8.072   15.270  1.00 18.34 ? 104  THR A CA  1 
ATOM   782  C C   . THR A 1 104 ? -3.784  8.371   14.989  1.00 23.25 ? 104  THR A C   1 
ATOM   783  O O   . THR A 1 104 ? -3.124  9.068   15.763  1.00 16.54 ? 104  THR A O   1 
ATOM   784  C CB  . THR A 1 104 ? -6.104  9.172   14.572  1.00 18.73 ? 104  THR A CB  1 
ATOM   785  O OG1 . THR A 1 104 ? -5.763  10.470  15.057  1.00 26.57 ? 104  THR A OG1 1 
ATOM   786  C CG2 . THR A 1 104 ? -7.596  8.958   14.783  1.00 21.40 ? 104  THR A CG2 1 
ATOM   787  N N   . SER A 1 105 ? -3.275  7.830   13.888  1.00 17.68 ? 105  SER A N   1 
ATOM   788  C CA  . SER A 1 105 ? -1.969  8.275   13.404  1.00 15.47 ? 105  SER A CA  1 
ATOM   789  C C   . SER A 1 105 ? -2.042  8.514   11.915  1.00 16.32 ? 105  SER A C   1 
ATOM   790  O O   . SER A 1 105 ? -2.931  7.979   11.219  1.00 21.21 ? 105  SER A O   1 
ATOM   791  C CB  . SER A 1 105 ? -0.857  7.303   13.765  1.00 22.40 ? 105  SER A CB  1 
ATOM   792  O OG  . SER A 1 105 ? -1.035  6.046   13.142  1.00 29.81 ? 105  SER A OG  1 
ATOM   793  N N   . GLU A 1 106 ? -1.135  9.347   11.421  1.00 13.98 ? 106  GLU A N   1 
ATOM   794  C CA  . GLU A 1 106 ? -1.148  9.678   9.999   1.00 13.56 ? 106  GLU A CA  1 
ATOM   795  C C   . GLU A 1 106 ? 0.304   9.729   9.546   1.00 14.38 ? 106  GLU A C   1 
ATOM   796  O O   . GLU A 1 106 ? 1.199   10.066  10.327  1.00 13.06 ? 106  GLU A O   1 
ATOM   797  C CB  . GLU A 1 106 ? -1.829  11.030  9.854   1.00 16.52 ? 106  GLU A CB  1 
ATOM   798  C CG  . GLU A 1 106 ? -1.843  11.658  8.501   1.00 29.32 ? 106  GLU A CG  1 
ATOM   799  C CD  . GLU A 1 106 ? -2.695  12.924  8.514   1.00 37.67 ? 106  GLU A CD  1 
ATOM   800  O OE1 . GLU A 1 106 ? -3.670  12.963  9.300   1.00 53.10 ? 106  GLU A OE1 1 
ATOM   801  O OE2 . GLU A 1 106 ? -2.403  13.867  7.759   1.00 43.03 ? 106  GLU A OE2 1 
ATOM   802  N N   . VAL A 1 107 ? 0.557   9.353   8.293   1.00 15.36 ? 107  VAL A N   1 
ATOM   803  C CA  . VAL A 1 107 ? 1.905   9.487   7.743   1.00 13.96 ? 107  VAL A CA  1 
ATOM   804  C C   . VAL A 1 107 ? 1.769   9.870   6.259   1.00 12.80 ? 107  VAL A C   1 
ATOM   805  O O   . VAL A 1 107 ? 0.834   9.412   5.598   1.00 12.53 ? 107  VAL A O   1 
ATOM   806  C CB  . VAL A 1 107 ? 2.823   8.244   7.962   1.00 16.41 ? 107  VAL A CB  1 
ATOM   807  C CG1 . VAL A 1 107 ? 2.476   7.109   6.981   1.00 17.27 ? 107  VAL A CG1 1 
ATOM   808  C CG2 . VAL A 1 107 ? 4.300   8.661   7.793   1.00 17.12 ? 107  VAL A CG2 1 
ATOM   809  N N   . ARG A 1 108 ? 2.690   10.707  5.775   1.00 11.79 ? 108  ARG A N   1 
ATOM   810  C CA  . ARG A 1 108 ? 2.726   11.099  4.364   1.00 11.65 ? 108  ARG A CA  1 
ATOM   811  C C   . ARG A 1 108 ? 4.027   10.551  3.796   1.00 11.66 ? 108  ARG A C   1 
ATOM   812  O O   . ARG A 1 108 ? 5.133   10.825  4.333   1.00 14.05 ? 108  ARG A O   1 
ATOM   813  C CB  . ARG A 1 108 ? 2.680   12.618  4.289   1.00 17.91 ? 108  ARG A CB  1 
ATOM   814  C CG  . ARG A 1 108 ? 2.752   13.194  2.870   1.00 15.01 ? 108  ARG A CG  1 
ATOM   815  C CD  . ARG A 1 108 ? 2.309   14.664  2.917   1.00 18.60 ? 108  ARG A CD  1 
ATOM   816  N NE  . ARG A 1 108 ? 2.698   15.318  1.689   1.00 24.01 ? 108  ARG A NE  1 
ATOM   817  C CZ  . ARG A 1 108 ? 3.930   15.737  1.441   1.00 20.62 ? 108  ARG A CZ  1 
ATOM   818  N NH1 . ARG A 1 108 ? 4.887   15.586  2.370   1.00 21.38 ? 108  ARG A NH1 1 
ATOM   819  N NH2 . ARG A 1 108 ? 4.206   16.293  0.274   1.00 21.19 ? 108  ARG A NH2 1 
ATOM   820  N N   . GLY A 1 109 ? 3.944   9.747   2.734   1.00 10.60 ? 109  GLY A N   1 
ATOM   821  C CA  . GLY A 1 109 ? 5.162   9.060   2.229   1.00 10.28 ? 109  GLY A CA  1 
ATOM   822  C C   . GLY A 1 109 ? 5.092   8.935   0.719   1.00 13.14 ? 109  GLY A C   1 
ATOM   823  O O   . GLY A 1 109 ? 4.043   9.240   0.126   1.00 12.36 ? 109  GLY A O   1 
ATOM   824  N N   . VAL A 1 110 ? 6.210   8.521   0.127   1.00 11.62 ? 110  VAL A N   1 
ATOM   825  C CA  . VAL A 1 110 ? 6.261   8.221   -1.289  1.00 9.66  ? 110  VAL A CA  1 
ATOM   826  C C   . VAL A 1 110 ? 6.002   6.726   -1.398  1.00 9.77  ? 110  VAL A C   1 
ATOM   827  O O   . VAL A 1 110 ? 6.610   5.911   -0.680  1.00 8.81  ? 110  VAL A O   1 
ATOM   828  C CB  . VAL A 1 110 ? 7.643   8.539   -1.907  1.00 11.66 ? 110  VAL A CB  1 
ATOM   829  C CG1 . VAL A 1 110 ? 7.836   7.798   -3.255  1.00 14.23 ? 110  VAL A CG1 1 
ATOM   830  C CG2 . VAL A 1 110 ? 7.776   10.061  -2.120  1.00 13.02 ? 110  VAL A CG2 1 
ATOM   831  N N   . PHE A 1 111 ? 5.093   6.347   -2.301  1.00 9.26  ? 111  PHE A N   1 
ATOM   832  C CA  . PHE A 1 111 ? 4.864   4.924   -2.547  1.00 9.24  ? 111  PHE A CA  1 
ATOM   833  C C   . PHE A 1 111 ? 5.097   4.612   -4.025  1.00 10.55 ? 111  PHE A C   1 
ATOM   834  O O   . PHE A 1 111 ? 4.573   5.322   -4.890  1.00 11.32 ? 111  PHE A O   1 
ATOM   835  C CB  . PHE A 1 111 ? 3.442   4.521   -2.141  1.00 12.47 ? 111  PHE A CB  1 
ATOM   836  C CG  . PHE A 1 111 ? 3.235   4.595   -0.642  1.00 12.60 ? 111  PHE A CG  1 
ATOM   837  C CD1 . PHE A 1 111 ? 3.208   3.443   0.134   1.00 19.58 ? 111  PHE A CD1 1 
ATOM   838  C CD2 . PHE A 1 111 ? 3.117   5.841   -0.044  1.00 17.31 ? 111  PHE A CD2 1 
ATOM   839  C CE1 . PHE A 1 111 ? 3.038   3.575   1.532   1.00 15.04 ? 111  PHE A CE1 1 
ATOM   840  C CE2 . PHE A 1 111 ? 2.959   5.956   1.343   1.00 18.26 ? 111  PHE A CE2 1 
ATOM   841  C CZ  . PHE A 1 111 ? 2.930   4.826   2.086   1.00 13.88 ? 111  PHE A CZ  1 
ATOM   842  N N   . THR A 1 112 ? 5.887   3.583   -4.275  1.00 8.71  ? 112  THR A N   1 
ATOM   843  C CA  . THR A 1 112 ? 6.181   3.150   -5.636  1.00 9.72  ? 112  THR A CA  1 
ATOM   844  C C   . THR A 1 112 ? 5.480   1.854   -5.924  1.00 11.94 ? 112  THR A C   1 
ATOM   845  O O   . THR A 1 112 ? 5.338   0.995   -5.054  1.00 9.38  ? 112  THR A O   1 
ATOM   846  C CB  . THR A 1 112 ? 7.706   2.996   -5.933  1.00 10.44 ? 112  THR A CB  1 
ATOM   847  O OG1 . THR A 1 112 ? 8.298   1.939   -5.154  1.00 11.49 ? 112  THR A OG1 1 
ATOM   848  C CG2 . THR A 1 112 ? 8.437   4.349   -5.650  1.00 9.82  ? 112  THR A CG2 1 
ATOM   849  N N   . TYR A 1 113 ? 5.034   1.711   -7.163  1.00 12.26 ? 113  TYR A N   1 
ATOM   850  C CA  . TYR A 1 113 ? 4.358   0.482   -7.569  1.00 8.49  ? 113  TYR A CA  1 
ATOM   851  C C   . TYR A 1 113 ? 4.985   -0.033  -8.859  1.00 11.92 ? 113  TYR A C   1 
ATOM   852  O O   . TYR A 1 113 ? 5.327   0.757   -9.737  1.00 12.23 ? 113  TYR A O   1 
ATOM   853  C CB  . TYR A 1 113 ? 2.870   0.712   -7.873  1.00 11.50 ? 113  TYR A CB  1 
ATOM   854  C CG  . TYR A 1 113 ? 2.027   1.181   -6.693  1.00 11.94 ? 113  TYR A CG  1 
ATOM   855  C CD1 . TYR A 1 113 ? 1.027   0.354   -6.147  1.00 15.18 ? 113  TYR A CD1 1 
ATOM   856  C CD2 . TYR A 1 113 ? 2.206   2.451   -6.151  1.00 11.79 ? 113  TYR A CD2 1 
ATOM   857  C CE1 . TYR A 1 113 ? 0.253   0.796   -5.081  1.00 16.83 ? 113  TYR A CE1 1 
ATOM   858  C CE2 . TYR A 1 113 ? 1.443   2.889   -5.070  1.00 12.54 ? 113  TYR A CE2 1 
ATOM   859  C CZ  . TYR A 1 113 ? 0.456   2.057   -4.558  1.00 15.48 ? 113  TYR A CZ  1 
ATOM   860  O OH  . TYR A 1 113 ? -0.304  2.504   -3.501  1.00 16.88 ? 113  TYR A OH  1 
ATOM   861  N N   . ARG A 1 114 ? 5.078   -1.345  -8.949  1.00 10.18 ? 114  ARG A N   1 
ATOM   862  C CA  . ARG A 1 114 ? 5.471   -2.003  -10.212 1.00 10.49 ? 114  ARG A CA  1 
ATOM   863  C C   . ARG A 1 114 ? 4.388   -3.042  -10.533 1.00 13.90 ? 114  ARG A C   1 
ATOM   864  O O   . ARG A 1 114 ? 3.964   -3.786  -9.652  1.00 11.40 ? 114  ARG A O   1 
ATOM   865  C CB  . ARG A 1 114 ? 6.831   -2.678  -10.064 1.00 11.24 ? 114  ARG A CB  1 
ATOM   866  C CG  . ARG A 1 114 ? 7.352   -3.288  -11.421 1.00 14.35 ? 114  ARG A CG  1 
ATOM   867  C CD  . ARG A 1 114 ? 8.597   -4.104  -11.202 1.00 18.79 ? 114  ARG A CD  1 
ATOM   868  N NE  . ARG A 1 114 ? 9.036   -4.776  -12.440 1.00 25.64 ? 114  ARG A NE  1 
ATOM   869  C CZ  . ARG A 1 114 ? 8.583   -5.954  -12.888 1.00 40.86 ? 114  ARG A CZ  1 
ATOM   870  N NH1 . ARG A 1 114 ? 7.639   -6.632  -12.230 1.00 21.50 ? 114  ARG A NH1 1 
ATOM   871  N NH2 . ARG A 1 114 ? 9.071   -6.456  -14.030 1.00 33.04 ? 114  ARG A NH2 1 
ATOM   872  N N   . VAL A 1 115 ? 3.969   -3.101  -11.795 1.00 11.92 ? 115  VAL A N   1 
ATOM   873  C CA  . VAL A 1 115 ? 3.112   -4.225  -12.266 1.00 14.46 ? 115  VAL A CA  1 
ATOM   874  C C   . VAL A 1 115 ? 3.863   -5.057  -13.301 1.00 18.28 ? 115  VAL A C   1 
ATOM   875  O O   . VAL A 1 115 ? 4.843   -4.594  -13.928 1.00 14.74 ? 115  VAL A O   1 
ATOM   876  C CB  . VAL A 1 115 ? 1.734   -3.747  -12.828 1.00 12.81 ? 115  VAL A CB  1 
ATOM   877  C CG1 . VAL A 1 115 ? 0.939   -3.007  -11.802 1.00 14.25 ? 115  VAL A CG1 1 
ATOM   878  C CG2 . VAL A 1 115 ? 1.901   -2.846  -14.077 1.00 16.34 ? 115  VAL A CG2 1 
ATOM   879  N N   . ASN A 1 116 ? 3.456   -6.316  -13.447 1.00 17.32 ? 116  ASN A N   1 
ATOM   880  C CA  . ASN A 1 116 ? 3.982   -7.139  -14.545 1.00 18.63 ? 116  ASN A CA  1 
ATOM   881  C C   . ASN A 1 116 ? 3.187   -6.846  -15.830 1.00 14.32 ? 116  ASN A C   1 
ATOM   882  O O   . ASN A 1 116 ? 2.311   -5.976  -15.846 1.00 20.03 ? 116  ASN A O   1 
ATOM   883  C CB  . ASN A 1 116 ? 3.976   -8.621  -14.147 1.00 19.03 ? 116  ASN A CB  1 
ATOM   884  C CG  . ASN A 1 116 ? 2.574   -9.153  -13.858 1.00 14.50 ? 116  ASN A CG  1 
ATOM   885  O OD1 . ASN A 1 116 ? 1.558   -8.569  -14.278 1.00 19.19 ? 116  ASN A OD1 1 
ATOM   886  N ND2 . ASN A 1 116 ? 2.509   -10.258 -13.119 1.00 19.47 ? 116  ASN A ND2 1 
ATOM   887  N N   . LYS A 1 117 ? 3.508   -7.554  -16.917 1.00 25.34 ? 117  LYS A N   1 
ATOM   888  C CA  . LYS A 1 117 ? 2.854   -7.317  -18.226 1.00 26.89 ? 117  LYS A CA  1 
ATOM   889  C C   . LYS A 1 117 ? 1.351   -7.592  -18.237 1.00 28.53 ? 117  LYS A C   1 
ATOM   890  O O   . LYS A 1 117 ? 0.573   -6.909  -18.947 1.00 26.86 ? 117  LYS A O   1 
ATOM   891  C CB  . LYS A 1 117 ? 3.564   -8.090  -19.343 1.00 27.35 ? 117  LYS A CB  1 
ATOM   892  C CG  . LYS A 1 117 ? 4.907   -7.478  -19.742 1.00 32.57 ? 117  LYS A CG  1 
ATOM   893  C CD  . LYS A 1 117 ? 4.818   -5.959  -19.987 1.00 37.00 ? 117  LYS A CD  1 
ATOM   894  C CE  . LYS A 1 117 ? 6.178   -5.381  -20.385 1.00 51.61 ? 117  LYS A CE  1 
ATOM   895  N NZ  . LYS A 1 117 ? 6.038   -3.971  -20.870 1.00 53.34 ? 117  LYS A NZ  1 
ATOM   896  N N   . ALA A 1 118 ? 0.946   -8.545  -17.388 1.00 27.78 ? 118  ALA A N   1 
ATOM   897  C CA  . ALA A 1 118 ? -0.456  -8.825  -17.119 1.00 27.72 ? 118  ALA A CA  1 
ATOM   898  C C   . ALA A 1 118 ? -1.183  -7.742  -16.327 1.00 26.31 ? 118  ALA A C   1 
ATOM   899  O O   . ALA A 1 118 ? -2.409  -7.755  -16.233 1.00 28.89 ? 118  ALA A O   1 
ATOM   900  C CB  . ALA A 1 118 ? -0.586  -10.196 -16.410 1.00 29.74 ? 118  ALA A CB  1 
ATOM   901  N N   . GLY A 1 119 ? -0.430  -6.806  -15.729 1.00 19.79 ? 119  GLY A N   1 
ATOM   902  C CA  . GLY A 1 119 ? -1.038  -5.676  -15.068 1.00 16.40 ? 119  GLY A CA  1 
ATOM   903  C C   . GLY A 1 119 ? -1.200  -5.895  -13.563 1.00 11.20 ? 119  GLY A C   1 
ATOM   904  O O   . GLY A 1 119 ? -1.843  -5.056  -12.902 1.00 15.34 ? 119  GLY A O   1 
ATOM   905  N N   . LEU A 1 120 ? -0.642  -7.005  -13.084 1.00 15.00 ? 120  LEU A N   1 
ATOM   906  C CA  . LEU A 1 120 ? -0.776  -7.347  -11.636 1.00 18.69 ? 120  LEU A CA  1 
ATOM   907  C C   . LEU A 1 120 ? 0.380   -6.728  -10.866 1.00 15.06 ? 120  LEU A C   1 
ATOM   908  O O   . LEU A 1 120 ? 1.516   -6.688  -11.357 1.00 16.07 ? 120  LEU A O   1 
ATOM   909  C CB  . LEU A 1 120 ? -0.783  -8.865  -11.421 1.00 19.54 ? 120  LEU A CB  1 
ATOM   910  C CG  . LEU A 1 120 ? -2.025  -9.535  -12.064 1.00 19.26 ? 120  LEU A CG  1 
ATOM   911  C CD1 . LEU A 1 120 ? -2.063  -10.996 -11.642 1.00 21.71 ? 120  LEU A CD1 1 
ATOM   912  C CD2 . LEU A 1 120 ? -3.312  -8.771  -11.716 1.00 17.10 ? 120  LEU A CD2 1 
ATOM   913  N N   . ILE A 1 121 ? 0.088   -6.292  -9.638  1.00 15.23 ? 121  ILE A N   1 
ATOM   914  C CA  . ILE A 1 121 ? 1.112   -5.680  -8.789  1.00 13.37 ? 121  ILE A CA  1 
ATOM   915  C C   . ILE A 1 121 ? 2.168   -6.679  -8.314  1.00 13.82 ? 121  ILE A C   1 
ATOM   916  O O   . ILE A 1 121 ? 1.871   -7.696  -7.647  1.00 15.02 ? 121  ILE A O   1 
ATOM   917  C CB  . ILE A 1 121 ? 0.481   -4.951  -7.564  1.00 12.91 ? 121  ILE A CB  1 
ATOM   918  C CG1 . ILE A 1 121 ? -0.428  -3.812  -8.006  1.00 13.83 ? 121  ILE A CG1 1 
ATOM   919  C CG2 . ILE A 1 121 ? 1.602   -4.409  -6.625  1.00 12.02 ? 121  ILE A CG2 1 
ATOM   920  C CD1 . ILE A 1 121 ? -1.380  -3.285  -6.926  1.00 14.31 ? 121  ILE A CD1 1 
ATOM   921  N N   . THR A 1 122 ? 3.425   -6.391  -8.633  1.00 12.88 ? 122  THR A N   1 
ATOM   922  C CA  . THR A 1 122 ? 4.524   -7.210  -8.168  1.00 12.41 ? 122  THR A CA  1 
ATOM   923  C C   . THR A 1 122 ? 5.250   -6.572  -6.972  1.00 12.38 ? 122  THR A C   1 
ATOM   924  O O   . THR A 1 122 ? 5.898   -7.255  -6.214  1.00 13.97 ? 122  THR A O   1 
ATOM   925  C CB  . THR A 1 122 ? 5.569   -7.525  -9.291  1.00 17.09 ? 122  THR A CB  1 
ATOM   926  O OG1 . THR A 1 122 ? 6.178   -6.296  -9.762  1.00 15.62 ? 122  THR A OG1 1 
ATOM   927  C CG2 . THR A 1 122 ? 4.859   -8.232  -10.464 1.00 19.53 ? 122  THR A CG2 1 
ATOM   928  N N   . ASN A 1 123 ? 5.197   -5.257  -6.871  1.00 13.37 ? 123  ASN A N   1 
ATOM   929  C CA  . ASN A 1 123 ? 5.928   -4.571  -5.791  1.00 12.35 ? 123  ASN A CA  1 
ATOM   930  C C   . ASN A 1 123 ? 5.165   -3.340  -5.412  1.00 12.96 ? 123  ASN A C   1 
ATOM   931  O O   . ASN A 1 123 ? 4.747   -2.591  -6.285  1.00 11.81 ? 123  ASN A O   1 
ATOM   932  C CB  . ASN A 1 123 ? 7.319   -4.113  -6.293  1.00 13.35 ? 123  ASN A CB  1 
ATOM   933  C CG  . ASN A 1 123 ? 8.183   -5.255  -6.690  1.00 17.05 ? 123  ASN A CG  1 
ATOM   934  O OD1 . ASN A 1 123 ? 8.881   -5.842  -5.846  1.00 19.40 ? 123  ASN A OD1 1 
ATOM   935  N ND2 . ASN A 1 123 ? 8.126   -5.623  -7.961  1.00 10.58 ? 123  ASN A ND2 1 
ATOM   936  N N   . MET A 1 124 ? 4.938   -3.147  -4.113  1.00 10.98 ? 124  MET A N   1 
ATOM   937  C CA  . MET A 1 124 ? 4.511   -1.848  -3.611  1.00 12.27 ? 124  MET A CA  1 
ATOM   938  C C   . MET A 1 124 ? 5.483   -1.508  -2.487  1.00 12.79 ? 124  MET A C   1 
ATOM   939  O O   . MET A 1 124 ? 5.673   -2.310  -1.569  1.00 10.83 ? 124  MET A O   1 
ATOM   940  C CB  . MET A 1 124 ? 3.065   -1.850  -3.091  1.00 12.89 ? 124  MET A CB  1 
ATOM   941  C CG  A MET A 1 124 ? 2.585   -0.468  -2.645  0.35 18.22 ? 124  MET A CG  1 
ATOM   942  C CG  B MET A 1 124 ? 2.610   -0.446  -2.696  0.65 17.84 ? 124  MET A CG  1 
ATOM   943  S SD  A MET A 1 124 ? 2.946   -0.073  -0.920  0.35 34.40 ? 124  MET A SD  1 
ATOM   944  S SD  B MET A 1 124 ? 0.944   -0.437  -2.012  0.65 17.97 ? 124  MET A SD  1 
ATOM   945  C CE  A MET A 1 124 ? 1.560   -0.835  -0.088  0.35 11.13 ? 124  MET A CE  1 
ATOM   946  C CE  B MET A 1 124 ? 1.185   -1.515  -0.593  0.65 22.38 ? 124  MET A CE  1 
ATOM   947  N N   . ARG A 1 125 ? 6.097   -0.337  -2.570  1.00 9.68  ? 125  ARG A N   1 
ATOM   948  C CA  . ARG A 1 125 ? 7.199   0.009   -1.630  1.00 8.66  ? 125  ARG A CA  1 
ATOM   949  C C   . ARG A 1 125 ? 6.952   1.408   -1.102  1.00 9.29  ? 125  ARG A C   1 
ATOM   950  O O   . ARG A 1 125 ? 6.686   2.378   -1.867  1.00 11.47 ? 125  ARG A O   1 
ATOM   951  C CB  . ARG A 1 125 ? 8.572   -0.029  -2.310  1.00 8.70  ? 125  ARG A CB  1 
ATOM   952  C CG  . ARG A 1 125 ? 8.732   -1.311  -3.189  1.00 9.91  ? 125  ARG A CG  1 
ATOM   953  C CD  . ARG A 1 125 ? 10.151  -1.428  -3.737  1.00 15.53 ? 125  ARG A CD  1 
ATOM   954  N NE  . ARG A 1 125 ? 11.062  -1.914  -2.692  1.00 12.63 ? 125  ARG A NE  1 
ATOM   955  C CZ  . ARG A 1 125 ? 12.219  -1.340  -2.378  1.00 15.05 ? 125  ARG A CZ  1 
ATOM   956  N NH1 . ARG A 1 125 ? 12.645  -0.275  -3.072  1.00 13.28 ? 125  ARG A NH1 1 
ATOM   957  N NH2 . ARG A 1 125 ? 12.986  -1.874  -1.412  1.00 15.36 ? 125  ARG A NH2 1 
ATOM   958  N N   . GLY A 1 126 ? 6.986   1.526   0.228   1.00 9.28  ? 126  GLY A N   1 
ATOM   959  C CA  . GLY A 1 126 ? 6.733   2.832   0.866   1.00 8.07  ? 126  GLY A CA  1 
ATOM   960  C C   . GLY A 1 126 ? 7.954   3.470   1.552   1.00 10.17 ? 126  GLY A C   1 
ATOM   961  O O   . GLY A 1 126 ? 8.716   2.780   2.274   1.00 10.72 ? 126  GLY A O   1 
ATOM   962  N N   . TYR A 1 127 ? 8.128   4.771   1.318   1.00 8.58  ? 127  TYR A N   1 
ATOM   963  C CA  . TYR A 1 127 ? 9.227   5.558   1.910   1.00 9.27  ? 127  TYR A CA  1 
ATOM   964  C C   . TYR A 1 127 ? 8.639   6.355   3.052   1.00 7.62  ? 127  TYR A C   1 
ATOM   965  O O   . TYR A 1 127 ? 8.203   7.501   2.909   1.00 10.03 ? 127  TYR A O   1 
ATOM   966  C CB  . TYR A 1 127 ? 9.898   6.473   0.851   1.00 10.92 ? 127  TYR A CB  1 
ATOM   967  C CG  . TYR A 1 127 ? 10.609  5.664   -0.177  1.00 9.34  ? 127  TYR A CG  1 
ATOM   968  C CD1 . TYR A 1 127 ? 12.025  5.481   -0.108  1.00 8.59  ? 127  TYR A CD1 1 
ATOM   969  C CD2 . TYR A 1 127 ? 9.900   5.093   -1.290  1.00 8.54  ? 127  TYR A CD2 1 
ATOM   970  C CE1 . TYR A 1 127 ? 12.712  4.702   -1.073  1.00 8.56  ? 127  TYR A CE1 1 
ATOM   971  C CE2 . TYR A 1 127 ? 10.600  4.334   -2.268  1.00 10.79 ? 127  TYR A CE2 1 
ATOM   972  C CZ  . TYR A 1 127 ? 11.977  4.123   -2.158  1.00 11.90 ? 127  TYR A CZ  1 
ATOM   973  O OH  . TYR A 1 127 ? 12.611  3.365   -3.130  1.00 11.10 ? 127  TYR A OH  1 
ATOM   974  N N   . TRP A 1 128 ? 8.611   5.687   4.221   1.00 9.34  ? 128  TRP A N   1 
ATOM   975  C CA  . TRP A 1 128 ? 8.279   6.366   5.471   1.00 10.51 ? 128  TRP A CA  1 
ATOM   976  C C   . TRP A 1 128 ? 8.795   5.543   6.648   1.00 9.61  ? 128  TRP A C   1 
ATOM   977  O O   . TRP A 1 128 ? 9.263   4.415   6.491   1.00 9.70  ? 128  TRP A O   1 
ATOM   978  C CB  . TRP A 1 128 ? 6.765   6.607   5.616   1.00 10.91 ? 128  TRP A CB  1 
ATOM   979  C CG  . TRP A 1 128 ? 5.931   5.323   5.639   1.00 10.89 ? 128  TRP A CG  1 
ATOM   980  C CD1 . TRP A 1 128 ? 5.485   4.618   4.547   1.00 12.42 ? 128  TRP A CD1 1 
ATOM   981  C CD2 . TRP A 1 128 ? 5.432   4.624   6.801   1.00 12.97 ? 128  TRP A CD2 1 
ATOM   982  N NE1 . TRP A 1 128 ? 4.763   3.506   4.961   1.00 14.53 ? 128  TRP A NE1 1 
ATOM   983  C CE2 . TRP A 1 128 ? 4.702   3.501   6.334   1.00 14.71 ? 128  TRP A CE2 1 
ATOM   984  C CE3 . TRP A 1 128 ? 5.534   4.838   8.193   1.00 16.42 ? 128  TRP A CE3 1 
ATOM   985  C CZ2 . TRP A 1 128 ? 4.074   2.581   7.214   1.00 13.27 ? 128  TRP A CZ2 1 
ATOM   986  C CZ3 . TRP A 1 128 ? 4.900   3.937   9.055   1.00 13.62 ? 128  TRP A CZ3 1 
ATOM   987  C CH2 . TRP A 1 128 ? 4.183   2.829   8.565   1.00 14.16 ? 128  TRP A CH2 1 
ATOM   988  N N   . ASN A 1 129 ? 8.713   6.161   7.831   1.00 10.79 ? 129  ASN A N   1 
ATOM   989  C CA  . ASN A 1 129 ? 9.085   5.465   9.069   1.00 10.21 ? 129  ASN A CA  1 
ATOM   990  C C   . ASN A 1 129 ? 8.257   6.021   10.232  1.00 9.01  ? 129  ASN A C   1 
ATOM   991  O O   . ASN A 1 129 ? 7.543   7.041   10.094  1.00 11.11 ? 129  ASN A O   1 
ATOM   992  C CB  . ASN A 1 129 ? 10.604  5.539   9.281   1.00 10.66 ? 129  ASN A CB  1 
ATOM   993  C CG  . ASN A 1 129 ? 11.107  6.971   9.515   1.00 14.61 ? 129  ASN A CG  1 
ATOM   994  O OD1 . ASN A 1 129 ? 10.553  7.720   10.339  1.00 14.26 ? 129  ASN A OD1 1 
ATOM   995  N ND2 . ASN A 1 129 ? 12.132  7.358   8.777   1.00 13.08 ? 129  ASN A ND2 1 
ATOM   996  N N   . LEU A 1 130 ? 8.318   5.285   11.363  1.00 10.81 ? 130  LEU A N   1 
ATOM   997  C CA  . LEU A 1 130 ? 7.486   5.617   12.496  1.00 12.08 ? 130  LEU A CA  1 
ATOM   998  C C   . LEU A 1 130 ? 7.755   7.041   12.986  1.00 9.82  ? 130  LEU A C   1 
ATOM   999  O O   . LEU A 1 130 ? 6.819   7.730   13.458  1.00 13.29 ? 130  LEU A O   1 
ATOM   1000 C CB  . LEU A 1 130 ? 7.724   4.582   13.596  1.00 12.47 ? 130  LEU A CB  1 
ATOM   1001 C CG  . LEU A 1 130 ? 7.246   3.143   13.298  1.00 14.46 ? 130  LEU A CG  1 
ATOM   1002 C CD1 . LEU A 1 130 ? 7.941   2.113   14.252  1.00 19.87 ? 130  LEU A CD1 1 
ATOM   1003 C CD2 . LEU A 1 130 ? 5.740   3.111   13.458  1.00 14.75 ? 130  LEU A CD2 1 
ATOM   1004 N N   . ASP A 1 131 ? 9.009   7.481   12.865  1.00 11.61 ? 131  ASP A N   1 
ATOM   1005 C CA  . ASP A 1 131 ? 9.353   8.858   13.272  1.00 12.13 ? 131  ASP A CA  1 
ATOM   1006 C C   . ASP A 1 131 ? 8.631   9.965   12.446  1.00 12.91 ? 131  ASP A C   1 
ATOM   1007 O O   . ASP A 1 131 ? 8.551   11.114  12.886  1.00 16.85 ? 131  ASP A O   1 
ATOM   1008 C CB  . ASP A 1 131 ? 10.855  9.082   13.247  1.00 15.40 ? 131  ASP A CB  1 
ATOM   1009 C CG  . ASP A 1 131 ? 11.570  8.328   14.360  1.00 20.25 ? 131  ASP A CG  1 
ATOM   1010 O OD1 . ASP A 1 131 ? 11.075  8.353   15.499  1.00 24.57 ? 131  ASP A OD1 1 
ATOM   1011 O OD2 . ASP A 1 131 ? 12.636  7.764   14.110  1.00 28.12 ? 131  ASP A OD2 1 
ATOM   1012 N N   . MET A 1 132 ? 8.158   9.635   11.233  1.00 11.72 ? 132  MET A N   1 
ATOM   1013 C CA  . MET A 1 132 ? 7.412   10.580  10.408  1.00 15.23 ? 132  MET A CA  1 
ATOM   1014 C C   . MET A 1 132 ? 5.934   10.690  10.732  1.00 15.65 ? 132  MET A C   1 
ATOM   1015 O O   . MET A 1 132 ? 5.252   11.601  10.267  1.00 14.48 ? 132  MET A O   1 
ATOM   1016 C CB  . MET A 1 132 ? 7.600   10.211  8.927   1.00 13.15 ? 132  MET A CB  1 
ATOM   1017 C CG  . MET A 1 132 ? 9.070   10.260  8.544   1.00 13.91 ? 132  MET A CG  1 
ATOM   1018 S SD  . MET A 1 132 ? 9.528   9.437   6.986   1.00 14.76 ? 132  MET A SD  1 
ATOM   1019 C CE  . MET A 1 132 ? 8.463   10.220  5.797   1.00 17.52 ? 132  MET A CE  1 
ATOM   1020 N N   . MET A 1 133 ? 5.429   9.752   11.527  1.00 11.99 ? 133  MET A N   1 
ATOM   1021 C CA  . MET A 1 133 ? 4.006   9.759   11.847  1.00 12.74 ? 133  MET A CA  1 
ATOM   1022 C C   . MET A 1 133 ? 3.601   10.908  12.736  1.00 15.23 ? 133  MET A C   1 
ATOM   1023 O O   . MET A 1 133 ? 4.404   11.365  13.561  1.00 15.84 ? 133  MET A O   1 
ATOM   1024 C CB  . MET A 1 133 ? 3.598   8.449   12.482  1.00 13.63 ? 133  MET A CB  1 
ATOM   1025 C CG  . MET A 1 133 ? 4.001   7.219   11.687  1.00 20.64 ? 133  MET A CG  1 
ATOM   1026 S SD  A MET A 1 133 ? 2.712   6.018   11.854  0.40 26.03 ? 133  MET A SD  1 
ATOM   1027 S SD  B MET A 1 133 ? 3.320   5.713   12.486  0.60 18.50 ? 133  MET A SD  1 
ATOM   1028 C CE  A MET A 1 133 ? 2.518   6.110   13.600  0.40 2.00  ? 133  MET A CE  1 
ATOM   1029 C CE  B MET A 1 133 ? 3.850   5.955   14.186  0.60 15.65 ? 133  MET A CE  1 
ATOM   1030 N N   . THR A 1 134 ? 2.392   11.418  12.518  1.00 15.30 ? 134  THR A N   1 
ATOM   1031 C CA  . THR A 1 134 ? 1.787   12.415  13.403  1.00 17.65 ? 134  THR A CA  1 
ATOM   1032 C C   . THR A 1 134 ? 0.556   11.826  14.048  1.00 20.27 ? 134  THR A C   1 
ATOM   1033 O O   . THR A 1 134 ? -0.051  10.880  13.512  1.00 16.10 ? 134  THR A O   1 
ATOM   1034 C CB  . THR A 1 134 ? 1.453   13.723  12.674  1.00 19.47 ? 134  THR A CB  1 
ATOM   1035 O OG1 . THR A 1 134 ? 0.585   13.431  11.576  1.00 22.08 ? 134  THR A OG1 1 
ATOM   1036 C CG2 . THR A 1 134 ? 2.735   14.354  12.135  1.00 21.20 ? 134  THR A CG2 1 
ATOM   1037 N N   . PHE A 1 135 ? 0.193   12.340  15.228  1.00 15.70 ? 135  PHE A N   1 
ATOM   1038 C CA  . PHE A 1 135 ? -0.858  11.686  16.012  1.00 16.35 ? 135  PHE A CA  1 
ATOM   1039 C C   . PHE A 1 135 ? -2.105  12.514  16.328  1.00 22.85 ? 135  PHE A C   1 
ATOM   1040 O O   . PHE A 1 135 ? -2.039  13.722  16.338  1.00 25.92 ? 135  PHE A O   1 
ATOM   1041 C CB  . PHE A 1 135 ? -0.253  11.150  17.327  1.00 16.25 ? 135  PHE A CB  1 
ATOM   1042 C CG  . PHE A 1 135 ? 0.744   10.044  17.125  1.00 13.65 ? 135  PHE A CG  1 
ATOM   1043 C CD1 . PHE A 1 135 ? 0.338   8.708   17.068  1.00 15.55 ? 135  PHE A CD1 1 
ATOM   1044 C CD2 . PHE A 1 135 ? 2.086   10.339  16.992  1.00 11.46 ? 135  PHE A CD2 1 
ATOM   1045 C CE1 . PHE A 1 135 ? 1.290   7.675   16.888  1.00 17.20 ? 135  PHE A CE1 1 
ATOM   1046 C CE2 . PHE A 1 135 ? 3.046   9.338   16.783  1.00 15.26 ? 135  PHE A CE2 1 
ATOM   1047 C CZ  . PHE A 1 135 ? 2.652   7.999   16.750  1.00 15.27 ? 135  PHE A CZ  1 
ATOM   1048 N N   . GLY A 1 136 ? -3.217  11.828  16.636  1.00 25.73 ? 136  GLY A N   1 
ATOM   1049 C CA  . GLY A 1 136 ? -4.464  12.468  17.029  1.00 30.60 ? 136  GLY A CA  1 
ATOM   1050 C C   . GLY A 1 136 ? -5.334  11.733  18.049  1.00 28.48 ? 136  GLY A C   1 
ATOM   1051 O O   . GLY A 1 136 ? -5.093  10.556  18.392  1.00 24.77 ? 136  GLY A O   1 
ATOM   1052 N N   . ASN A 1 137 ? -6.364  12.465  18.484  1.00 30.80 ? 137  ASN A N   1 
ATOM   1053 C CA  . ASN A 1 137 ? -7.168  12.235  19.711  1.00 40.93 ? 137  ASN A CA  1 
ATOM   1054 C C   . ASN A 1 137 ? -6.513  12.742  21.014  1.00 33.13 ? 137  ASN A C   1 
ATOM   1055 O O   . ASN A 1 137 ? -5.543  12.146  21.490  1.00 29.10 ? 137  ASN A O   1 
ATOM   1056 C CB  . ASN A 1 137 ? -7.629  10.781  19.840  1.00 46.24 ? 137  ASN A CB  1 
ATOM   1057 C CG  . ASN A 1 137 ? -8.829  10.482  18.977  1.00 50.88 ? 137  ASN A CG  1 
ATOM   1058 O OD1 . ASN A 1 137 ? -8.920  10.953  17.837  1.00 54.12 ? 137  ASN A OD1 1 
ATOM   1059 N ND2 . ASN A 1 137 ? -9.767  9.705   19.514  1.00 62.86 ? 137  ASN A ND2 1 
HETATM 1060 N N1  . NCA B 2 .   ? -1.544  0.271   2.134   1.00 20.85 ? 1001 NCA A N1  1 
HETATM 1061 C C2  . NCA B 2 .   ? -2.161  -0.050  0.986   1.00 16.96 ? 1001 NCA A C2  1 
HETATM 1062 C C3  . NCA B 2 .   ? -1.917  0.737   -0.162  1.00 14.97 ? 1001 NCA A C3  1 
HETATM 1063 C C4  . NCA B 2 .   ? -1.085  1.848   -0.077  1.00 14.70 ? 1001 NCA A C4  1 
HETATM 1064 C C5  . NCA B 2 .   ? -0.488  2.160   1.145   1.00 18.43 ? 1001 NCA A C5  1 
HETATM 1065 C C6  . NCA B 2 .   ? -0.740  1.341   2.253   1.00 14.99 ? 1001 NCA A C6  1 
HETATM 1066 C C7  . NCA B 2 .   ? -2.583  0.369   -1.472  1.00 24.14 ? 1001 NCA A C7  1 
HETATM 1067 O O7  . NCA B 2 .   ? -3.293  -0.634  -1.514  1.00 22.91 ? 1001 NCA A O7  1 
HETATM 1068 N N7  . NCA B 2 .   ? -2.338  1.183   -2.518  1.00 12.81 ? 1001 NCA A N7  1 
HETATM 1069 O O   . HOH C 3 .   ? 9.547   2.599   10.927  1.00 11.65 ? 1002 HOH A O   1 
HETATM 1070 O O   . HOH C 3 .   ? 4.921   0.266   10.550  1.00 16.04 ? 1003 HOH A O   1 
HETATM 1071 O O   . HOH C 3 .   ? 2.372   1.469   11.689  1.00 39.49 ? 1004 HOH A O   1 
HETATM 1072 O O   . HOH C 3 .   ? 5.486   -4.324  4.557   1.00 14.07 ? 1005 HOH A O   1 
HETATM 1073 O O   . HOH C 3 .   ? 11.836  -3.874  3.080   1.00 16.31 ? 1006 HOH A O   1 
HETATM 1074 O O   . HOH C 3 .   ? 8.412   -4.752  -3.183  1.00 13.72 ? 1007 HOH A O   1 
HETATM 1075 O O   . HOH C 3 .   ? 4.172   5.572   -15.576 1.00 15.65 ? 1008 HOH A O   1 
HETATM 1076 O O   . HOH C 3 .   ? -3.316  -4.979  -10.569 1.00 23.02 ? 1009 HOH A O   1 
HETATM 1077 O O   . HOH C 3 .   ? -3.231  -2.816  -14.105 1.00 19.60 ? 1010 HOH A O   1 
HETATM 1078 O O   . HOH C 3 .   ? -0.853  -4.832  -18.728 1.00 29.43 ? 1011 HOH A O   1 
HETATM 1079 O O   . HOH C 3 .   ? 1.365   -5.457  -21.078 1.00 40.38 ? 1012 HOH A O   1 
HETATM 1080 O O   . HOH C 3 .   ? 1.481   -4.096  -17.411 1.00 27.35 ? 1013 HOH A O   1 
HETATM 1081 O O   . HOH C 3 .   ? 6.749   -4.962  -15.984 1.00 28.18 ? 1014 HOH A O   1 
HETATM 1082 O O   . HOH C 3 .   ? 8.168   -0.297  -6.874  1.00 16.28 ? 1015 HOH A O   1 
HETATM 1083 O O   . HOH C 3 .   ? 10.612  -1.715  -7.315  1.00 26.78 ? 1016 HOH A O   1 
HETATM 1084 O O   . HOH C 3 .   ? 11.035  1.849   -4.856  1.00 13.15 ? 1017 HOH A O   1 
HETATM 1085 O O   . HOH C 3 .   ? 15.197  2.984   -3.042  1.00 15.00 ? 1018 HOH A O   1 
HETATM 1086 O O   . HOH C 3 .   ? -7.729  4.242   -12.578 1.00 37.34 ? 1019 HOH A O   1 
HETATM 1087 O O   . HOH C 3 .   ? -7.240  9.609   -3.215  1.00 24.55 ? 1020 HOH A O   1 
HETATM 1088 O O   . HOH C 3 .   ? -8.714  7.305   -1.702  1.00 27.47 ? 1021 HOH A O   1 
HETATM 1089 O O   . HOH C 3 .   ? -5.882  9.077   4.161   0.50 10.59 ? 1022 HOH A O   1 
HETATM 1090 O O   . HOH C 3 .   ? -9.546  0.128   6.047   1.00 22.66 ? 1023 HOH A O   1 
HETATM 1091 O O   . HOH C 3 .   ? -10.311 -1.566  4.030   1.00 20.71 ? 1024 HOH A O   1 
HETATM 1092 O O   . HOH C 3 .   ? -11.586 -1.096  7.963   1.00 20.31 ? 1025 HOH A O   1 
HETATM 1093 O O   . HOH C 3 .   ? 2.359   -15.677 1.204   1.00 26.88 ? 1026 HOH A O   1 
HETATM 1094 O O   . HOH C 3 .   ? 6.161   -12.575 4.179   1.00 25.38 ? 1027 HOH A O   1 
HETATM 1095 O O   . HOH C 3 .   ? 1.534   -10.967 6.791   1.00 25.70 ? 1028 HOH A O   1 
HETATM 1096 O O   . HOH C 3 .   ? -8.082  -9.046  11.430  1.00 17.14 ? 1029 HOH A O   1 
HETATM 1097 O O   . HOH C 3 .   ? -9.778  -7.592  9.481   1.00 17.97 ? 1030 HOH A O   1 
HETATM 1098 O O   . HOH C 3 .   ? -9.998  -8.240  6.688   1.00 20.93 ? 1031 HOH A O   1 
HETATM 1099 O O   . HOH C 3 .   ? -0.730  -0.038  7.716   1.00 29.58 ? 1032 HOH A O   1 
HETATM 1100 O O   . HOH C 3 .   ? -1.094  -1.192  11.623  1.00 27.72 ? 1033 HOH A O   1 
HETATM 1101 O O   . HOH C 3 .   ? -4.373  -4.470  13.574  1.00 32.99 ? 1034 HOH A O   1 
HETATM 1102 O O   . HOH C 3 .   ? -3.407  11.500  13.234  1.00 30.67 ? 1035 HOH A O   1 
HETATM 1103 O O   . HOH C 3 .   ? 4.005   12.319  7.938   1.00 15.55 ? 1036 HOH A O   1 
HETATM 1104 O O   . HOH C 3 .   ? 13.652  0.502   10.779  1.00 19.30 ? 1037 HOH A O   1 
HETATM 1105 O O   . HOH C 3 .   ? 11.444  1.837   13.069  1.00 38.19 ? 1038 HOH A O   1 
HETATM 1106 O O   . HOH C 3 .   ? -5.229  -3.690  -12.016 1.00 27.12 ? 1039 HOH A O   1 
HETATM 1107 O O   . HOH C 3 .   ? -7.990  -3.020  -11.799 1.00 25.17 ? 1040 HOH A O   1 
HETATM 1108 O O   . HOH C 3 .   ? -9.875  -6.213  -8.103  1.00 22.60 ? 1041 HOH A O   1 
HETATM 1109 O O   . HOH C 3 .   ? -9.986  -12.550 0.245   1.00 21.28 ? 1042 HOH A O   1 
HETATM 1110 O O   . HOH C 3 .   ? -12.268 -14.273 0.517   1.00 27.31 ? 1043 HOH A O   1 
HETATM 1111 O O   . HOH C 3 .   ? -8.990  -12.370 -4.563  1.00 24.35 ? 1044 HOH A O   1 
HETATM 1112 O O   . HOH C 3 .   ? -5.895  -11.805 -10.002 1.00 31.25 ? 1045 HOH A O   1 
HETATM 1113 O O   . HOH C 3 .   ? 0.583   -13.849 -10.898 1.00 26.15 ? 1046 HOH A O   1 
HETATM 1114 O O   . HOH C 3 .   ? 4.842   -11.771 -11.788 1.00 29.24 ? 1047 HOH A O   1 
HETATM 1115 O O   . HOH C 3 .   ? 1.531   5.917   -15.553 1.00 20.73 ? 1048 HOH A O   1 
HETATM 1116 O O   . HOH C 3 .   ? -1.968  6.816   -17.180 1.00 24.69 ? 1049 HOH A O   1 
HETATM 1117 O O   . HOH C 3 .   ? -0.974  14.308  -9.379  1.00 26.25 ? 1050 HOH A O   1 
HETATM 1118 O O   . HOH C 3 .   ? -3.630  9.659   -9.556  1.00 26.95 ? 1051 HOH A O   1 
HETATM 1119 O O   . HOH C 3 .   ? -3.376  10.781  -11.911 1.00 35.23 ? 1052 HOH A O   1 
HETATM 1120 O O   . HOH C 3 .   ? -0.055  8.114   -15.574 1.00 24.76 ? 1053 HOH A O   1 
HETATM 1121 O O   . HOH C 3 .   ? 13.527  9.757   9.672   1.00 26.13 ? 1054 HOH A O   1 
HETATM 1122 O O   . HOH C 3 .   ? 9.605   -0.908  -15.717 1.00 28.00 ? 1055 HOH A O   1 
HETATM 1123 O O   . HOH C 3 .   ? 7.767   -9.342  -6.694  1.00 26.65 ? 1056 HOH A O   1 
HETATM 1124 O O   . HOH C 3 .   ? 10.389  -8.393  -6.075  1.00 25.15 ? 1057 HOH A O   1 
HETATM 1125 O O   . HOH C 3 .   ? -6.920  -13.203 -5.924  1.00 29.93 ? 1058 HOH A O   1 
HETATM 1126 O O   . HOH C 3 .   ? 1.225   -16.066 -3.806  1.00 30.19 ? 1059 HOH A O   1 
HETATM 1127 O O   . HOH C 3 .   ? 11.566  -2.799  -12.523 1.00 36.39 ? 1060 HOH A O   1 
HETATM 1128 O O   . HOH C 3 .   ? 3.049   -2.584  -20.281 1.00 36.45 ? 1061 HOH A O   1 
HETATM 1129 O O   . HOH C 3 .   ? 1.152   -0.525  -21.660 1.00 38.00 ? 1062 HOH A O   1 
HETATM 1130 O O   . HOH C 3 .   ? -4.741  -2.964  -16.187 1.00 29.33 ? 1063 HOH A O   1 
HETATM 1131 O O   . HOH C 3 .   ? -12.278 -7.188  -8.177  1.00 43.65 ? 1064 HOH A O   1 
HETATM 1132 O O   . HOH C 3 .   ? 9.879   -7.100  -9.362  1.00 38.33 ? 1065 HOH A O   1 
HETATM 1133 O O   . HOH C 3 .   ? 12.836  -3.649  -5.484  1.00 43.50 ? 1066 HOH A O   1 
HETATM 1134 O O   . HOH C 3 .   ? 12.328  -5.324  -3.207  1.00 34.63 ? 1067 HOH A O   1 
HETATM 1135 O O   . HOH C 3 .   ? 14.146  -5.356  -0.017  1.00 43.96 ? 1068 HOH A O   1 
HETATM 1136 O O   . HOH C 3 .   ? 12.729  -8.453  -0.062  1.00 40.76 ? 1069 HOH A O   1 
HETATM 1137 O O   . HOH C 3 .   ? 15.197  -3.196  3.768   1.00 28.70 ? 1070 HOH A O   1 
HETATM 1138 O O   . HOH C 3 .   ? 4.019   -6.281  13.585  1.00 26.74 ? 1071 HOH A O   1 
HETATM 1139 O O   . HOH C 3 .   ? 1.056   -8.961  8.266   1.00 29.23 ? 1072 HOH A O   1 
HETATM 1140 O O   . HOH C 3 .   ? 8.889   -3.326  -15.944 1.00 35.22 ? 1073 HOH A O   1 
HETATM 1141 O O   . HOH C 3 .   ? -1.857  16.014  1.225   1.00 37.18 ? 1074 HOH A O   1 
HETATM 1142 O O   . HOH C 3 .   ? -3.603  14.236  0.336   1.00 42.79 ? 1075 HOH A O   1 
HETATM 1143 O O   . HOH C 3 .   ? 3.954   19.321  -1.982  0.50 32.06 ? 1076 HOH A O   1 
HETATM 1144 O O   . HOH C 3 .   ? 2.448   17.171  -3.326  1.00 36.27 ? 1077 HOH A O   1 
HETATM 1145 O O   . HOH C 3 .   ? 4.866   15.251  5.437   1.00 41.04 ? 1078 HOH A O   1 
HETATM 1146 O O   . HOH C 3 .   ? 6.048   12.780  5.979   1.00 30.61 ? 1079 HOH A O   1 
HETATM 1147 O O   . HOH C 3 .   ? 1.696   13.436  8.855   1.00 30.58 ? 1080 HOH A O   1 
HETATM 1148 O O   . HOH C 3 .   ? 6.567   14.170  10.129  1.00 41.25 ? 1081 HOH A O   1 
HETATM 1149 O O   . HOH C 3 .   ? 3.243   15.218  -10.948 1.00 31.94 ? 1082 HOH A O   1 
HETATM 1150 O O   . HOH C 3 .   ? 1.991   14.108  -14.248 1.00 36.09 ? 1083 HOH A O   1 
HETATM 1151 O O   . HOH C 3 .   ? -4.982  12.746  -6.307  1.00 47.94 ? 1084 HOH A O   1 
HETATM 1152 O O   . HOH C 3 .   ? -13.826 2.677   -3.046  1.00 32.79 ? 1085 HOH A O   1 
HETATM 1153 O O   . HOH C 3 .   ? 2.659   3.990   19.575  1.00 45.08 ? 1086 HOH A O   1 
HETATM 1154 O O   . HOH C 3 .   ? -2.208  3.571   13.758  1.00 44.45 ? 1087 HOH A O   1 
HETATM 1155 O O   . HOH C 3 .   ? -4.979  -1.124  15.065  1.00 50.29 ? 1088 HOH A O   1 
HETATM 1156 O O   . HOH C 3 .   ? -4.040  -1.215  17.907  1.00 42.76 ? 1089 HOH A O   1 
HETATM 1157 O O   . HOH C 3 .   ? -9.395  -7.303  -10.328 1.00 31.54 ? 1090 HOH A O   1 
HETATM 1158 O O   . HOH C 3 .   ? -7.076  -7.797  -11.244 1.00 31.22 ? 1091 HOH A O   1 
HETATM 1159 O O   . HOH C 3 .   ? -6.451  -15.661 2.010   1.00 46.76 ? 1092 HOH A O   1 
HETATM 1160 O O   . HOH C 3 .   ? -4.467  -14.761 4.021   1.00 30.13 ? 1093 HOH A O   1 
HETATM 1161 O O   . HOH C 3 .   ? -11.047 -16.601 1.098   1.00 33.42 ? 1094 HOH A O   1 
HETATM 1162 O O   . HOH C 3 .   ? -0.131  1.902   -21.409 1.00 40.56 ? 1095 HOH A O   1 
HETATM 1163 O O   . HOH C 3 .   ? 4.456   6.161   -18.513 1.00 31.34 ? 1096 HOH A O   1 
HETATM 1164 O O   . HOH C 3 .   ? 11.574  5.372   12.798  1.00 29.81 ? 1097 HOH A O   1 
HETATM 1165 O O   . HOH C 3 .   ? 13.882  7.053   11.922  1.00 33.53 ? 1098 HOH A O   1 
HETATM 1166 O O   . HOH C 3 .   ? -13.831 -2.842  -4.628  1.00 38.80 ? 1099 HOH A O   1 
HETATM 1167 O O   . HOH C 3 .   ? -17.393 -2.792  -1.131  1.00 30.61 ? 1100 HOH A O   1 
HETATM 1168 O O   . HOH C 3 .   ? -12.625 5.334   -3.158  1.00 39.07 ? 1101 HOH A O   1 
HETATM 1169 O O   . HOH C 3 .   ? -12.721 3.680   5.214   1.00 42.01 ? 1102 HOH A O   1 
HETATM 1170 O O   . HOH C 3 .   ? -9.092  9.546   6.715   1.00 43.41 ? 1103 HOH A O   1 
HETATM 1171 O O   . HOH C 3 .   ? -10.896 -12.845 -6.436  1.00 45.93 ? 1104 HOH A O   1 
HETATM 1172 O O   . HOH C 3 .   ? -0.992  10.016  -14.001 1.00 31.93 ? 1105 HOH A O   1 
HETATM 1173 O O   . HOH C 3 .   ? 2.164   6.266   -18.930 1.00 48.11 ? 1106 HOH A O   1 
HETATM 1174 O O   . HOH C 3 .   ? 15.758  -1.745  8.280   1.00 32.07 ? 1107 HOH A O   1 
HETATM 1175 O O   . HOH C 3 .   ? 5.735   3.405   -23.783 1.00 56.77 ? 1108 HOH A O   1 
HETATM 1176 O O   . HOH C 3 .   ? 5.700   7.996   -20.589 1.00 41.33 ? 1109 HOH A O   1 
HETATM 1177 O O   . HOH C 3 .   ? 0.684   3.866   -20.809 1.00 35.27 ? 1110 HOH A O   1 
HETATM 1178 O O   . HOH C 3 .   ? -3.210  17.406  -3.739  1.00 47.67 ? 1111 HOH A O   1 
HETATM 1179 O O   . HOH C 3 .   ? -10.558 -3.250  -8.665  1.00 45.01 ? 1112 HOH A O   1 
HETATM 1180 O O   . HOH C 3 .   ? 2.530   -7.715  11.582  1.00 40.11 ? 1113 HOH A O   1 
HETATM 1181 O O   . HOH C 3 .   ? -8.890  -13.783 -2.271  1.00 35.85 ? 1114 HOH A O   1 
HETATM 1182 O O   . HOH C 3 .   ? -16.065 -14.217 -5.049  1.00 65.83 ? 1115 HOH A O   1 
HETATM 1183 O O   . HOH C 3 .   ? 0.967   -17.310 -0.783  1.00 42.43 ? 1116 HOH A O   1 
HETATM 1184 O O   . HOH C 3 .   ? 5.672   -15.255 2.855   1.00 44.90 ? 1117 HOH A O   1 
HETATM 1185 O O   . HOH C 3 .   ? 0.274   -4.138  14.602  1.00 41.38 ? 1118 HOH A O   1 
HETATM 1186 O O   . HOH C 3 .   ? -11.680 3.123   7.337   1.00 48.00 ? 1119 HOH A O   1 
HETATM 1187 O O   . HOH C 3 .   ? -8.968  5.972   9.980   1.00 34.08 ? 1120 HOH A O   1 
HETATM 1188 O O   . HOH C 3 .   ? -3.748  16.453  18.577  1.00 38.07 ? 1121 HOH A O   1 
HETATM 1189 O O   . HOH C 3 .   ? -7.092  13.076  14.369  1.00 60.94 ? 1122 HOH A O   1 
HETATM 1190 O O   . HOH C 3 .   ? -11.597 -3.977  4.790   1.00 34.52 ? 1123 HOH A O   1 
HETATM 1191 O O   . HOH C 3 .   ? -5.823  10.357  -7.990  1.00 41.50 ? 1124 HOH A O   1 
HETATM 1192 O O   . HOH C 3 .   ? -8.662  3.199   -17.054 1.00 43.55 ? 1125 HOH A O   1 
HETATM 1193 O O   . HOH C 3 .   ? 16.089  -5.168  14.709  1.00 45.54 ? 1126 HOH A O   1 
HETATM 1194 O O   . HOH C 3 .   ? -1.611  17.014  -7.314  1.00 47.41 ? 1127 HOH A O   1 
HETATM 1195 O O   . HOH C 3 .   ? -11.791 11.501  18.093  1.00 52.49 ? 1128 HOH A O   1 
HETATM 1196 O O   . HOH C 3 .   ? 0.458   -12.220 -13.251 1.00 32.89 ? 1129 HOH A O   1 
HETATM 1197 O O   . HOH C 3 .   ? -3.019  -12.385 -14.593 1.00 37.41 ? 1130 HOH A O   1 
HETATM 1198 O O   . HOH C 3 .   ? 6.246   9.850   14.985  1.00 22.60 ? 1131 HOH A O   1 
HETATM 1199 O O   . HOH C 3 .   ? 5.183   13.430  15.236  1.00 37.41 ? 1132 HOH A O   1 
HETATM 1200 O O   . HOH C 3 .   ? 1.830   -13.137 -15.122 1.00 39.35 ? 1133 HOH A O   1 
HETATM 1201 O O   . HOH C 3 .   ? 0.545   -14.152 -17.413 1.00 47.60 ? 1134 HOH A O   1 
HETATM 1202 O O   . HOH C 3 .   ? 10.859  12.689  11.208  1.00 51.55 ? 1135 HOH A O   1 
HETATM 1203 O O   . HOH C 3 .   ? 4.776   15.942  14.744  1.00 50.37 ? 1136 HOH A O   1 
HETATM 1204 O O   . HOH C 3 .   ? 4.551   -12.037 6.485   1.00 34.88 ? 1137 HOH A O   1 
HETATM 1205 O O   . HOH C 3 .   ? 5.124   5.593   -20.895 1.00 45.35 ? 1138 HOH A O   1 
HETATM 1206 O O   . HOH C 3 .   ? 6.242   -9.232  -16.643 1.00 36.45 ? 1139 HOH A O   1 
HETATM 1207 O O   . HOH C 3 .   ? 2.544   -10.695 -16.747 1.00 31.74 ? 1140 HOH A O   1 
HETATM 1208 O O   . HOH C 3 .   ? -8.169  -13.120 -9.037  1.00 45.13 ? 1141 HOH A O   1 
HETATM 1209 O O   . HOH C 3 .   ? -7.459  9.525   -5.954  1.00 40.32 ? 1142 HOH A O   1 
HETATM 1210 O O   . HOH C 3 .   ? 0.320   1.358   5.864   1.00 25.95 ? 1143 HOH A O   1 
HETATM 1211 O O   . HOH C 3 .   ? 8.274   -8.401  7.245   1.00 19.87 ? 1144 HOH A O   1 
HETATM 1212 O O   . HOH C 3 .   ? -3.648  8.804   -17.572 1.00 45.94 ? 1145 HOH A O   1 
HETATM 1213 O O   . HOH C 3 .   ? -8.195  4.421   -0.539  1.00 33.26 ? 1146 HOH A O   1 
HETATM 1214 O O   . HOH C 3 .   ? -10.460 3.186   3.650   1.00 33.25 ? 1147 HOH A O   1 
HETATM 1215 O O   . HOH C 3 .   ? -9.919  5.667   -3.377  1.00 40.02 ? 1148 HOH A O   1 
HETATM 1216 O O   . HOH C 3 .   ? -6.132  9.903   -13.085 1.00 44.33 ? 1149 HOH A O   1 
HETATM 1217 O O   . HOH C 3 .   ? 8.000   -10.353 -12.717 1.00 36.66 ? 1150 HOH A O   1 
HETATM 1218 O O   . HOH C 3 .   ? -8.948  5.397   -6.530  1.00 38.27 ? 1151 HOH A O   1 
HETATM 1219 O O   . HOH C 3 .   ? -10.190 9.035   -5.797  1.00 58.09 ? 1152 HOH A O   1 
HETATM 1220 O O   . HOH C 3 .   ? -3.602  -12.771 -8.871  1.00 46.75 ? 1153 HOH A O   1 
HETATM 1221 O O   . HOH C 3 .   ? 9.356   -11.664 4.229   1.00 41.90 ? 1154 HOH A O   1 
HETATM 1222 O O   . HOH C 3 .   ? -12.394 -10.184 -7.034  1.00 42.65 ? 1155 HOH A O   1 
HETATM 1223 O O   . HOH C 3 .   ? -5.546  -9.117  12.454  1.00 40.71 ? 1156 HOH A O   1 
HETATM 1224 O O   . HOH C 3 .   ? -8.438  1.330   17.302  1.00 43.43 ? 1157 HOH A O   1 
HETATM 1225 O O   . HOH C 3 .   ? -0.127  0.908   10.287  1.00 30.35 ? 1158 HOH A O   1 
HETATM 1226 O O   . HOH C 3 .   ? 6.630   -10.474 7.881   1.00 44.83 ? 1159 HOH A O   1 
HETATM 1227 O O   . HOH C 3 .   ? -8.597  1.847   -11.628 1.00 30.65 ? 1160 HOH A O   1 
HETATM 1228 O O   . HOH C 3 .   ? -6.118  15.191  18.277  1.00 35.79 ? 1161 HOH A O   1 
HETATM 1229 O O   . HOH C 3 .   ? -0.016  15.354  5.440   1.00 53.63 ? 1162 HOH A O   1 
HETATM 1230 O O   . HOH C 3 .   ? -10.862 5.249   -12.895 1.00 52.50 ? 1163 HOH A O   1 
HETATM 1231 O O   . HOH C 3 .   ? -8.220  7.696   -7.303  1.00 43.55 ? 1164 HOH A O   1 
HETATM 1232 O O   . HOH C 3 .   ? -0.539  -9.599  10.342  1.00 47.31 ? 1165 HOH A O   1 
HETATM 1233 O O   . HOH C 3 .   ? 0.830   -9.519  12.772  1.00 44.41 ? 1166 HOH A O   1 
HETATM 1234 O O   . HOH C 3 .   ? 1.047   -13.421 8.311   1.00 36.85 ? 1167 HOH A O   1 
HETATM 1235 O O   . HOH C 3 .   ? 2.829   -17.145 3.579   1.00 51.74 ? 1168 HOH A O   1 
HETATM 1236 O O   . HOH C 3 .   ? -1.955  0.033   13.786  1.00 44.49 ? 1169 HOH A O   1 
HETATM 1237 O O   . HOH C 3 .   ? -0.169  -1.065  16.096  1.00 52.96 ? 1170 HOH A O   1 
HETATM 1238 O O   . HOH C 3 .   ? -5.662  13.467  4.045   1.00 53.99 ? 1171 HOH A O   1 
HETATM 1239 O O   . HOH C 3 .   ? -3.114  12.743  -8.172  1.00 46.20 ? 1172 HOH A O   1 
HETATM 1240 O O   . HOH C 3 .   ? 0.088   12.843  -12.839 1.00 39.79 ? 1173 HOH A O   1 
HETATM 1241 O O   . HOH C 3 .   ? -10.613 1.449   -9.745  1.00 41.86 ? 1174 HOH A O   1 
HETATM 1242 O O   . HOH C 3 .   ? 8.664   -13.066 -4.222  1.00 56.27 ? 1175 HOH A O   1 
HETATM 1243 O O   . HOH C 3 .   ? 10.004  -13.089 -7.250  1.00 56.01 ? 1176 HOH A O   1 
HETATM 1244 O O   . HOH C 3 .   ? 11.757  -8.087  -3.944  1.00 42.75 ? 1177 HOH A O   1 
HETATM 1245 O O   . HOH C 3 .   ? 16.646  -2.471  5.989   1.00 43.31 ? 1178 HOH A O   1 
HETATM 1246 O O   . HOH C 3 .   ? -9.643  7.544   21.547  1.00 49.19 ? 1179 HOH A O   1 
HETATM 1247 O O   . HOH C 3 .   ? 8.763   -9.530  -9.718  1.00 44.46 ? 1180 HOH A O   1 
HETATM 1248 O O   . HOH C 3 .   ? -11.678 -0.365  -8.312  1.00 51.18 ? 1181 HOH A O   1 
HETATM 1249 O O   . HOH C 3 .   ? -2.164  14.228  12.550  1.00 41.77 ? 1182 HOH A O   1 
HETATM 1250 O O   . HOH C 3 .   ? -9.865  8.774   -9.160  1.00 60.58 ? 1183 HOH A O   1 
HETATM 1251 O O   . HOH C 3 .   ? -2.597  14.256  19.557  1.00 52.60 ? 1184 HOH A O   1 
HETATM 1252 O O   . HOH C 3 .   ? 5.485   -15.398 -3.522  1.00 40.78 ? 1185 HOH A O   1 
HETATM 1253 O O   . HOH C 3 .   ? -0.859  -17.271 -4.973  1.00 46.63 ? 1186 HOH A O   1 
HETATM 1254 O O   . HOH C 3 .   ? -0.021  13.457  7.000   1.00 45.46 ? 1187 HOH A O   1 
HETATM 1255 O O   . HOH C 3 .   ? 4.838   -11.408 -16.517 1.00 59.39 ? 1188 HOH A O   1 
HETATM 1256 O O   . HOH C 3 .   ? -15.331 -8.506  -3.839  1.00 54.16 ? 1189 HOH A O   1 
HETATM 1257 O O   . HOH C 3 .   ? -0.958  5.464   9.690   1.00 33.73 ? 1190 HOH A O   1 
HETATM 1258 O O   . HOH C 3 .   ? 0.321   3.358   9.023   1.00 39.03 ? 1191 HOH A O   1 
# 
